data_4XBZ
#
_entry.id   4XBZ
#
_cell.length_a   91.615
_cell.length_b   109.432
_cell.length_c   146.050
_cell.angle_alpha   90.000
_cell.angle_beta   108.270
_cell.angle_gamma   90.000
#
_symmetry.space_group_name_H-M   'P 1 21 1'
#
loop_
_entity.id
_entity.type
_entity.pdbx_description
1 polymer EvdO1
2 non-polymer 'NICKEL (II) ION'
3 non-polymer GLYCEROL
4 water water
#
_entity_poly.entity_id   1
_entity_poly.type   'polypeptide(L)'
_entity_poly.pdbx_seq_one_letter_code
;MGSSHHHHHHSSGLVPRGSHMMSSVGDLRVVNRIAECDIRRTGLLPEHVTAFRRQGVLVVRGLLTPQELADVQEAGRALI
DRAWSTRSMEDTVWTLEPDQPGAAPVRIEYVVDKARPIAMLAGHPLLLRIMEQLVGPNLIPTWDSMVFKTPAGAPRLAWH
RDAGLYDNAVGVTGAGRVIDAGIYLDPAPEDNCVWCIPESNYWGDDRLTATADQLNASEWDTTGAVPAVMQPGDLLLHNI
LTLHGAPAVVGKQRRVIYFEYRPAEVEWQLGPHSAEYIGLKQQVLRSCIQMRANEPQFGDEEPFDYQPAESLRHWVDRPE
IDTLRFAHEEYWRW
;
_entity_poly.pdbx_strand_id   A,B,C,D,E,F,G,H
#
# COMPACT_ATOMS: atom_id res chain seq x y z
N HIS A 10 -8.68 6.78 56.02
CA HIS A 10 -8.99 6.47 54.64
C HIS A 10 -7.83 6.84 53.72
N SER A 11 -7.34 5.86 52.97
CA SER A 11 -6.19 6.08 52.09
C SER A 11 -6.60 6.80 50.82
N SER A 12 -5.79 7.80 50.46
CA SER A 12 -6.08 8.66 49.32
C SER A 12 -5.92 7.92 48.00
N GLY A 13 -5.11 6.86 48.01
CA GLY A 13 -4.88 6.03 46.83
C GLY A 13 -4.32 6.77 45.63
N LEU A 14 -3.50 7.79 45.86
CA LEU A 14 -2.93 8.57 44.77
C LEU A 14 -1.99 7.78 43.87
N VAL A 15 -2.17 7.90 42.56
CA VAL A 15 -1.25 7.35 41.57
C VAL A 15 0.02 8.21 41.51
N PRO A 16 1.21 7.59 41.61
CA PRO A 16 2.49 8.31 41.59
C PRO A 16 2.64 9.19 40.36
N ARG A 17 3.29 10.34 40.53
CA ARG A 17 3.60 11.25 39.45
C ARG A 17 4.23 10.51 38.26
N GLY A 18 3.65 10.70 37.08
CA GLY A 18 4.16 10.05 35.89
C GLY A 18 3.50 8.72 35.61
N SER A 19 2.74 8.18 36.57
CA SER A 19 2.07 6.91 36.31
C SER A 19 0.59 7.09 35.97
N HIS A 20 -0.12 5.97 35.87
CA HIS A 20 -1.51 5.93 35.44
C HIS A 20 -2.18 4.71 36.09
N MET A 21 -3.50 4.75 36.22
CA MET A 21 -4.23 3.70 36.93
C MET A 21 -4.16 2.37 36.18
N ILE A 34 35.84 -19.29 -25.19
CA ILE A 34 35.37 -20.48 -24.47
C ILE A 34 33.92 -20.33 -24.05
N ALA A 35 33.08 -21.28 -24.45
CA ALA A 35 31.67 -21.24 -24.07
C ALA A 35 31.54 -21.42 -22.55
N GLU A 36 30.47 -20.85 -22.00
CA GLU A 36 30.25 -20.90 -20.57
C GLU A 36 28.88 -21.50 -20.25
N CYS A 37 28.87 -22.36 -19.25
CA CYS A 37 27.64 -23.00 -18.81
C CYS A 37 27.33 -22.61 -17.38
N ASP A 38 26.28 -21.81 -17.19
CA ASP A 38 25.82 -21.49 -15.85
C ASP A 38 24.96 -22.65 -15.37
N ILE A 39 25.64 -23.67 -14.83
CA ILE A 39 25.01 -24.96 -14.62
C ILE A 39 23.81 -24.92 -13.70
N ARG A 40 23.83 -24.03 -12.72
CA ARG A 40 22.72 -23.98 -11.77
C ARG A 40 21.61 -23.11 -12.29
N ARG A 41 21.90 -22.32 -13.31
CA ARG A 41 20.91 -21.46 -13.93
C ARG A 41 20.16 -22.18 -15.05
N THR A 42 20.90 -22.71 -16.02
CA THR A 42 20.31 -23.26 -17.24
C THR A 42 20.27 -24.79 -17.27
N GLY A 43 21.23 -25.40 -16.57
CA GLY A 43 21.49 -26.83 -16.74
C GLY A 43 22.48 -26.96 -17.89
N LEU A 44 22.89 -28.17 -18.21
CA LEU A 44 23.81 -28.36 -19.32
C LEU A 44 23.04 -28.51 -20.63
N LEU A 45 23.23 -27.54 -21.52
CA LEU A 45 22.46 -27.45 -22.77
C LEU A 45 23.15 -28.13 -23.94
N PRO A 46 22.37 -28.52 -24.96
CA PRO A 46 22.91 -29.04 -26.22
C PRO A 46 24.03 -28.18 -26.81
N GLU A 47 23.90 -26.86 -26.81
CA GLU A 47 24.98 -26.00 -27.33
C GLU A 47 26.27 -26.16 -26.52
N HIS A 48 26.15 -26.35 -25.21
CA HIS A 48 27.31 -26.55 -24.35
C HIS A 48 28.08 -27.83 -24.73
N VAL A 49 27.34 -28.92 -24.89
CA VAL A 49 27.95 -30.19 -25.28
C VAL A 49 28.66 -30.01 -26.62
N THR A 50 27.98 -29.35 -27.56
CA THR A 50 28.53 -29.09 -28.89
C THR A 50 29.85 -28.33 -28.77
N ALA A 51 29.80 -27.22 -28.02
CA ALA A 51 30.96 -26.38 -27.91
C ALA A 51 32.09 -27.20 -27.29
N PHE A 52 31.80 -27.97 -26.25
CA PHE A 52 32.87 -28.81 -25.68
C PHE A 52 33.41 -29.81 -26.70
N ARG A 53 32.52 -30.47 -27.44
CA ARG A 53 32.97 -31.47 -28.41
C ARG A 53 33.85 -30.83 -29.49
N ARG A 54 33.48 -29.63 -29.90
CA ARG A 54 34.18 -29.01 -31.02
C ARG A 54 35.45 -28.29 -30.57
N GLN A 55 35.35 -27.51 -29.50
CA GLN A 55 36.48 -26.67 -29.13
C GLN A 55 37.43 -27.39 -28.19
N GLY A 56 36.97 -28.48 -27.58
CA GLY A 56 37.81 -29.23 -26.66
C GLY A 56 37.92 -28.59 -25.28
N VAL A 57 36.99 -27.69 -24.97
CA VAL A 57 37.06 -26.94 -23.73
C VAL A 57 35.67 -26.35 -23.38
N LEU A 58 35.37 -26.26 -22.09
CA LEU A 58 34.10 -25.71 -21.60
C LEU A 58 34.22 -25.17 -20.17
N VAL A 59 33.83 -23.91 -19.97
CA VAL A 59 33.75 -23.32 -18.64
C VAL A 59 32.38 -23.54 -18.02
N VAL A 60 32.38 -24.05 -16.79
CA VAL A 60 31.16 -24.21 -16.02
C VAL A 60 31.18 -23.27 -14.80
N ARG A 61 30.35 -22.24 -14.81
CA ARG A 61 30.30 -21.25 -13.71
C ARG A 61 29.46 -21.74 -12.54
N GLY A 62 29.89 -21.41 -11.33
CA GLY A 62 29.12 -21.71 -10.13
C GLY A 62 28.80 -23.17 -9.83
N LEU A 63 29.77 -24.06 -10.05
CA LEU A 63 29.58 -25.48 -9.74
C LEU A 63 29.30 -25.68 -8.25
N LEU A 64 30.06 -25.00 -7.40
CA LEU A 64 29.98 -25.22 -5.97
C LEU A 64 29.16 -24.15 -5.25
N THR A 65 28.42 -24.57 -4.23
CA THR A 65 27.90 -23.60 -3.25
C THR A 65 29.07 -22.92 -2.55
N PRO A 66 28.82 -21.71 -1.99
CA PRO A 66 29.84 -21.03 -1.17
C PRO A 66 30.39 -21.88 -0.03
N GLN A 67 29.52 -22.59 0.69
CA GLN A 67 29.94 -23.43 1.82
C GLN A 67 30.86 -24.57 1.39
N GLU A 68 30.53 -25.26 0.30
CA GLU A 68 31.38 -26.35 -0.18
C GLU A 68 32.72 -25.80 -0.66
N LEU A 69 32.70 -24.64 -1.31
CA LEU A 69 33.94 -24.02 -1.78
C LEU A 69 34.89 -23.81 -0.60
N ALA A 70 34.35 -23.26 0.48
CA ALA A 70 35.15 -23.04 1.69
C ALA A 70 35.65 -24.37 2.26
N ASP A 71 34.78 -25.38 2.36
CA ASP A 71 35.22 -26.66 2.91
C ASP A 71 36.39 -27.21 2.08
N VAL A 72 36.31 -27.02 0.77
CA VAL A 72 37.30 -27.57 -0.14
C VAL A 72 38.58 -26.73 -0.14
N GLN A 73 38.41 -25.42 -0.03
CA GLN A 73 39.55 -24.51 0.12
C GLN A 73 40.39 -24.85 1.35
N GLU A 74 39.73 -25.20 2.45
CA GLU A 74 40.42 -25.46 3.71
C GLU A 74 41.08 -26.82 3.69
N ALA A 75 40.47 -27.76 2.98
CA ALA A 75 41.09 -29.07 2.79
C ALA A 75 42.33 -28.94 1.91
N GLY A 76 42.28 -28.04 0.93
CA GLY A 76 43.42 -27.74 0.11
C GLY A 76 44.57 -27.15 0.90
N ARG A 77 44.27 -26.18 1.75
CA ARG A 77 45.30 -25.56 2.57
C ARG A 77 45.96 -26.62 3.47
N ALA A 78 45.11 -27.44 4.09
CA ALA A 78 45.58 -28.51 4.95
C ALA A 78 46.55 -29.44 4.23
N LEU A 79 46.27 -29.76 2.97
CA LEU A 79 47.13 -30.69 2.24
C LEU A 79 48.45 -30.05 1.89
N ILE A 80 48.40 -28.78 1.53
CA ILE A 80 49.61 -28.07 1.16
C ILE A 80 50.48 -27.95 2.41
N ASP A 81 49.86 -27.63 3.54
CA ASP A 81 50.59 -27.47 4.80
C ASP A 81 51.30 -28.79 5.16
N ARG A 82 50.62 -29.91 4.90
CA ARG A 82 51.19 -31.23 5.16
C ARG A 82 52.42 -31.49 4.30
N ALA A 83 52.35 -31.12 3.03
CA ALA A 83 53.45 -31.39 2.11
C ALA A 83 54.72 -30.66 2.55
N TRP A 84 54.56 -29.42 3.00
CA TRP A 84 55.67 -28.64 3.52
C TRP A 84 56.24 -29.19 4.81
N SER A 85 55.37 -29.56 5.73
CA SER A 85 55.80 -30.10 7.02
C SER A 85 56.68 -31.34 6.88
N THR A 86 56.38 -32.18 5.90
CA THR A 86 57.00 -33.49 5.82
C THR A 86 58.16 -33.57 4.85
N ARG A 87 58.10 -32.76 3.80
CA ARG A 87 59.02 -32.90 2.68
C ARG A 87 59.10 -34.35 2.25
N SER A 88 57.94 -34.97 2.19
CA SER A 88 57.81 -36.31 1.64
C SER A 88 57.72 -36.20 0.14
N MET A 89 58.30 -37.17 -0.55
CA MET A 89 58.15 -37.24 -2.00
C MET A 89 57.04 -38.22 -2.34
N GLU A 90 56.42 -38.76 -1.30
CA GLU A 90 55.34 -39.72 -1.45
C GLU A 90 54.09 -38.99 -1.94
N ASP A 91 53.59 -39.38 -3.11
CA ASP A 91 52.38 -38.80 -3.69
C ASP A 91 52.51 -37.28 -3.91
N THR A 92 53.73 -36.79 -4.04
CA THR A 92 53.94 -35.35 -4.13
C THR A 92 55.03 -34.99 -5.12
N VAL A 93 54.67 -34.16 -6.10
CA VAL A 93 55.63 -33.65 -7.08
C VAL A 93 56.32 -32.42 -6.53
N TRP A 94 57.65 -32.42 -6.54
CA TRP A 94 58.47 -31.34 -5.99
C TRP A 94 59.32 -30.70 -7.08
N THR A 95 59.51 -29.38 -6.99
CA THR A 95 60.31 -28.65 -7.98
C THR A 95 61.74 -29.17 -8.01
N LEU A 96 62.29 -29.40 -6.83
CA LEU A 96 63.59 -30.04 -6.67
C LEU A 96 63.45 -31.06 -5.56
N GLU A 97 64.48 -31.87 -5.33
CA GLU A 97 64.49 -32.74 -4.17
C GLU A 97 64.28 -31.87 -2.92
N PRO A 98 63.37 -32.30 -2.02
CA PRO A 98 62.90 -31.51 -0.87
C PRO A 98 64.00 -30.98 0.05
N ASP A 99 65.16 -31.66 0.08
CA ASP A 99 66.29 -31.21 0.89
C ASP A 99 67.03 -30.02 0.28
N GLN A 100 66.61 -29.60 -0.92
CA GLN A 100 67.28 -28.51 -1.64
C GLN A 100 66.67 -27.14 -1.34
N PRO A 101 67.51 -26.11 -1.31
CA PRO A 101 67.00 -24.76 -1.06
C PRO A 101 66.05 -24.31 -2.16
N GLY A 102 64.90 -23.77 -1.78
CA GLY A 102 63.94 -23.28 -2.76
C GLY A 102 63.06 -24.36 -3.38
N ALA A 103 63.40 -25.63 -3.15
CA ALA A 103 62.53 -26.74 -3.58
C ALA A 103 61.12 -26.54 -3.03
N ALA A 104 60.11 -26.76 -3.86
CA ALA A 104 58.73 -26.62 -3.40
C ALA A 104 57.85 -27.73 -3.98
N PRO A 105 56.73 -28.04 -3.31
CA PRO A 105 55.76 -28.99 -3.86
C PRO A 105 54.80 -28.29 -4.82
N VAL A 106 54.39 -28.95 -5.90
CA VAL A 106 53.51 -28.34 -6.88
C VAL A 106 52.27 -29.19 -7.16
N ARG A 107 52.29 -30.44 -6.71
CA ARG A 107 51.15 -31.32 -6.92
C ARG A 107 51.10 -32.43 -5.89
N ILE A 108 49.89 -32.65 -5.36
CA ILE A 108 49.63 -33.76 -4.45
C ILE A 108 48.66 -34.77 -5.11
N GLU A 109 49.04 -36.04 -5.16
CA GLU A 109 48.18 -37.08 -5.75
C GLU A 109 47.30 -37.78 -4.73
N TYR A 110 46.15 -38.24 -5.22
CA TYR A 110 45.18 -39.03 -4.44
C TYR A 110 44.64 -38.19 -3.29
N VAL A 111 44.25 -36.97 -3.63
CA VAL A 111 43.70 -36.02 -2.66
C VAL A 111 42.31 -36.44 -2.25
N VAL A 112 41.67 -37.30 -3.05
CA VAL A 112 40.35 -37.82 -2.71
C VAL A 112 40.46 -38.81 -1.54
N ASP A 113 41.55 -39.56 -1.49
CA ASP A 113 41.83 -40.44 -0.37
C ASP A 113 42.27 -39.64 0.86
N LYS A 114 42.91 -38.50 0.64
CA LYS A 114 43.60 -37.81 1.73
C LYS A 114 42.68 -36.87 2.51
N ALA A 115 41.58 -36.47 1.91
CA ALA A 115 40.76 -35.44 2.52
C ALA A 115 39.28 -35.66 2.24
N ARG A 116 38.51 -35.88 3.30
CA ARG A 116 37.10 -36.21 3.19
C ARG A 116 36.26 -35.18 2.40
N PRO A 117 36.54 -33.87 2.57
CA PRO A 117 35.73 -32.96 1.75
C PRO A 117 35.96 -33.12 0.25
N ILE A 118 37.15 -33.58 -0.13
CA ILE A 118 37.48 -33.75 -1.54
C ILE A 118 36.88 -35.06 -2.13
N ALA A 119 36.84 -36.13 -1.32
CA ALA A 119 36.15 -37.35 -1.72
C ALA A 119 34.67 -37.09 -2.01
N MET A 120 34.02 -36.32 -1.13
CA MET A 120 32.63 -35.94 -1.34
C MET A 120 32.47 -35.05 -2.58
N LEU A 121 33.47 -34.20 -2.82
CA LEU A 121 33.51 -33.40 -4.04
C LEU A 121 33.52 -34.33 -5.24
N ALA A 122 34.20 -35.47 -5.10
CA ALA A 122 34.33 -36.43 -6.19
C ALA A 122 33.01 -37.14 -6.46
N GLY A 123 32.02 -36.97 -5.58
CA GLY A 123 30.68 -37.49 -5.83
C GLY A 123 29.64 -36.44 -6.14
N HIS A 124 30.11 -35.21 -6.39
CA HIS A 124 29.24 -34.06 -6.68
C HIS A 124 28.35 -34.32 -7.89
N PRO A 125 27.03 -34.35 -7.67
CA PRO A 125 26.03 -34.79 -8.66
C PRO A 125 25.93 -33.90 -9.89
N LEU A 126 26.21 -32.60 -9.79
CA LEU A 126 26.22 -31.74 -10.98
C LEU A 126 27.45 -32.05 -11.82
N LEU A 127 28.59 -32.20 -11.16
CA LEU A 127 29.82 -32.61 -11.85
C LEU A 127 29.62 -33.93 -12.61
N LEU A 128 29.14 -34.96 -11.90
CA LEU A 128 28.97 -36.29 -12.48
C LEU A 128 27.88 -36.39 -13.57
N ARG A 129 26.80 -35.62 -13.43
CA ARG A 129 25.77 -35.62 -14.47
C ARG A 129 26.28 -34.95 -15.74
N ILE A 130 27.17 -33.97 -15.59
CA ILE A 130 27.79 -33.36 -16.75
C ILE A 130 28.74 -34.36 -17.41
N MET A 131 29.61 -34.96 -16.59
CA MET A 131 30.53 -35.99 -17.05
C MET A 131 29.80 -37.13 -17.75
N GLU A 132 28.68 -37.55 -17.19
CA GLU A 132 27.91 -38.62 -17.81
C GLU A 132 27.42 -38.25 -19.20
N GLN A 133 27.05 -36.98 -19.41
CA GLN A 133 26.64 -36.55 -20.75
C GLN A 133 27.84 -36.48 -21.69
N LEU A 134 29.01 -36.15 -21.15
CA LEU A 134 30.18 -35.93 -21.99
C LEU A 134 31.01 -37.18 -22.19
N VAL A 135 31.29 -37.88 -21.11
CA VAL A 135 32.12 -39.07 -21.17
C VAL A 135 31.25 -40.29 -21.45
N GLY A 136 29.98 -40.21 -21.08
CA GLY A 136 29.10 -41.36 -21.21
C GLY A 136 28.74 -42.04 -19.88
N PRO A 137 27.75 -42.95 -19.93
CA PRO A 137 27.19 -43.67 -18.78
C PRO A 137 28.17 -44.64 -18.10
N ASN A 138 29.26 -45.01 -18.77
CA ASN A 138 30.23 -45.93 -18.15
C ASN A 138 31.47 -45.19 -17.65
N LEU A 139 31.31 -43.91 -17.33
CA LEU A 139 32.43 -43.11 -16.85
C LEU A 139 33.07 -43.72 -15.59
N ILE A 140 34.38 -43.66 -15.53
CA ILE A 140 35.06 -43.93 -14.27
C ILE A 140 36.05 -42.81 -13.97
N PRO A 141 36.26 -42.53 -12.68
CA PRO A 141 37.30 -41.56 -12.27
C PRO A 141 38.70 -42.17 -12.31
N THR A 142 39.69 -41.45 -12.86
CA THR A 142 41.02 -42.01 -12.95
C THR A 142 41.99 -41.23 -12.08
N TRP A 143 42.79 -40.38 -12.68
CA TRP A 143 43.65 -39.48 -11.93
C TRP A 143 42.82 -38.54 -11.08
N ASP A 144 43.27 -38.32 -9.84
CA ASP A 144 42.71 -37.28 -8.99
C ASP A 144 43.86 -36.62 -8.22
N SER A 145 43.88 -35.29 -8.23
CA SER A 145 45.02 -34.58 -7.65
C SER A 145 44.72 -33.11 -7.41
N MET A 146 45.59 -32.45 -6.68
CA MET A 146 45.54 -31.01 -6.59
C MET A 146 46.83 -30.43 -7.13
N VAL A 147 46.69 -29.40 -7.97
CA VAL A 147 47.84 -28.68 -8.51
C VAL A 147 47.79 -27.24 -8.03
N PHE A 148 48.96 -26.70 -7.72
CA PHE A 148 49.07 -25.34 -7.18
C PHE A 148 50.45 -24.83 -7.52
N LYS A 149 50.62 -23.53 -7.72
CA LYS A 149 51.96 -23.07 -8.03
C LYS A 149 52.61 -22.34 -6.87
N THR A 150 53.88 -22.02 -7.08
CA THR A 150 54.71 -21.38 -6.07
C THR A 150 54.66 -19.86 -6.22
N PRO A 151 53.90 -19.19 -5.33
CA PRO A 151 53.61 -17.75 -5.45
C PRO A 151 54.85 -16.84 -5.50
N ALA A 152 56.03 -17.29 -5.05
CA ALA A 152 57.24 -16.51 -5.19
C ALA A 152 57.68 -16.46 -6.65
N GLY A 153 57.02 -17.25 -7.48
CA GLY A 153 57.34 -17.29 -8.90
C GLY A 153 57.25 -18.69 -9.45
N ALA A 154 56.43 -18.86 -10.48
CA ALA A 154 56.29 -20.15 -11.16
C ALA A 154 56.78 -20.06 -12.60
N PRO A 155 57.51 -21.09 -13.05
CA PRO A 155 57.97 -21.10 -14.44
C PRO A 155 56.81 -21.29 -15.44
N ARG A 156 57.08 -20.89 -16.68
CA ARG A 156 56.15 -21.07 -17.78
C ARG A 156 55.67 -22.54 -17.94
N LEU A 157 54.36 -22.72 -18.17
CA LEU A 157 53.80 -24.03 -18.51
C LEU A 157 53.80 -24.18 -20.03
N ALA A 158 54.71 -25.01 -20.54
CA ALA A 158 54.85 -25.21 -21.97
C ALA A 158 53.58 -25.82 -22.54
N TRP A 159 53.29 -25.46 -23.79
CA TRP A 159 52.16 -26.01 -24.53
C TRP A 159 52.27 -27.53 -24.70
N HIS A 160 51.21 -28.23 -24.32
CA HIS A 160 51.23 -29.68 -24.33
C HIS A 160 49.84 -30.24 -24.39
N ARG A 161 49.74 -31.48 -24.86
CA ARG A 161 48.58 -32.32 -24.62
C ARG A 161 48.83 -33.12 -23.35
N ASP A 162 47.74 -33.52 -22.68
CA ASP A 162 47.85 -34.44 -21.56
C ASP A 162 47.99 -35.86 -22.12
N ALA A 163 48.58 -36.78 -21.36
CA ALA A 163 48.85 -38.12 -21.90
C ALA A 163 47.58 -38.93 -22.07
N GLY A 164 47.28 -39.32 -23.31
CA GLY A 164 46.17 -40.22 -23.56
C GLY A 164 46.56 -41.68 -23.55
N LEU A 165 47.81 -41.95 -23.95
CA LEU A 165 48.33 -43.29 -24.24
C LEU A 165 47.59 -43.98 -25.43
N TYR A 166 46.86 -43.24 -26.26
CA TYR A 166 46.15 -44.00 -27.32
C TYR A 166 46.68 -43.79 -28.73
N ASP A 167 46.93 -44.89 -29.42
CA ASP A 167 47.09 -44.84 -30.86
C ASP A 167 45.81 -44.28 -31.45
N ASN A 168 45.94 -43.49 -32.52
CA ASN A 168 44.79 -42.88 -33.19
C ASN A 168 43.96 -42.06 -32.19
N ALA A 169 44.66 -41.24 -31.42
CA ALA A 169 44.07 -40.56 -30.28
C ALA A 169 42.84 -39.73 -30.69
N VAL A 170 42.96 -39.01 -31.80
CA VAL A 170 41.86 -38.17 -32.26
C VAL A 170 40.64 -38.99 -32.70
N GLY A 171 40.88 -40.08 -33.42
CA GLY A 171 39.79 -41.00 -33.73
C GLY A 171 39.09 -41.46 -32.45
N VAL A 172 39.87 -41.81 -31.44
CA VAL A 172 39.32 -42.35 -30.21
C VAL A 172 38.56 -41.33 -29.35
N THR A 173 39.10 -40.11 -29.20
CA THR A 173 38.55 -39.21 -28.20
C THR A 173 38.69 -37.71 -28.51
N GLY A 174 38.98 -37.39 -29.77
CA GLY A 174 39.01 -36.00 -30.21
C GLY A 174 37.68 -35.35 -29.84
N ALA A 175 36.61 -36.13 -29.94
CA ALA A 175 35.27 -35.70 -29.53
C ALA A 175 35.15 -35.41 -28.02
N GLY A 176 36.16 -35.81 -27.23
CA GLY A 176 36.18 -35.44 -25.81
C GLY A 176 35.59 -36.45 -24.83
N ARG A 177 36.13 -37.66 -24.81
CA ARG A 177 35.59 -38.71 -23.95
C ARG A 177 36.53 -38.94 -22.77
N VAL A 178 37.77 -38.50 -22.92
CA VAL A 178 38.74 -38.47 -21.84
C VAL A 178 38.94 -37.02 -21.41
N ILE A 179 38.55 -36.72 -20.18
CA ILE A 179 38.33 -35.35 -19.76
C ILE A 179 38.96 -35.04 -18.39
N ASP A 180 39.67 -33.92 -18.33
CA ASP A 180 40.10 -33.28 -17.10
C ASP A 180 39.07 -32.30 -16.57
N ALA A 181 38.61 -32.50 -15.34
CA ALA A 181 37.78 -31.49 -14.68
C ALA A 181 38.63 -30.75 -13.67
N GLY A 182 38.80 -29.45 -13.90
CA GLY A 182 39.62 -28.61 -13.05
C GLY A 182 38.72 -27.75 -12.20
N ILE A 183 38.69 -28.02 -10.90
CA ILE A 183 37.88 -27.25 -9.97
C ILE A 183 38.74 -26.22 -9.25
N TYR A 184 38.40 -24.95 -9.43
CA TYR A 184 39.27 -23.85 -9.00
C TYR A 184 39.00 -23.39 -7.57
N LEU A 185 40.04 -23.44 -6.75
CA LEU A 185 39.95 -23.02 -5.36
C LEU A 185 40.35 -21.56 -5.25
N ASP A 186 41.20 -21.12 -6.17
CA ASP A 186 41.63 -19.73 -6.19
C ASP A 186 41.28 -19.14 -7.55
N PRO A 187 41.07 -17.81 -7.61
CA PRO A 187 40.75 -17.21 -8.90
C PRO A 187 41.91 -17.35 -9.87
N ALA A 188 41.57 -17.40 -11.16
CA ALA A 188 42.54 -17.41 -12.24
C ALA A 188 42.17 -16.27 -13.19
N PRO A 189 42.61 -15.04 -12.85
CA PRO A 189 42.39 -13.82 -13.65
C PRO A 189 43.11 -13.96 -14.99
N GLU A 190 42.87 -13.06 -15.93
CA GLU A 190 43.47 -13.23 -17.26
C GLU A 190 44.98 -13.07 -17.25
N ASP A 191 45.53 -12.38 -16.24
CA ASP A 191 46.99 -12.26 -16.20
C ASP A 191 47.66 -13.43 -15.46
N ASN A 192 46.86 -14.42 -15.01
CA ASN A 192 47.38 -15.62 -14.37
C ASN A 192 46.38 -16.80 -14.46
N CYS A 193 46.37 -17.48 -15.59
CA CYS A 193 45.37 -18.51 -15.89
C CYS A 193 45.85 -19.47 -16.98
N VAL A 194 45.01 -20.47 -17.28
CA VAL A 194 45.30 -21.43 -18.35
C VAL A 194 44.87 -20.88 -19.70
N TRP A 195 45.66 -21.16 -20.73
CA TRP A 195 45.27 -20.82 -22.09
C TRP A 195 45.17 -22.10 -22.92
N CYS A 196 44.32 -22.10 -23.92
CA CYS A 196 44.27 -23.29 -24.76
C CYS A 196 43.97 -22.92 -26.20
N ILE A 197 44.31 -23.84 -27.11
CA ILE A 197 43.96 -23.65 -28.51
C ILE A 197 42.71 -24.45 -28.87
N PRO A 198 41.57 -23.75 -28.99
CA PRO A 198 40.30 -24.39 -29.35
C PRO A 198 40.45 -25.30 -30.57
N GLU A 199 39.79 -26.46 -30.55
CA GLU A 199 39.76 -27.39 -31.68
C GLU A 199 41.10 -28.04 -31.99
N SER A 200 42.12 -27.77 -31.19
CA SER A 200 43.39 -28.48 -31.40
C SER A 200 43.24 -29.94 -30.96
N ASN A 201 42.15 -30.27 -30.27
CA ASN A 201 41.84 -31.67 -29.95
C ASN A 201 41.61 -32.54 -31.19
N TYR A 202 41.48 -31.94 -32.37
CA TYR A 202 41.38 -32.75 -33.60
C TYR A 202 42.64 -32.72 -34.49
N TRP A 203 43.70 -32.04 -34.06
CA TRP A 203 44.90 -31.94 -34.87
C TRP A 203 45.64 -33.27 -34.96
N GLY A 204 46.10 -33.61 -36.17
CA GLY A 204 46.96 -34.76 -36.33
C GLY A 204 48.28 -34.53 -35.60
N ASP A 205 49.04 -35.59 -35.38
CA ASP A 205 50.30 -35.49 -34.66
C ASP A 205 51.27 -34.46 -35.26
N ASP A 206 51.36 -34.40 -36.60
CA ASP A 206 52.30 -33.51 -37.27
C ASP A 206 52.01 -32.06 -36.97
N ARG A 207 50.76 -31.67 -37.18
CA ARG A 207 50.35 -30.31 -36.90
C ARG A 207 50.55 -29.97 -35.41
N LEU A 208 50.16 -30.88 -34.52
CA LEU A 208 50.28 -30.61 -33.09
C LEU A 208 51.74 -30.45 -32.65
N THR A 209 52.57 -31.41 -33.03
CA THR A 209 54.01 -31.42 -32.75
C THR A 209 54.74 -30.20 -33.31
N ALA A 210 54.45 -29.86 -34.55
CA ALA A 210 55.00 -28.66 -35.17
C ALA A 210 54.57 -27.40 -34.45
N THR A 211 53.25 -27.26 -34.25
CA THR A 211 52.70 -26.04 -33.63
C THR A 211 53.19 -25.87 -32.19
N ALA A 212 53.24 -26.96 -31.43
CA ALA A 212 53.68 -26.90 -30.04
C ALA A 212 55.15 -26.50 -29.98
N ASP A 213 55.99 -27.17 -30.77
CA ASP A 213 57.42 -26.86 -30.83
C ASP A 213 57.67 -25.37 -31.15
N GLN A 214 56.97 -24.85 -32.17
CA GLN A 214 57.13 -23.45 -32.54
C GLN A 214 56.79 -22.55 -31.35
N LEU A 215 55.63 -22.77 -30.75
CA LEU A 215 55.19 -21.96 -29.62
C LEU A 215 56.17 -22.01 -28.44
N ASN A 216 56.69 -23.20 -28.13
CA ASN A 216 57.52 -23.36 -26.94
C ASN A 216 58.95 -22.83 -27.12
N ALA A 217 59.48 -22.88 -28.35
CA ALA A 217 60.79 -22.30 -28.62
C ALA A 217 60.72 -20.78 -28.75
N SER A 218 59.51 -20.23 -28.71
CA SER A 218 59.34 -18.79 -28.83
C SER A 218 58.86 -18.20 -27.52
N GLU A 219 58.93 -16.87 -27.41
CA GLU A 219 58.43 -16.15 -26.25
C GLU A 219 56.93 -16.39 -26.06
N TRP A 220 56.44 -16.31 -24.81
CA TRP A 220 55.03 -16.50 -24.52
C TRP A 220 54.14 -15.65 -25.43
N ASP A 221 53.24 -16.32 -26.16
CA ASP A 221 52.38 -15.63 -27.11
C ASP A 221 51.01 -16.30 -27.15
N THR A 222 49.95 -15.51 -26.97
CA THR A 222 48.60 -16.01 -26.85
C THR A 222 47.73 -15.97 -28.12
N THR A 223 48.32 -15.74 -29.28
CA THR A 223 47.50 -15.50 -30.47
C THR A 223 46.94 -16.82 -31.01
N GLY A 224 45.62 -16.86 -31.17
CA GLY A 224 44.97 -18.08 -31.62
C GLY A 224 44.60 -18.94 -30.43
N ALA A 225 44.98 -18.49 -29.23
CA ALA A 225 44.61 -19.15 -27.98
C ALA A 225 43.54 -18.37 -27.23
N VAL A 226 42.82 -19.04 -26.35
CA VAL A 226 41.83 -18.36 -25.53
C VAL A 226 42.12 -18.63 -24.06
N PRO A 227 41.84 -17.65 -23.20
CA PRO A 227 42.15 -17.82 -21.78
C PRO A 227 40.99 -18.43 -21.02
N ALA A 228 41.32 -19.14 -19.97
CA ALA A 228 40.33 -19.73 -19.12
C ALA A 228 40.20 -18.90 -17.84
N VAL A 229 39.31 -17.91 -17.87
CA VAL A 229 39.21 -16.93 -16.78
C VAL A 229 38.22 -17.34 -15.70
N MET A 230 38.76 -17.60 -14.51
CA MET A 230 38.04 -18.36 -13.47
C MET A 230 37.85 -17.66 -12.12
N GLN A 231 36.64 -17.78 -11.59
CA GLN A 231 36.37 -17.43 -10.19
C GLN A 231 36.45 -18.70 -9.34
N PRO A 232 36.75 -18.57 -8.04
CA PRO A 232 36.80 -19.81 -7.24
C PRO A 232 35.45 -20.54 -7.21
N GLY A 233 35.50 -21.86 -7.24
CA GLY A 233 34.29 -22.67 -7.33
C GLY A 233 33.77 -22.87 -8.75
N ASP A 234 34.44 -22.25 -9.72
CA ASP A 234 34.14 -22.50 -11.13
C ASP A 234 34.86 -23.75 -11.57
N LEU A 235 34.44 -24.28 -12.72
CA LEU A 235 34.93 -25.55 -13.23
C LEU A 235 35.39 -25.45 -14.69
N LEU A 236 36.64 -25.82 -14.94
CA LEU A 236 37.12 -25.91 -16.31
C LEU A 236 37.18 -27.38 -16.77
N LEU A 237 36.44 -27.66 -17.83
CA LEU A 237 36.46 -28.95 -18.50
C LEU A 237 37.38 -28.86 -19.69
N HIS A 238 38.39 -29.73 -19.75
CA HIS A 238 39.15 -29.77 -20.99
C HIS A 238 39.49 -31.18 -21.46
N ASN A 239 39.38 -31.32 -22.77
CA ASN A 239 39.80 -32.48 -23.52
C ASN A 239 41.31 -32.60 -23.41
N ILE A 240 41.81 -33.79 -23.07
CA ILE A 240 43.24 -34.00 -22.87
C ILE A 240 44.04 -33.77 -24.16
N LEU A 241 43.35 -33.80 -25.31
CA LEU A 241 43.98 -33.58 -26.61
C LEU A 241 44.04 -32.08 -26.98
N THR A 242 43.36 -31.24 -26.20
CA THR A 242 43.45 -29.80 -26.44
C THR A 242 44.79 -29.29 -25.95
N LEU A 243 45.54 -28.68 -26.87
CA LEU A 243 46.81 -28.04 -26.55
C LEU A 243 46.60 -26.91 -25.54
N HIS A 244 47.34 -26.95 -24.44
CA HIS A 244 47.26 -25.87 -23.44
C HIS A 244 48.58 -25.57 -22.76
N GLY A 245 48.61 -24.43 -22.06
CA GLY A 245 49.82 -23.94 -21.41
C GLY A 245 49.56 -22.68 -20.62
N ALA A 246 50.59 -22.16 -19.99
CA ALA A 246 50.42 -21.00 -19.12
C ALA A 246 51.70 -20.18 -19.11
N PRO A 247 51.60 -18.85 -18.90
CA PRO A 247 52.78 -18.00 -18.89
C PRO A 247 53.47 -18.09 -17.53
N ALA A 248 54.75 -17.71 -17.45
CA ALA A 248 55.39 -17.59 -16.15
C ALA A 248 54.61 -16.55 -15.32
N VAL A 249 54.41 -16.82 -14.02
CA VAL A 249 53.60 -15.96 -13.15
C VAL A 249 54.15 -15.86 -11.72
N VAL A 250 53.73 -14.82 -11.01
CA VAL A 250 54.14 -14.57 -9.60
C VAL A 250 52.97 -14.12 -8.72
N GLY A 251 53.04 -14.39 -7.43
CA GLY A 251 52.13 -13.77 -6.48
C GLY A 251 50.81 -14.45 -6.11
N LYS A 252 50.49 -15.57 -6.75
CA LYS A 252 49.24 -16.26 -6.47
C LYS A 252 49.46 -17.75 -6.36
N GLN A 253 48.83 -18.41 -5.38
CA GLN A 253 49.09 -19.83 -5.21
C GLN A 253 48.30 -20.69 -6.22
N ARG A 254 47.19 -20.16 -6.72
CA ARG A 254 46.46 -20.77 -7.84
C ARG A 254 46.27 -22.28 -7.68
N ARG A 255 45.43 -22.66 -6.73
CA ARG A 255 45.19 -24.07 -6.48
C ARG A 255 44.02 -24.60 -7.34
N VAL A 256 44.26 -25.70 -8.03
CA VAL A 256 43.23 -26.38 -8.81
C VAL A 256 43.19 -27.87 -8.49
N ILE A 257 41.99 -28.37 -8.19
CA ILE A 257 41.76 -29.80 -8.00
C ILE A 257 41.32 -30.43 -9.32
N TYR A 258 42.09 -31.40 -9.81
CA TYR A 258 41.83 -32.06 -11.09
C TYR A 258 41.34 -33.49 -10.91
N PHE A 259 40.15 -33.74 -11.45
CA PHE A 259 39.61 -35.08 -11.65
C PHE A 259 39.61 -35.45 -13.13
N GLU A 260 40.35 -36.48 -13.54
CA GLU A 260 40.16 -37.05 -14.89
C GLU A 260 39.13 -38.17 -14.92
N TYR A 261 38.42 -38.26 -16.04
CA TYR A 261 37.45 -39.32 -16.27
C TYR A 261 37.72 -39.94 -17.62
N ARG A 262 37.47 -41.25 -17.75
CA ARG A 262 37.50 -41.95 -19.03
C ARG A 262 36.33 -42.94 -19.13
N PRO A 263 35.97 -43.37 -20.34
CA PRO A 263 34.94 -44.41 -20.41
C PRO A 263 35.47 -45.77 -20.00
N ALA A 264 34.68 -46.54 -19.24
CA ALA A 264 35.09 -47.90 -18.85
C ALA A 264 35.43 -48.80 -20.03
N GLU A 265 34.63 -48.74 -21.10
CA GLU A 265 34.88 -49.65 -22.22
C GLU A 265 36.16 -49.27 -22.95
N VAL A 266 36.58 -48.01 -22.84
CA VAL A 266 37.81 -47.58 -23.49
C VAL A 266 39.01 -48.09 -22.69
N GLU A 267 38.95 -47.95 -21.37
CA GLU A 267 40.00 -48.50 -20.50
C GLU A 267 40.09 -50.01 -20.66
N TRP A 268 38.93 -50.65 -20.65
CA TRP A 268 38.85 -52.09 -20.79
C TRP A 268 39.64 -52.57 -22.00
N GLN A 269 39.50 -51.90 -23.15
CA GLN A 269 40.11 -52.38 -24.41
C GLN A 269 41.42 -51.71 -24.78
N LEU A 270 41.64 -50.48 -24.34
CA LEU A 270 42.83 -49.77 -24.79
C LEU A 270 43.77 -49.43 -23.64
N GLY A 271 43.36 -49.70 -22.40
CA GLY A 271 44.11 -49.28 -21.23
C GLY A 271 43.88 -47.79 -20.92
N PRO A 272 44.86 -47.13 -20.28
CA PRO A 272 46.19 -47.58 -19.86
C PRO A 272 46.23 -48.44 -18.62
N HIS A 273 45.13 -48.54 -17.89
CA HIS A 273 45.15 -49.31 -16.66
C HIS A 273 44.82 -50.77 -16.88
N SER A 274 45.17 -51.60 -15.90
CA SER A 274 44.83 -53.02 -15.91
C SER A 274 43.32 -53.16 -15.82
N ALA A 275 42.79 -54.33 -16.21
CA ALA A 275 41.34 -54.51 -16.28
C ALA A 275 40.69 -54.41 -14.90
N GLU A 276 41.47 -54.78 -13.88
CA GLU A 276 41.06 -54.72 -12.48
C GLU A 276 40.80 -53.29 -11.98
N TYR A 277 41.57 -52.34 -12.48
CA TYR A 277 41.44 -50.93 -12.09
C TYR A 277 40.00 -50.45 -12.21
N ILE A 278 39.31 -50.83 -13.28
CA ILE A 278 37.96 -50.35 -13.57
C ILE A 278 36.99 -50.62 -12.41
N GLY A 279 36.93 -51.86 -11.95
CA GLY A 279 36.03 -52.21 -10.84
C GLY A 279 36.35 -51.44 -9.57
N LEU A 280 37.64 -51.24 -9.30
CA LEU A 280 38.06 -50.58 -8.07
C LEU A 280 37.65 -49.09 -8.09
N LYS A 281 37.85 -48.43 -9.23
CA LYS A 281 37.49 -47.02 -9.31
C LYS A 281 35.98 -46.83 -9.32
N GLN A 282 35.25 -47.80 -9.85
CA GLN A 282 33.79 -47.79 -9.74
C GLN A 282 33.38 -47.81 -8.27
N GLN A 283 34.09 -48.61 -7.48
CA GLN A 283 33.85 -48.70 -6.05
C GLN A 283 34.18 -47.37 -5.37
N VAL A 284 35.29 -46.75 -5.80
CA VAL A 284 35.63 -45.40 -5.35
C VAL A 284 34.47 -44.42 -5.66
N LEU A 285 33.98 -44.44 -6.90
CA LEU A 285 32.89 -43.54 -7.31
C LEU A 285 31.64 -43.73 -6.45
N ARG A 286 31.26 -44.99 -6.26
CA ARG A 286 30.06 -45.30 -5.51
C ARG A 286 30.25 -44.96 -4.03
N SER A 287 31.48 -45.14 -3.55
CA SER A 287 31.77 -44.79 -2.17
C SER A 287 31.67 -43.29 -1.97
N CYS A 288 32.17 -42.50 -2.92
CA CYS A 288 32.14 -41.05 -2.78
C CYS A 288 30.72 -40.52 -2.89
N ILE A 289 29.93 -41.12 -3.78
CA ILE A 289 28.57 -40.67 -3.97
C ILE A 289 27.80 -40.90 -2.68
N GLN A 290 28.03 -42.04 -2.05
CA GLN A 290 27.29 -42.41 -0.85
C GLN A 290 27.61 -41.50 0.36
N MET A 291 28.88 -41.25 0.64
CA MET A 291 29.16 -40.39 1.78
C MET A 291 28.72 -38.95 1.52
N ARG A 292 28.62 -38.54 0.25
CA ARG A 292 28.12 -37.20 -0.02
C ARG A 292 26.61 -37.17 0.27
N ALA A 293 25.95 -38.32 0.07
CA ALA A 293 24.53 -38.47 0.34
C ALA A 293 24.20 -38.43 1.84
N ASN A 294 24.97 -39.19 2.62
CA ASN A 294 24.81 -39.22 4.08
C ASN A 294 25.46 -38.04 4.80
N GLU A 295 25.78 -36.99 4.04
CA GLU A 295 26.30 -35.76 4.63
C GLU A 295 25.17 -34.74 4.73
N PRO A 296 24.84 -34.35 5.97
CA PRO A 296 23.73 -33.43 6.29
C PRO A 296 23.71 -32.19 5.40
N GLN A 297 24.90 -31.66 5.13
CA GLN A 297 25.06 -30.49 4.28
C GLN A 297 24.51 -30.68 2.84
N PHE A 298 24.40 -31.92 2.38
CA PHE A 298 24.00 -32.18 0.98
C PHE A 298 22.68 -32.94 0.83
N GLY A 299 21.88 -33.01 1.87
CA GLY A 299 20.59 -33.70 1.83
C GLY A 299 19.61 -33.26 0.75
N ASP A 300 19.58 -31.96 0.45
CA ASP A 300 18.67 -31.44 -0.58
C ASP A 300 19.10 -31.83 -2.00
N GLU A 301 20.28 -32.43 -2.12
CA GLU A 301 20.83 -32.81 -3.41
C GLU A 301 20.17 -34.05 -3.99
N GLU A 302 19.91 -34.02 -5.29
CA GLU A 302 19.54 -35.22 -6.02
C GLU A 302 20.81 -35.96 -6.47
N PRO A 303 21.19 -37.00 -5.72
CA PRO A 303 22.48 -37.69 -5.88
C PRO A 303 22.62 -38.41 -7.21
N PHE A 304 23.83 -38.39 -7.75
CA PHE A 304 24.10 -39.03 -9.04
C PHE A 304 23.78 -40.53 -9.02
N ASP A 305 23.03 -40.96 -10.04
CA ASP A 305 22.62 -42.35 -10.24
C ASP A 305 23.56 -43.02 -11.25
N TYR A 306 24.59 -43.70 -10.75
CA TYR A 306 25.61 -44.32 -11.62
C TYR A 306 25.14 -45.67 -12.20
N GLN A 307 24.91 -45.69 -13.50
CA GLN A 307 24.30 -46.86 -14.16
C GLN A 307 24.99 -47.21 -15.47
N PRO A 308 26.15 -47.87 -15.39
CA PRO A 308 26.79 -48.24 -16.65
C PRO A 308 26.16 -49.49 -17.25
N ALA A 309 26.52 -49.82 -18.49
CA ALA A 309 26.05 -51.07 -19.09
C ALA A 309 26.43 -52.25 -18.20
N GLU A 310 25.58 -53.29 -18.16
CA GLU A 310 25.73 -54.39 -17.21
C GLU A 310 27.06 -55.11 -17.37
N SER A 311 27.47 -55.41 -18.60
CA SER A 311 28.74 -56.12 -18.82
C SER A 311 29.98 -55.30 -18.40
N LEU A 312 29.75 -54.13 -17.82
CA LEU A 312 30.84 -53.27 -17.37
C LEU A 312 30.68 -52.85 -15.91
N ARG A 313 29.71 -53.44 -15.20
CA ARG A 313 29.69 -53.30 -13.76
C ARG A 313 30.67 -54.33 -13.20
N HIS A 314 31.65 -53.85 -12.44
CA HIS A 314 32.74 -54.68 -11.97
C HIS A 314 33.00 -54.41 -10.49
N TRP A 315 32.14 -53.62 -9.87
CA TRP A 315 32.37 -53.18 -8.51
C TRP A 315 31.96 -54.21 -7.48
N VAL A 316 31.78 -55.45 -7.92
CA VAL A 316 31.58 -56.54 -7.00
C VAL A 316 32.66 -57.60 -7.23
N ASP A 317 33.49 -57.38 -8.25
CA ASP A 317 34.53 -58.33 -8.65
C ASP A 317 35.61 -58.51 -7.59
N ARG A 318 35.77 -57.51 -6.75
CA ARG A 318 36.78 -57.54 -5.71
C ARG A 318 36.08 -57.31 -4.38
N PRO A 319 36.71 -57.72 -3.27
CA PRO A 319 36.18 -57.43 -1.93
C PRO A 319 36.13 -55.93 -1.64
N GLU A 320 35.28 -55.53 -0.70
CA GLU A 320 35.10 -54.11 -0.34
C GLU A 320 36.42 -53.36 -0.21
N ILE A 321 36.55 -52.28 -0.96
CA ILE A 321 37.77 -51.48 -0.90
C ILE A 321 37.88 -50.84 0.48
N ASP A 322 39.10 -50.78 0.99
CA ASP A 322 39.37 -50.17 2.29
C ASP A 322 40.10 -48.84 2.11
N THR A 323 40.13 -48.34 0.88
CA THR A 323 40.86 -47.13 0.56
C THR A 323 40.34 -46.48 -0.72
N LEU A 324 40.65 -45.20 -0.90
CA LEU A 324 40.27 -44.50 -2.12
C LEU A 324 41.48 -44.29 -3.01
N ARG A 325 42.62 -44.85 -2.63
CA ARG A 325 43.84 -44.61 -3.37
C ARG A 325 44.35 -45.87 -4.04
N PHE A 326 44.45 -45.79 -5.37
CA PHE A 326 44.90 -46.90 -6.18
C PHE A 326 45.99 -46.44 -7.12
N ALA A 327 47.21 -46.71 -6.73
CA ALA A 327 48.36 -46.15 -7.40
C ALA A 327 48.48 -46.69 -8.80
N HIS A 328 48.49 -45.77 -9.76
CA HIS A 328 48.51 -46.06 -11.18
C HIS A 328 49.56 -47.10 -11.60
N GLU A 329 50.74 -47.05 -11.00
CA GLU A 329 51.83 -47.93 -11.44
C GLU A 329 51.56 -49.36 -11.00
N GLU A 330 50.69 -49.53 -10.01
CA GLU A 330 50.31 -50.86 -9.54
C GLU A 330 49.14 -51.46 -10.32
N TYR A 331 48.48 -50.64 -11.13
CA TYR A 331 47.37 -51.10 -11.96
C TYR A 331 47.55 -50.65 -13.40
N TRP A 332 48.77 -50.84 -13.90
CA TRP A 332 49.13 -50.42 -15.25
C TRP A 332 49.09 -51.66 -16.14
N ARG A 333 48.88 -51.49 -17.45
CA ARG A 333 48.84 -52.66 -18.33
C ARG A 333 49.86 -52.56 -19.46
N ASN B 32 13.92 -55.30 -20.58
CA ASN B 32 13.90 -53.86 -20.39
C ASN B 32 13.64 -53.08 -21.69
N ARG B 33 12.58 -52.25 -21.67
CA ARG B 33 12.02 -51.54 -22.84
C ARG B 33 13.01 -50.67 -23.63
N ILE B 34 12.66 -50.34 -24.88
CA ILE B 34 13.43 -49.39 -25.69
C ILE B 34 12.94 -47.97 -25.45
N ALA B 35 13.84 -47.10 -24.97
CA ALA B 35 13.48 -45.72 -24.63
C ALA B 35 12.85 -44.98 -25.80
N GLU B 36 11.97 -44.04 -25.50
CA GLU B 36 11.23 -43.35 -26.54
C GLU B 36 11.34 -41.86 -26.42
N CYS B 37 11.68 -41.23 -27.53
CA CYS B 37 11.70 -39.79 -27.62
C CYS B 37 10.57 -39.30 -28.52
N ASP B 38 9.60 -38.62 -27.91
CA ASP B 38 8.57 -37.90 -28.66
C ASP B 38 9.16 -36.58 -29.09
N ILE B 39 9.83 -36.57 -30.23
CA ILE B 39 10.80 -35.51 -30.53
C ILE B 39 10.19 -34.10 -30.69
N ARG B 40 9.02 -34.00 -31.31
CA ARG B 40 8.38 -32.70 -31.50
C ARG B 40 7.72 -32.19 -30.22
N ARG B 41 7.62 -33.05 -29.20
CA ARG B 41 7.03 -32.67 -27.92
C ARG B 41 8.07 -32.21 -26.90
N THR B 42 9.09 -33.03 -26.66
CA THR B 42 10.07 -32.77 -25.63
C THR B 42 11.42 -32.23 -26.12
N GLY B 43 11.77 -32.52 -27.37
CA GLY B 43 13.14 -32.35 -27.82
C GLY B 43 13.91 -33.62 -27.43
N LEU B 44 15.20 -33.67 -27.76
CA LEU B 44 16.08 -34.74 -27.29
C LEU B 44 16.61 -34.47 -25.87
N LEU B 45 16.10 -35.20 -24.88
CA LEU B 45 16.49 -35.02 -23.49
C LEU B 45 17.75 -35.81 -23.11
N PRO B 46 18.50 -35.32 -22.09
CA PRO B 46 19.67 -36.07 -21.60
C PRO B 46 19.35 -37.54 -21.34
N GLU B 47 18.15 -37.85 -20.85
CA GLU B 47 17.77 -39.23 -20.60
C GLU B 47 17.77 -40.07 -21.90
N HIS B 48 17.33 -39.47 -23.00
CA HIS B 48 17.28 -40.15 -24.28
C HIS B 48 18.71 -40.46 -24.73
N VAL B 49 19.58 -39.46 -24.59
CA VAL B 49 20.97 -39.58 -25.00
C VAL B 49 21.64 -40.70 -24.23
N THR B 50 21.38 -40.74 -22.93
CA THR B 50 21.95 -41.73 -22.04
C THR B 50 21.42 -43.13 -22.34
N ALA B 51 20.10 -43.23 -22.51
CA ALA B 51 19.48 -44.45 -22.97
C ALA B 51 20.14 -44.98 -24.24
N PHE B 52 20.31 -44.09 -25.22
CA PHE B 52 20.88 -44.54 -26.48
C PHE B 52 22.31 -45.05 -26.28
N ARG B 53 23.10 -44.33 -25.50
CA ARG B 53 24.49 -44.70 -25.27
C ARG B 53 24.60 -46.01 -24.51
N ARG B 54 23.70 -46.24 -23.56
CA ARG B 54 23.81 -47.43 -22.75
C ARG B 54 23.25 -48.64 -23.51
N GLN B 55 22.03 -48.49 -24.01
CA GLN B 55 21.33 -49.63 -24.64
C GLN B 55 21.67 -49.87 -26.11
N GLY B 56 22.22 -48.88 -26.81
CA GLY B 56 22.58 -49.05 -28.21
C GLY B 56 21.46 -48.75 -29.19
N VAL B 57 20.33 -48.27 -28.69
CA VAL B 57 19.14 -48.11 -29.52
C VAL B 57 18.20 -47.07 -28.89
N LEU B 58 17.47 -46.36 -29.74
CA LEU B 58 16.52 -45.33 -29.31
C LEU B 58 15.41 -45.17 -30.34
N VAL B 59 14.16 -45.23 -29.88
CA VAL B 59 13.00 -45.03 -30.73
C VAL B 59 12.59 -43.57 -30.72
N VAL B 60 12.47 -42.96 -31.90
CA VAL B 60 12.05 -41.55 -32.00
C VAL B 60 10.69 -41.46 -32.68
N ARG B 61 9.65 -41.07 -31.94
CA ARG B 61 8.30 -40.92 -32.52
C ARG B 61 8.10 -39.60 -33.29
N GLY B 62 7.34 -39.67 -34.38
CA GLY B 62 6.84 -38.50 -35.09
C GLY B 62 7.87 -37.57 -35.71
N LEU B 63 8.93 -38.16 -36.26
CA LEU B 63 9.97 -37.39 -36.92
C LEU B 63 9.37 -36.60 -38.10
N LEU B 64 8.62 -37.29 -38.94
CA LEU B 64 8.06 -36.68 -40.14
C LEU B 64 6.65 -36.15 -39.95
N THR B 65 6.43 -34.93 -40.41
CA THR B 65 5.08 -34.40 -40.54
C THR B 65 4.28 -35.27 -41.51
N PRO B 66 2.96 -35.33 -41.33
CA PRO B 66 2.00 -35.94 -42.25
C PRO B 66 2.34 -35.78 -43.72
N GLN B 67 2.66 -34.56 -44.14
CA GLN B 67 2.93 -34.23 -45.53
C GLN B 67 4.26 -34.79 -46.02
N GLU B 68 5.29 -34.70 -45.20
CA GLU B 68 6.60 -35.22 -45.60
C GLU B 68 6.59 -36.75 -45.65
N LEU B 69 5.86 -37.36 -44.72
CA LEU B 69 5.70 -38.82 -44.73
C LEU B 69 5.12 -39.30 -46.07
N ALA B 70 4.02 -38.68 -46.50
CA ALA B 70 3.41 -38.97 -47.79
C ALA B 70 4.35 -38.73 -48.97
N ASP B 71 5.13 -37.65 -48.91
CA ASP B 71 6.09 -37.34 -49.97
C ASP B 71 7.12 -38.45 -50.12
N VAL B 72 7.64 -38.90 -48.98
CA VAL B 72 8.69 -39.91 -48.99
C VAL B 72 8.09 -41.29 -49.26
N GLN B 73 6.88 -41.55 -48.76
CA GLN B 73 6.16 -42.79 -49.11
C GLN B 73 6.04 -42.91 -50.63
N GLU B 74 5.69 -41.78 -51.28
CA GLU B 74 5.50 -41.75 -52.73
C GLU B 74 6.81 -41.98 -53.50
N ALA B 75 7.88 -41.32 -53.06
CA ALA B 75 9.18 -41.51 -53.68
C ALA B 75 9.61 -42.96 -53.54
N GLY B 76 9.25 -43.55 -52.40
CA GLY B 76 9.62 -44.93 -52.15
C GLY B 76 8.86 -45.85 -53.08
N ARG B 77 7.58 -45.54 -53.28
CA ARG B 77 6.68 -46.32 -54.12
C ARG B 77 7.20 -46.36 -55.55
N ALA B 78 7.55 -45.20 -56.07
CA ALA B 78 8.02 -45.08 -57.45
C ALA B 78 9.34 -45.80 -57.69
N LEU B 79 10.26 -45.73 -56.71
CA LEU B 79 11.58 -46.33 -56.87
C LEU B 79 11.52 -47.85 -56.95
N ILE B 80 10.60 -48.45 -56.18
CA ILE B 80 10.43 -49.89 -56.14
C ILE B 80 9.77 -50.37 -57.45
N ASP B 81 8.73 -49.66 -57.86
CA ASP B 81 8.06 -49.94 -59.13
C ASP B 81 9.02 -49.89 -60.31
N ARG B 82 9.83 -48.84 -60.36
CA ARG B 82 10.84 -48.69 -61.41
C ARG B 82 11.86 -49.83 -61.37
N ALA B 83 12.08 -50.43 -60.21
CA ALA B 83 13.03 -51.52 -60.13
C ALA B 83 12.45 -52.77 -60.80
N TRP B 84 11.16 -53.01 -60.60
CA TRP B 84 10.52 -54.16 -61.21
C TRP B 84 10.47 -54.00 -62.73
N SER B 85 9.94 -52.87 -63.19
CA SER B 85 9.78 -52.62 -64.62
C SER B 85 11.11 -52.63 -65.36
N THR B 86 12.05 -51.84 -64.85
CA THR B 86 13.41 -51.86 -65.32
C THR B 86 14.17 -52.89 -64.51
N ARG B 87 14.07 -54.15 -64.91
CA ARG B 87 14.65 -55.26 -64.14
C ARG B 87 16.17 -55.22 -64.01
N SER B 88 16.72 -54.03 -63.75
CA SER B 88 18.16 -53.86 -63.65
C SER B 88 18.63 -54.00 -62.22
N MET B 89 19.91 -54.30 -62.07
CA MET B 89 20.53 -54.49 -60.77
C MET B 89 21.40 -53.29 -60.40
N GLU B 90 21.28 -52.22 -61.17
CA GLU B 90 22.00 -50.97 -60.90
C GLU B 90 21.59 -50.39 -59.55
N ASP B 91 22.51 -50.44 -58.60
CA ASP B 91 22.27 -49.98 -57.24
C ASP B 91 21.11 -50.74 -56.61
N THR B 92 20.85 -51.95 -57.08
CA THR B 92 19.71 -52.71 -56.59
C THR B 92 20.05 -54.16 -56.30
N VAL B 93 19.76 -54.57 -55.07
CA VAL B 93 19.97 -55.95 -54.65
C VAL B 93 18.75 -56.81 -54.95
N TRP B 94 18.98 -57.91 -55.69
CA TRP B 94 17.94 -58.88 -56.01
C TRP B 94 18.21 -60.21 -55.30
N THR B 95 17.15 -60.90 -54.90
CA THR B 95 17.28 -62.20 -54.28
C THR B 95 17.89 -63.20 -55.26
N LEU B 96 17.32 -63.24 -56.46
CA LEU B 96 17.85 -64.05 -57.55
C LEU B 96 17.94 -63.14 -58.76
N GLU B 97 18.65 -63.56 -59.80
CA GLU B 97 18.79 -62.74 -60.99
C GLU B 97 17.43 -62.47 -61.63
N PRO B 98 17.18 -61.23 -62.09
CA PRO B 98 15.91 -60.88 -62.73
C PRO B 98 15.69 -61.60 -64.05
N GLN B 100 15.05 -64.73 -63.10
CA GLN B 100 14.58 -65.99 -62.52
C GLN B 100 13.17 -65.78 -61.95
N PRO B 101 12.31 -66.81 -62.06
CA PRO B 101 10.98 -66.68 -61.47
C PRO B 101 11.05 -66.65 -59.95
N GLY B 102 10.45 -65.64 -59.34
CA GLY B 102 10.48 -65.50 -57.90
C GLY B 102 11.57 -64.56 -57.42
N ALA B 103 12.22 -63.91 -58.37
CA ALA B 103 13.23 -62.90 -58.07
C ALA B 103 12.54 -61.61 -57.62
N ALA B 104 13.16 -60.90 -56.68
CA ALA B 104 12.61 -59.64 -56.21
C ALA B 104 13.70 -58.69 -55.77
N PRO B 105 13.53 -57.40 -56.05
CA PRO B 105 14.45 -56.42 -55.48
C PRO B 105 14.14 -56.22 -53.99
N VAL B 106 15.16 -56.11 -53.14
CA VAL B 106 14.91 -55.88 -51.71
C VAL B 106 15.64 -54.65 -51.18
N ARG B 107 16.55 -54.11 -51.99
CA ARG B 107 17.31 -52.95 -51.58
C ARG B 107 17.75 -52.10 -52.78
N ILE B 108 17.55 -50.80 -52.66
CA ILE B 108 18.15 -49.83 -53.59
C ILE B 108 19.20 -49.02 -52.84
N GLU B 109 20.38 -48.87 -53.44
CA GLU B 109 21.49 -48.09 -52.89
C GLU B 109 21.54 -46.65 -53.44
N TYR B 110 22.03 -45.71 -52.61
CA TYR B 110 22.13 -44.30 -52.98
C TYR B 110 20.79 -43.69 -53.39
N VAL B 111 19.76 -43.88 -52.57
CA VAL B 111 18.43 -43.40 -52.89
C VAL B 111 18.35 -41.88 -52.78
N VAL B 112 19.26 -41.29 -52.03
CA VAL B 112 19.31 -39.83 -51.88
C VAL B 112 19.59 -39.17 -53.26
N ASP B 113 20.39 -39.85 -54.09
CA ASP B 113 20.69 -39.38 -55.43
C ASP B 113 19.61 -39.74 -56.45
N LYS B 114 18.57 -40.42 -56.03
CA LYS B 114 17.57 -40.91 -56.99
C LYS B 114 16.23 -40.19 -56.88
N ALA B 115 15.83 -39.78 -55.68
CA ALA B 115 14.54 -39.11 -55.50
C ALA B 115 14.69 -37.80 -54.73
N ARG B 116 14.08 -36.74 -55.25
CA ARG B 116 14.18 -35.41 -54.65
C ARG B 116 13.64 -35.32 -53.20
N PRO B 117 12.51 -35.98 -52.91
CA PRO B 117 12.08 -35.89 -51.49
C PRO B 117 13.02 -36.59 -50.52
N ILE B 118 13.73 -37.61 -50.98
CA ILE B 118 14.60 -38.37 -50.08
C ILE B 118 15.89 -37.60 -49.84
N ALA B 119 16.37 -36.91 -50.87
CA ALA B 119 17.51 -36.00 -50.73
C ALA B 119 17.20 -34.93 -49.69
N MET B 120 15.99 -34.38 -49.75
CA MET B 120 15.56 -33.39 -48.76
C MET B 120 15.35 -34.01 -47.38
N LEU B 121 14.96 -35.28 -47.34
CA LEU B 121 14.91 -36.02 -46.08
C LEU B 121 16.31 -36.07 -45.42
N ALA B 122 17.35 -36.25 -46.24
CA ALA B 122 18.73 -36.30 -45.76
C ALA B 122 19.19 -34.99 -45.07
N GLY B 123 18.42 -33.92 -45.22
CA GLY B 123 18.76 -32.65 -44.60
C GLY B 123 17.78 -32.22 -43.51
N HIS B 124 17.00 -33.18 -43.00
CA HIS B 124 15.98 -32.91 -42.01
C HIS B 124 16.59 -32.42 -40.70
N PRO B 125 16.17 -31.24 -40.24
CA PRO B 125 16.87 -30.62 -39.11
C PRO B 125 16.61 -31.31 -37.77
N LEU B 126 15.47 -31.98 -37.60
CA LEU B 126 15.28 -32.70 -36.34
C LEU B 126 16.22 -33.89 -36.31
N LEU B 127 16.25 -34.63 -37.41
CA LEU B 127 17.12 -35.79 -37.55
C LEU B 127 18.58 -35.39 -37.30
N LEU B 128 19.02 -34.32 -37.95
CA LEU B 128 20.42 -33.91 -37.89
C LEU B 128 20.81 -33.18 -36.59
N ARG B 129 19.84 -32.63 -35.88
CA ARG B 129 20.11 -32.02 -34.58
C ARG B 129 20.35 -33.16 -33.59
N ILE B 130 19.61 -34.25 -33.80
CA ILE B 130 19.79 -35.49 -33.03
C ILE B 130 21.14 -36.14 -33.33
N MET B 131 21.42 -36.36 -34.61
CA MET B 131 22.69 -36.94 -34.99
C MET B 131 23.88 -36.12 -34.52
N GLU B 132 23.69 -34.82 -34.42
CA GLU B 132 24.77 -33.97 -33.99
C GLU B 132 25.09 -34.21 -32.50
N GLN B 133 24.05 -34.35 -31.69
CA GLN B 133 24.24 -34.63 -30.28
C GLN B 133 24.88 -36.00 -30.08
N LEU B 134 24.56 -36.96 -30.95
CA LEU B 134 24.94 -38.35 -30.71
C LEU B 134 26.27 -38.69 -31.34
N VAL B 135 26.46 -38.26 -32.58
CA VAL B 135 27.68 -38.52 -33.35
C VAL B 135 28.73 -37.44 -33.12
N GLY B 136 28.28 -36.22 -32.85
CA GLY B 136 29.16 -35.09 -32.73
C GLY B 136 28.96 -34.07 -33.84
N PRO B 137 29.64 -32.92 -33.72
CA PRO B 137 29.53 -31.84 -34.72
C PRO B 137 30.28 -32.15 -36.01
N ASN B 138 31.06 -33.22 -36.05
CA ASN B 138 31.76 -33.59 -37.29
C ASN B 138 31.10 -34.74 -38.06
N LEU B 139 29.82 -34.99 -37.78
CA LEU B 139 29.07 -36.06 -38.44
C LEU B 139 29.11 -35.93 -39.97
N ILE B 140 29.24 -37.05 -40.66
CA ILE B 140 29.05 -37.08 -42.10
C ILE B 140 28.09 -38.21 -42.49
N PRO B 141 27.26 -37.99 -43.52
CA PRO B 141 26.40 -39.07 -44.02
C PRO B 141 27.22 -40.12 -44.79
N THR B 142 27.10 -41.38 -44.41
CA THR B 142 27.84 -42.42 -45.13
C THR B 142 26.91 -43.20 -46.08
N TRP B 143 26.46 -44.37 -45.63
CA TRP B 143 25.51 -45.18 -46.40
C TRP B 143 24.15 -44.52 -46.40
N ASP B 144 23.52 -44.52 -47.56
CA ASP B 144 22.11 -44.16 -47.64
C ASP B 144 21.43 -45.15 -48.58
N SER B 145 20.28 -45.65 -48.18
CA SER B 145 19.62 -46.69 -48.95
C SER B 145 18.17 -46.83 -48.54
N MET B 146 17.42 -47.66 -49.26
CA MET B 146 16.09 -48.06 -48.84
C MET B 146 15.96 -49.58 -48.89
N VAL B 147 15.56 -50.15 -47.78
CA VAL B 147 15.39 -51.60 -47.67
C VAL B 147 13.91 -51.95 -47.69
N PHE B 148 13.54 -52.95 -48.49
CA PHE B 148 12.16 -53.36 -48.57
C PHE B 148 12.13 -54.87 -48.67
N LYS B 149 12.54 -55.50 -47.58
CA LYS B 149 12.65 -56.96 -47.51
C LYS B 149 11.29 -57.61 -47.67
N THR B 150 11.30 -58.76 -48.36
CA THR B 150 10.15 -59.64 -48.44
C THR B 150 10.27 -60.78 -47.41
N ALA B 158 18.41 -63.32 -39.27
CA ALA B 158 19.73 -63.47 -38.72
C ALA B 158 20.05 -62.33 -37.75
N TRP B 159 20.49 -62.72 -36.56
CA TRP B 159 21.05 -61.77 -35.60
C TRP B 159 22.43 -61.37 -36.08
N HIS B 160 22.74 -60.07 -35.98
CA HIS B 160 24.03 -59.56 -36.47
C HIS B 160 24.35 -58.14 -36.00
N ARG B 161 25.62 -57.76 -36.10
CA ARG B 161 25.99 -56.34 -36.06
C ARG B 161 26.13 -55.85 -37.49
N ASP B 162 26.09 -54.54 -37.68
CA ASP B 162 26.32 -53.99 -39.00
C ASP B 162 27.82 -53.89 -39.27
N ALA B 163 28.18 -53.57 -40.51
CA ALA B 163 29.57 -53.63 -40.95
C ALA B 163 30.36 -52.38 -40.61
N GLY B 164 31.55 -52.26 -41.21
CA GLY B 164 32.38 -51.10 -40.99
C GLY B 164 33.06 -51.14 -39.64
N LEU B 165 33.18 -52.34 -39.07
CA LEU B 165 33.80 -52.55 -37.78
C LEU B 165 35.27 -52.12 -37.79
N TYR B 166 35.73 -51.64 -36.66
CA TYR B 166 37.12 -51.25 -36.46
C TYR B 166 37.77 -52.26 -35.53
N ASP B 167 39.09 -52.22 -35.40
CA ASP B 167 39.75 -52.90 -34.29
C ASP B 167 39.29 -52.21 -33.02
N ASN B 168 39.11 -52.95 -31.93
CA ASN B 168 38.60 -52.35 -30.71
C ASN B 168 37.35 -51.51 -30.96
N ALA B 169 36.37 -52.14 -31.64
CA ALA B 169 35.17 -51.44 -32.05
C ALA B 169 34.44 -50.85 -30.85
N VAL B 170 34.31 -51.64 -29.78
CA VAL B 170 33.58 -51.19 -28.63
C VAL B 170 34.31 -50.01 -27.97
N GLY B 171 35.64 -50.10 -27.90
CA GLY B 171 36.46 -48.99 -27.49
C GLY B 171 36.19 -47.75 -28.32
N VAL B 172 36.04 -47.93 -29.62
CA VAL B 172 35.91 -46.78 -30.52
C VAL B 172 34.50 -46.19 -30.52
N THR B 173 33.49 -47.07 -30.49
CA THR B 173 32.12 -46.62 -30.71
C THR B 173 31.03 -47.48 -30.04
N GLY B 174 31.37 -48.11 -28.93
CA GLY B 174 30.34 -48.74 -28.11
C GLY B 174 29.34 -47.70 -27.62
N ALA B 175 29.85 -46.50 -27.34
CA ALA B 175 29.06 -45.36 -26.87
C ALA B 175 28.02 -44.84 -27.88
N GLY B 176 28.05 -45.32 -29.11
CA GLY B 176 27.03 -44.94 -30.10
C GLY B 176 27.39 -43.73 -30.95
N ARG B 177 28.54 -43.80 -31.62
CA ARG B 177 29.00 -42.71 -32.47
C ARG B 177 28.85 -43.03 -33.97
N VAL B 178 28.61 -44.31 -34.28
CA VAL B 178 28.31 -44.73 -35.64
C VAL B 178 26.90 -45.30 -35.69
N ILE B 179 26.00 -44.55 -36.29
CA ILE B 179 24.58 -44.72 -36.06
C ILE B 179 23.81 -44.99 -37.34
N ASP B 180 22.99 -46.02 -37.30
CA ASP B 180 22.06 -46.27 -38.38
C ASP B 180 20.70 -45.65 -38.08
N ALA B 181 20.30 -44.70 -38.92
CA ALA B 181 18.98 -44.06 -38.84
C ALA B 181 17.98 -44.78 -39.75
N GLY B 182 17.03 -45.50 -39.14
CA GLY B 182 15.97 -46.15 -39.89
C GLY B 182 14.70 -45.32 -39.89
N ILE B 183 14.37 -44.71 -41.03
CA ILE B 183 13.15 -43.93 -41.17
C ILE B 183 12.05 -44.77 -41.83
N TYR B 184 10.98 -45.04 -41.08
CA TYR B 184 9.99 -46.03 -41.47
C TYR B 184 8.86 -45.44 -42.33
N LEU B 185 8.62 -46.04 -43.49
CA LEU B 185 7.56 -45.60 -44.38
C LEU B 185 6.30 -46.41 -44.13
N ASP B 186 6.48 -47.60 -43.53
CA ASP B 186 5.38 -48.51 -43.26
C ASP B 186 5.40 -48.94 -41.79
N PRO B 187 4.27 -49.46 -41.27
CA PRO B 187 4.28 -49.89 -39.87
C PRO B 187 5.18 -51.10 -39.65
N ALA B 188 5.77 -51.21 -38.47
CA ALA B 188 6.49 -52.42 -38.06
C ALA B 188 5.91 -52.92 -36.75
N PRO B 189 4.89 -53.78 -36.83
CA PRO B 189 4.23 -54.34 -35.64
C PRO B 189 5.07 -55.42 -34.99
N GLU B 190 4.77 -55.77 -33.74
CA GLU B 190 5.57 -56.75 -33.00
C GLU B 190 5.66 -58.09 -33.74
N ASP B 191 4.71 -58.34 -34.63
CA ASP B 191 4.73 -59.49 -35.53
C ASP B 191 5.93 -59.43 -36.48
N ASN B 192 6.22 -58.22 -36.95
CA ASN B 192 7.20 -58.04 -38.01
C ASN B 192 7.99 -56.73 -37.84
N CYS B 193 9.00 -56.78 -36.96
CA CYS B 193 9.80 -55.61 -36.59
C CYS B 193 11.19 -56.06 -36.21
N VAL B 194 12.11 -55.11 -36.10
CA VAL B 194 13.47 -55.40 -35.68
C VAL B 194 13.52 -55.64 -34.17
N TRP B 195 14.34 -56.59 -33.75
CA TRP B 195 14.54 -56.85 -32.34
C TRP B 195 15.97 -56.51 -31.98
N CYS B 196 16.17 -55.95 -30.79
CA CYS B 196 17.51 -55.58 -30.34
C CYS B 196 17.84 -56.23 -29.03
N ILE B 197 19.11 -56.55 -28.84
CA ILE B 197 19.60 -56.91 -27.51
C ILE B 197 20.32 -55.71 -26.90
N PRO B 198 19.65 -55.02 -25.97
CA PRO B 198 20.16 -53.78 -25.37
C PRO B 198 21.49 -54.02 -24.74
N GLU B 199 22.37 -53.01 -24.80
CA GLU B 199 23.69 -53.04 -24.17
C GLU B 199 24.69 -54.01 -24.80
N SER B 200 24.27 -54.77 -25.81
CA SER B 200 25.17 -55.71 -26.48
C SER B 200 26.23 -54.96 -27.32
N ASN B 201 26.01 -53.66 -27.51
CA ASN B 201 26.99 -52.80 -28.17
C ASN B 201 28.29 -52.65 -27.36
N TYR B 202 28.31 -53.15 -26.13
CA TYR B 202 29.56 -53.17 -25.36
C TYR B 202 30.17 -54.55 -25.23
N TRP B 203 29.57 -55.55 -25.88
CA TRP B 203 30.03 -56.94 -25.80
C TRP B 203 31.33 -57.15 -26.54
N GLY B 204 32.24 -57.92 -25.91
CA GLY B 204 33.44 -58.41 -26.59
C GLY B 204 33.09 -59.32 -27.77
N ASP B 205 34.08 -59.53 -28.65
CA ASP B 205 33.85 -60.28 -29.88
C ASP B 205 33.39 -61.71 -29.57
N ASP B 206 34.08 -62.38 -28.65
CA ASP B 206 33.78 -63.76 -28.32
C ASP B 206 32.34 -63.97 -27.82
N ARG B 207 31.89 -63.18 -26.85
CA ARG B 207 30.51 -63.27 -26.39
C ARG B 207 29.52 -62.88 -27.49
N LEU B 208 29.88 -61.90 -28.31
CA LEU B 208 28.98 -61.46 -29.38
C LEU B 208 28.72 -62.63 -30.34
N THR B 209 29.80 -63.17 -30.88
CA THR B 209 29.79 -64.34 -31.76
C THR B 209 29.09 -65.55 -31.14
N ALA B 210 29.47 -65.89 -29.92
CA ALA B 210 28.88 -67.05 -29.24
C ALA B 210 27.37 -66.87 -29.04
N THR B 211 26.96 -65.67 -28.64
CA THR B 211 25.54 -65.44 -28.41
C THR B 211 24.77 -65.45 -29.74
N ALA B 212 25.35 -64.84 -30.77
CA ALA B 212 24.65 -64.71 -32.04
C ALA B 212 24.46 -66.08 -32.70
N ASP B 213 25.48 -66.92 -32.61
CA ASP B 213 25.42 -68.26 -33.16
C ASP B 213 24.35 -69.09 -32.48
N GLN B 214 24.23 -68.92 -31.17
CA GLN B 214 23.16 -69.58 -30.44
C GLN B 214 21.81 -69.08 -30.91
N LEU B 215 21.68 -67.75 -31.00
CA LEU B 215 20.41 -67.14 -31.37
C LEU B 215 19.98 -67.48 -32.80
N ASN B 216 20.91 -67.48 -33.74
CA ASN B 216 20.59 -67.80 -35.13
C ASN B 216 20.25 -69.29 -35.33
N ALA B 217 20.96 -70.19 -34.63
CA ALA B 217 20.67 -71.63 -34.72
C ALA B 217 19.27 -71.99 -34.20
N SER B 218 18.88 -71.41 -33.07
CA SER B 218 17.61 -71.71 -32.41
C SER B 218 16.44 -71.00 -33.06
N ALA B 225 15.89 -59.56 -25.32
CA ALA B 225 15.52 -58.91 -26.59
C ALA B 225 14.28 -58.02 -26.46
N VAL B 226 14.25 -56.96 -27.24
CA VAL B 226 13.13 -56.03 -27.21
C VAL B 226 12.83 -55.58 -28.62
N PRO B 227 11.58 -55.20 -28.86
CA PRO B 227 11.21 -54.86 -30.23
C PRO B 227 11.10 -53.36 -30.49
N ALA B 228 11.44 -52.93 -31.70
CA ALA B 228 11.18 -51.56 -32.10
C ALA B 228 9.85 -51.54 -32.85
N VAL B 229 8.77 -51.31 -32.13
CA VAL B 229 7.44 -51.26 -32.73
C VAL B 229 7.14 -49.88 -33.29
N MET B 230 7.05 -49.81 -34.62
CA MET B 230 7.10 -48.53 -35.29
C MET B 230 5.83 -48.16 -36.03
N GLN B 231 5.56 -46.87 -36.09
CA GLN B 231 4.52 -46.28 -36.92
C GLN B 231 5.20 -45.51 -38.06
N PRO B 232 4.53 -45.35 -39.21
CA PRO B 232 5.13 -44.57 -40.28
C PRO B 232 5.55 -43.18 -39.79
N GLY B 233 6.68 -42.68 -40.26
CA GLY B 233 7.16 -41.38 -39.84
C GLY B 233 7.98 -41.44 -38.57
N ASP B 234 8.02 -42.61 -37.92
CA ASP B 234 8.91 -42.78 -36.78
C ASP B 234 10.33 -43.09 -37.26
N LEU B 235 11.28 -42.97 -36.35
CA LEU B 235 12.66 -43.22 -36.65
C LEU B 235 13.22 -44.17 -35.60
N LEU B 236 13.95 -45.18 -36.05
CA LEU B 236 14.69 -46.02 -35.14
C LEU B 236 16.17 -45.69 -35.28
N LEU B 237 16.83 -45.49 -34.15
CA LEU B 237 18.26 -45.25 -34.14
C LEU B 237 18.95 -46.43 -33.51
N HIS B 238 19.86 -47.09 -34.23
CA HIS B 238 20.68 -48.07 -33.53
C HIS B 238 22.17 -47.94 -33.80
N ASN B 239 22.93 -48.23 -32.75
CA ASN B 239 24.38 -48.40 -32.78
C ASN B 239 24.69 -49.55 -33.71
N ILE B 240 25.67 -49.43 -34.61
CA ILE B 240 25.93 -50.53 -35.52
C ILE B 240 26.46 -51.74 -34.75
N LEU B 241 26.90 -51.52 -33.52
CA LEU B 241 27.46 -52.60 -32.69
C LEU B 241 26.38 -53.37 -31.94
N THR B 242 25.17 -52.81 -31.90
CA THR B 242 24.05 -53.47 -31.27
C THR B 242 23.57 -54.70 -32.05
N LEU B 243 23.55 -55.85 -31.39
CA LEU B 243 23.02 -57.08 -31.98
C LEU B 243 21.51 -56.92 -32.24
N HIS B 244 21.15 -56.94 -33.50
CA HIS B 244 19.74 -56.84 -33.89
C HIS B 244 19.40 -57.86 -34.96
N GLY B 245 18.10 -58.04 -35.20
CA GLY B 245 17.63 -59.04 -36.15
C GLY B 245 16.10 -59.11 -36.17
N ALA B 246 15.56 -59.90 -37.11
CA ALA B 246 14.10 -60.05 -37.26
C ALA B 246 13.74 -61.48 -37.65
N PRO B 247 12.64 -62.01 -37.08
CA PRO B 247 12.16 -63.38 -37.30
C PRO B 247 11.42 -63.57 -38.62
N VAL B 250 7.10 -64.01 -42.56
CA VAL B 250 5.70 -64.38 -42.39
C VAL B 250 4.79 -63.16 -42.33
N GLY B 251 5.10 -62.14 -43.14
CA GLY B 251 4.37 -60.88 -43.07
C GLY B 251 4.28 -60.09 -44.36
N LYS B 252 3.78 -58.86 -44.25
CA LYS B 252 3.58 -57.96 -45.39
C LYS B 252 4.79 -57.05 -45.63
N GLN B 253 4.99 -56.64 -46.88
CA GLN B 253 6.17 -55.86 -47.25
C GLN B 253 6.26 -54.56 -46.46
N ARG B 254 7.47 -54.29 -45.97
CA ARG B 254 7.75 -53.14 -45.14
C ARG B 254 8.85 -52.33 -45.83
N ARG B 255 8.85 -51.01 -45.64
CA ARG B 255 9.88 -50.16 -46.22
C ARG B 255 10.56 -49.30 -45.16
N VAL B 256 11.88 -49.25 -45.18
CA VAL B 256 12.64 -48.39 -44.28
C VAL B 256 13.78 -47.74 -45.06
N ILE B 257 13.91 -46.42 -44.90
CA ILE B 257 15.06 -45.70 -45.44
C ILE B 257 16.16 -45.63 -44.38
N TYR B 258 17.36 -46.06 -44.77
CA TYR B 258 18.51 -46.08 -43.85
C TYR B 258 19.56 -45.02 -44.17
N PHE B 259 19.83 -44.17 -43.17
CA PHE B 259 20.93 -43.21 -43.21
C PHE B 259 21.92 -43.59 -42.14
N GLU B 260 23.17 -43.84 -42.52
CA GLU B 260 24.22 -44.08 -41.54
C GLU B 260 25.09 -42.83 -41.35
N TYR B 261 25.62 -42.64 -40.14
CA TYR B 261 26.43 -41.49 -39.82
C TYR B 261 27.69 -41.84 -39.06
N ARG B 262 28.79 -41.19 -39.42
CA ARG B 262 30.08 -41.38 -38.75
C ARG B 262 30.73 -40.02 -38.43
N PRO B 263 31.57 -39.98 -37.39
CA PRO B 263 32.37 -38.77 -37.23
C PRO B 263 33.46 -38.71 -38.28
N ALA B 264 33.69 -37.51 -38.82
CA ALA B 264 34.75 -37.31 -39.82
C ALA B 264 36.10 -37.70 -39.27
N GLU B 265 36.35 -37.42 -37.99
CA GLU B 265 37.68 -37.66 -37.46
C GLU B 265 37.94 -39.15 -37.25
N VAL B 266 36.87 -39.94 -37.13
CA VAL B 266 37.01 -41.40 -37.04
C VAL B 266 37.28 -41.96 -38.45
N GLU B 267 36.51 -41.50 -39.44
CA GLU B 267 36.73 -41.87 -40.84
C GLU B 267 38.15 -41.51 -41.27
N TRP B 268 38.52 -40.26 -41.01
CA TRP B 268 39.83 -39.73 -41.36
C TRP B 268 40.98 -40.60 -40.89
N GLN B 269 40.91 -41.05 -39.64
CA GLN B 269 41.99 -41.85 -39.06
C GLN B 269 41.83 -43.35 -39.20
N LEU B 270 40.58 -43.84 -39.24
CA LEU B 270 40.33 -45.27 -39.15
C LEU B 270 39.59 -45.84 -40.38
N GLY B 271 39.05 -44.97 -41.22
CA GLY B 271 38.25 -45.42 -42.34
C GLY B 271 36.80 -45.66 -41.92
N PRO B 272 36.09 -46.54 -42.64
CA PRO B 272 36.57 -47.42 -43.71
C PRO B 272 36.77 -46.74 -45.08
N HIS B 273 36.29 -45.51 -45.24
CA HIS B 273 36.44 -44.82 -46.52
C HIS B 273 37.78 -44.10 -46.65
N SER B 274 38.07 -43.60 -47.85
CA SER B 274 39.29 -42.86 -48.12
C SER B 274 39.11 -41.44 -47.66
N ALA B 275 40.21 -40.70 -47.55
CA ALA B 275 40.18 -39.37 -46.97
C ALA B 275 39.36 -38.38 -47.80
N GLU B 276 39.44 -38.49 -49.12
CA GLU B 276 38.68 -37.64 -50.03
C GLU B 276 37.17 -37.70 -49.80
N TYR B 277 36.70 -38.87 -49.39
CA TYR B 277 35.27 -39.16 -49.18
C TYR B 277 34.60 -38.21 -48.20
N ILE B 278 35.34 -37.84 -47.15
CA ILE B 278 34.81 -36.95 -46.12
C ILE B 278 34.28 -35.65 -46.71
N GLY B 279 35.10 -34.99 -47.51
CA GLY B 279 34.74 -33.69 -48.05
C GLY B 279 33.55 -33.73 -48.98
N LEU B 280 33.46 -34.79 -49.78
CA LEU B 280 32.35 -34.97 -50.71
C LEU B 280 31.02 -35.19 -49.99
N LYS B 281 30.98 -36.06 -48.99
CA LYS B 281 29.73 -36.25 -48.25
C LYS B 281 29.36 -35.00 -47.44
N GLN B 282 30.36 -34.15 -47.16
CA GLN B 282 30.06 -32.87 -46.51
C GLN B 282 29.33 -31.97 -47.50
N GLN B 283 29.80 -31.95 -48.75
CA GLN B 283 29.07 -31.19 -49.75
C GLN B 283 27.66 -31.76 -49.92
N VAL B 284 27.56 -33.10 -49.90
CA VAL B 284 26.27 -33.78 -50.05
C VAL B 284 25.36 -33.36 -48.91
N LEU B 285 25.89 -33.35 -47.68
CA LEU B 285 25.05 -32.96 -46.55
C LEU B 285 24.61 -31.50 -46.71
N ARG B 286 25.56 -30.64 -47.09
CA ARG B 286 25.28 -29.21 -47.21
C ARG B 286 24.29 -28.94 -48.35
N SER B 287 24.36 -29.74 -49.41
CA SER B 287 23.44 -29.59 -50.53
C SER B 287 22.00 -29.96 -50.15
N CYS B 288 21.84 -31.09 -49.46
CA CYS B 288 20.52 -31.53 -49.00
C CYS B 288 19.89 -30.54 -48.04
N ILE B 289 20.69 -29.97 -47.14
CA ILE B 289 20.18 -28.97 -46.22
C ILE B 289 19.74 -27.72 -47.00
N GLN B 290 20.53 -27.36 -47.99
CA GLN B 290 20.26 -26.24 -48.88
C GLN B 290 18.94 -26.46 -49.63
N MET B 291 18.84 -27.63 -50.28
CA MET B 291 17.64 -28.03 -51.03
C MET B 291 16.39 -27.96 -50.18
N ARG B 292 16.46 -28.57 -49.01
CA ARG B 292 15.33 -28.59 -48.10
C ARG B 292 14.97 -27.19 -47.61
N ALA B 293 15.98 -26.34 -47.40
CA ALA B 293 15.74 -24.99 -46.92
C ALA B 293 14.94 -24.18 -47.96
N ASN B 294 15.33 -24.31 -49.22
CA ASN B 294 14.66 -23.63 -50.34
C ASN B 294 13.28 -24.22 -50.70
N GLU B 295 12.80 -25.18 -49.91
CA GLU B 295 11.47 -25.74 -50.16
C GLU B 295 10.47 -25.12 -49.20
N PRO B 296 9.43 -24.47 -49.77
CA PRO B 296 8.49 -23.61 -49.05
C PRO B 296 7.57 -24.35 -48.08
N GLN B 297 7.44 -25.66 -48.22
CA GLN B 297 6.65 -26.41 -47.24
C GLN B 297 7.48 -26.55 -45.97
N PHE B 298 8.77 -26.31 -46.10
CA PHE B 298 9.71 -26.41 -44.98
C PHE B 298 10.20 -25.03 -44.55
N GLY B 299 9.51 -23.99 -45.00
CA GLY B 299 9.99 -22.63 -44.81
C GLY B 299 10.06 -22.22 -43.36
N ASP B 300 9.25 -22.86 -42.52
CA ASP B 300 9.22 -22.50 -41.11
C ASP B 300 10.24 -23.27 -40.27
N GLU B 301 10.81 -24.35 -40.83
CA GLU B 301 11.87 -25.10 -40.15
C GLU B 301 13.14 -24.25 -40.01
N GLU B 302 13.76 -24.28 -38.84
CA GLU B 302 15.12 -23.72 -38.72
C GLU B 302 16.15 -24.78 -39.13
N PRO B 303 16.84 -24.53 -40.25
CA PRO B 303 17.80 -25.47 -40.83
C PRO B 303 18.93 -25.84 -39.89
N PHE B 304 19.43 -27.05 -40.04
CA PHE B 304 20.56 -27.52 -39.25
C PHE B 304 21.83 -26.76 -39.66
N ASP B 305 22.53 -26.24 -38.65
CA ASP B 305 23.72 -25.45 -38.84
C ASP B 305 24.96 -26.34 -38.76
N TYR B 306 25.42 -26.85 -39.90
CA TYR B 306 26.53 -27.78 -39.93
C TYR B 306 27.84 -27.04 -39.67
N GLN B 307 28.44 -27.29 -38.50
CA GLN B 307 29.66 -26.58 -38.09
C GLN B 307 30.70 -27.52 -37.48
N PRO B 308 31.42 -28.26 -38.32
CA PRO B 308 32.52 -29.11 -37.85
C PRO B 308 33.77 -28.33 -37.46
N ALA B 309 34.64 -28.96 -36.69
CA ALA B 309 35.92 -28.38 -36.34
C ALA B 309 36.66 -27.93 -37.61
N GLU B 310 37.37 -26.80 -37.51
CA GLU B 310 38.08 -26.18 -38.63
C GLU B 310 38.88 -27.16 -39.48
N SER B 311 39.66 -28.02 -38.83
CA SER B 311 40.57 -28.91 -39.52
C SER B 311 39.85 -30.11 -40.14
N LEU B 312 38.53 -30.12 -40.02
CA LEU B 312 37.73 -31.21 -40.53
C LEU B 312 36.78 -30.73 -41.62
N ARG B 313 36.84 -29.43 -41.92
CA ARG B 313 36.04 -28.85 -42.99
C ARG B 313 36.77 -29.07 -44.31
N HIS B 314 36.18 -29.90 -45.17
CA HIS B 314 36.85 -30.34 -46.39
C HIS B 314 35.99 -30.17 -47.64
N TRP B 315 34.94 -29.35 -47.55
CA TRP B 315 34.03 -29.24 -48.68
C TRP B 315 34.48 -28.22 -49.74
N VAL B 316 35.46 -27.37 -49.44
CA VAL B 316 36.01 -26.52 -50.47
C VAL B 316 37.08 -27.28 -51.28
N ASP B 317 37.64 -28.33 -50.67
CA ASP B 317 38.71 -29.12 -51.26
C ASP B 317 38.44 -29.58 -52.71
N ARG B 318 37.20 -29.93 -53.01
CA ARG B 318 36.83 -30.40 -54.35
C ARG B 318 35.89 -29.39 -55.03
N PRO B 319 35.70 -29.51 -56.36
CA PRO B 319 34.74 -28.61 -57.02
C PRO B 319 33.31 -28.98 -56.65
N GLU B 320 32.38 -28.04 -56.80
CA GLU B 320 30.99 -28.29 -56.45
C GLU B 320 30.47 -29.54 -57.14
N ILE B 321 30.12 -30.54 -56.34
CA ILE B 321 29.82 -31.90 -56.82
C ILE B 321 28.65 -31.95 -57.80
N ASP B 322 28.72 -32.89 -58.74
CA ASP B 322 27.69 -33.07 -59.77
C ASP B 322 26.57 -34.01 -59.29
N THR B 323 26.92 -34.88 -58.36
CA THR B 323 26.05 -35.99 -57.96
C THR B 323 25.93 -36.10 -56.43
N LEU B 324 24.95 -36.88 -55.96
CA LEU B 324 24.84 -37.16 -54.54
C LEU B 324 25.28 -38.61 -54.27
N ARG B 325 25.75 -39.27 -55.32
CA ARG B 325 26.09 -40.67 -55.25
C ARG B 325 27.58 -40.84 -55.25
N PHE B 326 28.10 -41.49 -54.23
CA PHE B 326 29.53 -41.73 -54.18
C PHE B 326 29.77 -43.16 -53.77
N ALA B 327 30.00 -44.00 -54.77
CA ALA B 327 30.11 -45.43 -54.57
C ALA B 327 31.23 -45.78 -53.61
N HIS B 328 30.86 -46.50 -52.55
CA HIS B 328 31.79 -46.87 -51.49
C HIS B 328 33.05 -47.54 -52.02
N GLU B 329 32.89 -48.50 -52.94
CA GLU B 329 34.03 -49.21 -53.50
C GLU B 329 34.98 -48.28 -54.27
N GLU B 330 34.50 -47.11 -54.69
CA GLU B 330 35.36 -46.16 -55.37
C GLU B 330 36.03 -45.17 -54.41
N TYR B 331 35.76 -45.32 -53.11
CA TYR B 331 36.31 -44.43 -52.10
C TYR B 331 36.63 -45.22 -50.84
N TRP B 332 37.24 -46.39 -51.02
CA TRP B 332 37.54 -47.33 -49.96
C TRP B 332 39.03 -47.25 -49.65
N ARG B 333 39.44 -47.71 -48.46
CA ARG B 333 40.86 -47.70 -48.09
C ARG B 333 41.33 -49.08 -47.69
N HIS C 7 13.17 38.35 27.49
CA HIS C 7 12.93 37.27 26.58
C HIS C 7 14.24 36.61 26.08
N HIS C 8 14.29 36.34 24.79
CA HIS C 8 15.42 35.63 24.21
C HIS C 8 15.76 36.03 22.76
N HIS C 9 16.87 35.49 22.26
CA HIS C 9 17.37 35.79 20.93
C HIS C 9 16.74 34.89 19.84
N HIS C 10 16.16 35.53 18.82
CA HIS C 10 15.68 34.81 17.63
C HIS C 10 16.77 34.83 16.55
N SER C 11 17.02 33.68 15.93
CA SER C 11 18.10 33.55 14.94
C SER C 11 17.81 34.26 13.62
N SER C 12 18.80 35.00 13.11
CA SER C 12 18.64 35.76 11.87
C SER C 12 18.92 34.93 10.62
N GLY C 13 19.53 33.76 10.82
CA GLY C 13 19.80 32.80 9.76
C GLY C 13 20.44 33.35 8.51
N LEU C 14 21.36 34.31 8.67
CA LEU C 14 21.97 34.95 7.50
C LEU C 14 22.75 33.94 6.68
N VAL C 15 22.74 34.11 5.36
CA VAL C 15 23.60 33.32 4.50
C VAL C 15 24.91 34.07 4.32
N PRO C 16 26.05 33.37 4.46
CA PRO C 16 27.35 34.03 4.36
C PRO C 16 27.51 34.75 3.03
N ARG C 17 28.12 35.93 3.06
CA ARG C 17 28.38 36.68 1.84
C ARG C 17 29.08 35.79 0.83
N GLY C 18 28.51 35.66 -0.37
CA GLY C 18 29.09 34.82 -1.39
C GLY C 18 28.44 33.45 -1.48
N SER C 19 27.64 33.09 -0.48
CA SER C 19 26.86 31.85 -0.54
C SER C 19 25.39 32.12 -0.92
N HIS C 20 24.65 31.05 -1.15
CA HIS C 20 23.23 31.19 -1.48
C HIS C 20 22.42 30.28 -0.58
N MET C 21 21.10 30.47 -0.56
CA MET C 21 20.25 29.66 0.31
C MET C 21 20.20 28.22 -0.18
N ASN C 32 15.92 15.93 12.38
CA ASN C 32 15.80 14.48 12.40
C ASN C 32 15.93 13.94 13.83
N ARG C 33 15.17 14.55 14.75
CA ARG C 33 15.24 14.27 16.18
C ARG C 33 14.92 12.82 16.56
N ILE C 34 15.52 12.35 17.65
CA ILE C 34 15.23 11.03 18.18
C ILE C 34 13.79 10.95 18.68
N ALA C 35 13.08 9.91 18.25
CA ALA C 35 11.68 9.76 18.65
C ALA C 35 11.57 9.52 20.15
N GLU C 36 10.47 9.97 20.73
CA GLU C 36 10.26 9.87 22.17
C GLU C 36 9.01 9.06 22.49
N CYS C 37 9.11 8.13 23.44
CA CYS C 37 7.97 7.30 23.82
C CYS C 37 7.59 7.48 25.29
N ASP C 38 6.45 8.12 25.52
CA ASP C 38 5.91 8.28 26.86
C ASP C 38 5.24 6.96 27.24
N ILE C 39 6.04 6.00 27.70
CA ILE C 39 5.63 4.59 27.73
C ILE C 39 4.42 4.33 28.65
N ARG C 40 4.40 4.99 29.81
CA ARG C 40 3.28 4.79 30.73
C ARG C 40 2.01 5.46 30.23
N ARG C 41 2.15 6.51 29.41
CA ARG C 41 0.99 7.21 28.88
C ARG C 41 0.35 6.52 27.65
N THR C 42 1.15 6.26 26.62
CA THR C 42 0.66 5.72 25.34
C THR C 42 0.91 4.24 25.14
N GLY C 43 1.87 3.70 25.89
CA GLY C 43 2.45 2.42 25.54
C GLY C 43 3.36 2.57 24.33
N LEU C 44 3.89 1.45 23.86
CA LEU C 44 4.75 1.44 22.69
C LEU C 44 3.95 1.40 21.39
N LEU C 45 4.06 2.46 20.60
CA LEU C 45 3.26 2.62 19.37
C LEU C 45 4.03 2.12 18.16
N PRO C 46 3.30 1.70 17.10
CA PRO C 46 3.95 1.26 15.86
C PRO C 46 4.93 2.30 15.32
N GLU C 47 4.63 3.60 15.47
CA GLU C 47 5.52 4.68 15.04
C GLU C 47 6.83 4.70 15.86
N HIS C 48 6.73 4.30 17.12
CA HIS C 48 7.91 4.17 17.97
C HIS C 48 8.78 3.00 17.48
N VAL C 49 8.15 1.87 17.15
CA VAL C 49 8.87 0.70 16.63
C VAL C 49 9.57 1.08 15.34
N THR C 50 8.82 1.69 14.43
CA THR C 50 9.37 2.09 13.14
C THR C 50 10.54 3.09 13.33
N ALA C 51 10.37 4.06 14.21
CA ALA C 51 11.48 4.99 14.50
C ALA C 51 12.73 4.24 15.00
N PHE C 52 12.55 3.28 15.91
CA PHE C 52 13.73 2.58 16.45
C PHE C 52 14.40 1.79 15.35
N ARG C 53 13.59 1.09 14.55
CA ARG C 53 14.14 0.25 13.48
C ARG C 53 14.84 1.09 12.40
N ARG C 54 14.26 2.23 12.02
CA ARG C 54 14.89 3.04 10.99
C ARG C 54 16.12 3.80 11.51
N GLN C 55 16.00 4.40 12.70
CA GLN C 55 17.05 5.31 13.20
C GLN C 55 18.07 4.67 14.12
N GLY C 56 17.70 3.57 14.76
CA GLY C 56 18.64 2.83 15.58
C GLY C 56 18.63 3.32 17.02
N VAL C 57 17.73 4.24 17.33
CA VAL C 57 17.66 4.76 18.68
C VAL C 57 16.22 5.17 19.02
N LEU C 58 15.87 5.05 20.30
CA LEU C 58 14.57 5.48 20.81
C LEU C 58 14.71 5.92 22.27
N VAL C 59 14.15 7.08 22.60
CA VAL C 59 14.08 7.54 23.99
C VAL C 59 12.74 7.16 24.61
N VAL C 60 12.78 6.65 25.82
CA VAL C 60 11.57 6.19 26.50
C VAL C 60 11.44 6.90 27.83
N ARG C 61 10.37 7.68 27.99
CA ARG C 61 10.25 8.58 29.14
C ARG C 61 9.51 7.93 30.31
N GLY C 62 9.94 8.27 31.53
CA GLY C 62 9.27 7.80 32.73
C GLY C 62 9.10 6.30 32.92
N LEU C 63 10.08 5.52 32.46
CA LEU C 63 10.08 4.09 32.72
C LEU C 63 9.91 3.81 34.23
N LEU C 64 10.68 4.52 35.05
CA LEU C 64 10.67 4.24 36.48
C LEU C 64 9.69 5.12 37.27
N THR C 65 9.01 4.53 38.24
CA THR C 65 8.33 5.33 39.23
C THR C 65 9.36 6.10 40.06
N PRO C 66 8.94 7.17 40.74
CA PRO C 66 9.89 7.92 41.59
C PRO C 66 10.52 7.04 42.66
N GLN C 67 9.73 6.14 43.22
CA GLN C 67 10.24 5.28 44.29
C GLN C 67 11.30 4.29 43.80
N GLU C 68 11.03 3.60 42.70
CA GLU C 68 12.00 2.63 42.17
C GLU C 68 13.25 3.38 41.72
N LEU C 69 13.07 4.57 41.16
CA LEU C 69 14.19 5.38 40.75
C LEU C 69 15.11 5.69 41.95
N ALA C 70 14.52 6.06 43.08
CA ALA C 70 15.28 6.27 44.30
C ALA C 70 15.98 4.96 44.76
N ASP C 71 15.24 3.84 44.74
CA ASP C 71 15.79 2.55 45.17
C ASP C 71 17.03 2.17 44.36
N VAL C 72 16.95 2.39 43.06
CA VAL C 72 18.04 2.03 42.16
C VAL C 72 19.19 3.05 42.21
N GLN C 73 18.89 4.32 42.45
CA GLN C 73 19.94 5.33 42.60
C GLN C 73 20.76 5.01 43.86
N GLU C 74 20.09 4.52 44.89
CA GLU C 74 20.78 4.14 46.12
C GLU C 74 21.62 2.89 45.88
N ALA C 75 21.06 1.92 45.15
CA ALA C 75 21.80 0.70 44.81
C ALA C 75 23.06 1.07 44.03
N GLY C 76 22.92 1.99 43.08
CA GLY C 76 24.07 2.47 42.32
C GLY C 76 25.17 3.11 43.18
N ARG C 77 24.76 3.84 44.20
CA ARG C 77 25.69 4.55 45.06
C ARG C 77 26.49 3.54 45.86
N ALA C 78 25.79 2.53 46.39
CA ALA C 78 26.41 1.46 47.18
C ALA C 78 27.43 0.65 46.37
N LEU C 79 27.15 0.40 45.09
CA LEU C 79 28.10 -0.33 44.25
C LEU C 79 29.37 0.48 43.98
N ILE C 80 29.20 1.76 43.72
CA ILE C 80 30.33 2.65 43.49
C ILE C 80 31.16 2.71 44.76
N ASP C 81 30.48 2.75 45.90
CA ASP C 81 31.13 2.74 47.19
C ASP C 81 31.90 1.44 47.42
N ARG C 82 31.33 0.33 46.96
CA ARG C 82 31.99 -0.96 47.12
C ARG C 82 33.25 -1.02 46.25
N ALA C 83 33.21 -0.39 45.08
CA ALA C 83 34.39 -0.38 44.21
C ALA C 83 35.55 0.39 44.86
N TRP C 84 35.27 1.57 45.38
CA TRP C 84 36.28 2.34 46.07
C TRP C 84 36.81 1.66 47.34
N SER C 85 35.94 1.01 48.10
CA SER C 85 36.34 0.30 49.33
C SER C 85 37.29 -0.88 49.07
N THR C 86 37.02 -1.63 48.00
CA THR C 86 37.75 -2.87 47.76
C THR C 86 38.94 -2.67 46.85
N ARG C 87 38.89 -1.65 45.98
CA ARG C 87 39.90 -1.49 44.94
C ARG C 87 40.18 -2.80 44.22
N SER C 88 39.11 -3.56 43.92
CA SER C 88 39.25 -4.85 43.26
C SER C 88 39.08 -4.73 41.76
N MET C 89 39.91 -5.46 41.01
CA MET C 89 39.78 -5.47 39.57
C MET C 89 38.74 -6.47 39.10
N GLU C 90 38.12 -7.15 40.06
CA GLU C 90 37.13 -8.17 39.73
C GLU C 90 35.80 -7.54 39.32
N ASP C 91 35.37 -7.81 38.10
CA ASP C 91 34.09 -7.28 37.59
C ASP C 91 34.05 -5.76 37.66
N THR C 92 35.21 -5.10 37.61
CA THR C 92 35.27 -3.64 37.70
C THR C 92 36.30 -3.08 36.73
N VAL C 93 35.90 -2.11 35.91
CA VAL C 93 36.87 -1.46 35.03
C VAL C 93 37.43 -0.18 35.69
N TRP C 94 38.74 -0.13 35.87
CA TRP C 94 39.41 1.04 36.46
C TRP C 94 40.15 1.84 35.38
N THR C 95 40.45 3.10 35.66
CA THR C 95 41.17 3.90 34.67
C THR C 95 42.64 3.49 34.60
N LEU C 96 43.13 2.97 35.71
CA LEU C 96 44.47 2.41 35.83
C LEU C 96 44.35 1.23 36.77
N GLU C 97 45.36 0.37 36.84
CA GLU C 97 45.44 -0.61 37.93
C GLU C 97 45.21 0.13 39.24
N PRO C 98 44.35 -0.43 40.11
CA PRO C 98 44.11 0.22 41.40
C PRO C 98 45.28 0.14 42.40
N ASP C 99 46.49 -0.09 41.90
CA ASP C 99 47.70 0.23 42.64
C ASP C 99 47.96 1.71 42.48
N GLN C 100 48.14 2.10 41.22
CA GLN C 100 48.52 3.44 40.80
C GLN C 100 47.82 4.54 41.58
N PRO C 101 48.55 5.62 41.85
CA PRO C 101 47.91 6.78 42.46
C PRO C 101 46.80 7.28 41.55
N GLY C 102 45.62 7.54 42.10
CA GLY C 102 44.52 8.13 41.33
C GLY C 102 43.81 7.24 40.33
N ALA C 103 43.78 5.93 40.56
CA ALA C 103 42.94 5.06 39.76
C ALA C 103 41.48 5.35 40.12
N ALA C 104 40.58 5.22 39.14
CA ALA C 104 39.15 5.36 39.42
C ALA C 104 38.33 4.29 38.70
N PRO C 105 37.27 3.79 39.37
CA PRO C 105 36.39 2.83 38.71
C PRO C 105 35.45 3.56 37.77
N VAL C 106 35.23 3.00 36.59
CA VAL C 106 34.30 3.57 35.61
C VAL C 106 33.19 2.59 35.20
N ARG C 107 33.30 1.33 35.60
CA ARG C 107 32.31 0.34 35.19
C ARG C 107 32.33 -0.92 36.06
N ILE C 108 31.13 -1.35 36.44
CA ILE C 108 30.95 -2.55 37.23
C ILE C 108 30.10 -3.55 36.43
N GLU C 109 30.60 -4.78 36.25
CA GLU C 109 29.82 -5.85 35.61
C GLU C 109 28.98 -6.66 36.58
N TYR C 110 27.96 -7.33 36.03
CA TYR C 110 27.08 -8.23 36.77
C TYR C 110 26.46 -7.51 37.96
N VAL C 111 25.91 -6.31 37.70
CA VAL C 111 25.25 -5.54 38.75
C VAL C 111 23.91 -6.17 39.11
N VAL C 112 23.35 -7.00 38.22
CA VAL C 112 22.10 -7.70 38.57
C VAL C 112 22.38 -8.70 39.71
N ASP C 113 23.53 -9.37 39.64
CA ASP C 113 23.91 -10.30 40.71
C ASP C 113 24.30 -9.57 42.01
N LYS C 114 24.84 -8.36 41.88
CA LYS C 114 25.41 -7.63 43.02
C LYS C 114 24.42 -6.78 43.82
N ALA C 115 23.22 -6.53 43.29
CA ALA C 115 22.26 -5.68 44.00
C ALA C 115 20.83 -6.06 43.65
N ARG C 116 20.07 -6.46 44.67
CA ARG C 116 18.68 -6.87 44.53
C ARG C 116 17.75 -5.82 43.84
N PRO C 117 17.86 -4.52 44.17
CA PRO C 117 17.04 -3.55 43.42
C PRO C 117 17.33 -3.51 41.92
N ILE C 118 18.57 -3.79 41.55
CA ILE C 118 18.96 -3.80 40.14
C ILE C 118 18.53 -5.11 39.45
N ALA C 119 18.53 -6.22 40.18
CA ALA C 119 18.01 -7.47 39.64
C ALA C 119 16.52 -7.33 39.39
N MET C 120 15.83 -6.65 40.31
CA MET C 120 14.39 -6.44 40.17
C MET C 120 14.10 -5.48 39.01
N LEU C 121 14.98 -4.50 38.80
CA LEU C 121 14.92 -3.65 37.62
C LEU C 121 15.01 -4.50 36.34
N ALA C 122 15.71 -5.63 36.42
CA ALA C 122 15.91 -6.48 35.25
C ALA C 122 14.70 -7.32 34.94
N GLY C 123 13.71 -7.27 35.84
CA GLY C 123 12.44 -7.92 35.60
C GLY C 123 11.34 -6.93 35.25
N HIS C 124 11.73 -5.66 35.07
CA HIS C 124 10.78 -4.59 34.80
C HIS C 124 9.87 -4.88 33.61
N PRO C 125 8.56 -4.96 33.87
CA PRO C 125 7.58 -5.44 32.88
C PRO C 125 7.43 -4.50 31.67
N LEU C 126 7.54 -3.19 31.88
CA LEU C 126 7.47 -2.25 30.76
C LEU C 126 8.73 -2.36 29.87
N LEU C 127 9.89 -2.43 30.50
CA LEU C 127 11.14 -2.69 29.81
C LEU C 127 11.05 -3.96 28.96
N LEU C 128 10.60 -5.05 29.58
CA LEU C 128 10.58 -6.34 28.87
C LEU C 128 9.47 -6.41 27.81
N ARG C 129 8.38 -5.70 28.02
CA ARG C 129 7.31 -5.65 27.01
C ARG C 129 7.79 -4.92 25.76
N ILE C 130 8.50 -3.80 25.97
CA ILE C 130 9.15 -3.07 24.90
C ILE C 130 10.15 -3.97 24.17
N MET C 131 10.97 -4.68 24.94
CA MET C 131 12.01 -5.52 24.37
C MET C 131 11.41 -6.70 23.62
N GLU C 132 10.34 -7.27 24.17
CA GLU C 132 9.61 -8.30 23.44
C GLU C 132 9.23 -7.85 22.03
N GLN C 133 8.79 -6.60 21.86
CA GLN C 133 8.40 -6.09 20.52
C GLN C 133 9.61 -5.76 19.59
N LEU C 134 10.68 -5.24 20.15
CA LEU C 134 11.86 -4.90 19.36
C LEU C 134 12.82 -6.08 19.09
N VAL C 135 13.08 -6.88 20.12
CA VAL C 135 13.96 -8.03 20.03
C VAL C 135 13.17 -9.29 19.66
N GLY C 136 11.90 -9.37 20.05
CA GLY C 136 11.11 -10.55 19.76
C GLY C 136 10.90 -11.41 20.99
N PRO C 137 10.06 -12.45 20.86
CA PRO C 137 9.65 -13.41 21.91
C PRO C 137 10.79 -14.18 22.56
N ASN C 138 11.92 -14.29 21.88
CA ASN C 138 12.97 -15.17 22.31
C ASN C 138 14.13 -14.39 22.93
N LEU C 139 13.84 -13.14 23.31
CA LEU C 139 14.85 -12.26 23.91
C LEU C 139 15.55 -12.92 25.12
N ILE C 140 16.85 -12.71 25.25
CA ILE C 140 17.52 -13.03 26.52
C ILE C 140 18.41 -11.89 26.97
N PRO C 141 18.50 -11.67 28.28
CA PRO C 141 19.49 -10.72 28.85
C PRO C 141 20.91 -11.20 28.65
N THR C 142 21.76 -10.38 28.02
CA THR C 142 23.16 -10.78 27.85
C THR C 142 24.06 -10.04 28.86
N TRP C 143 24.71 -8.97 28.41
CA TRP C 143 25.44 -8.07 29.27
C TRP C 143 24.55 -7.31 30.26
N ASP C 144 25.05 -7.14 31.48
CA ASP C 144 24.43 -6.24 32.46
C ASP C 144 25.55 -5.60 33.31
N SER C 145 25.45 -4.28 33.44
CA SER C 145 26.51 -3.46 34.00
C SER C 145 26.03 -2.04 34.35
N MET C 146 26.83 -1.35 35.16
CA MET C 146 26.62 0.05 35.43
C MET C 146 27.85 0.80 34.98
N VAL C 147 27.63 1.78 34.09
CA VAL C 147 28.71 2.61 33.60
C VAL C 147 28.57 3.99 34.21
N PHE C 148 29.71 4.58 34.57
CA PHE C 148 29.72 5.88 35.24
C PHE C 148 31.04 6.61 34.97
N LYS C 149 31.04 7.92 35.16
CA LYS C 149 32.19 8.72 34.79
C LYS C 149 33.03 9.04 36.02
N THR C 150 34.27 9.46 35.77
CA THR C 150 35.13 10.02 36.81
C THR C 150 34.77 11.49 37.02
N PRO C 151 34.03 11.78 38.11
CA PRO C 151 33.50 13.11 38.40
C PRO C 151 34.56 14.21 38.42
N ALA C 152 35.79 13.85 38.80
CA ALA C 152 36.93 14.76 38.71
C ALA C 152 37.12 15.25 37.29
N GLY C 153 36.84 14.39 36.31
CA GLY C 153 37.00 14.72 34.90
C GLY C 153 36.94 13.47 34.04
N ALA C 154 36.37 13.59 32.85
CA ALA C 154 36.23 12.42 31.99
C ALA C 154 36.55 12.73 30.54
N PRO C 155 37.36 11.87 29.91
CA PRO C 155 37.65 12.01 28.47
C PRO C 155 36.39 11.83 27.66
N ARG C 156 36.43 12.25 26.40
CA ARG C 156 35.29 12.02 25.52
C ARG C 156 35.20 10.54 25.18
N LEU C 157 34.01 10.10 24.79
CA LEU C 157 33.79 8.75 24.28
C LEU C 157 33.88 8.81 22.76
N ALA C 158 34.88 8.16 22.17
CA ALA C 158 35.04 8.21 20.71
C ALA C 158 33.80 7.65 20.00
N TRP C 159 33.44 8.23 18.85
CA TRP C 159 32.32 7.72 18.04
C TRP C 159 32.58 6.28 17.67
N HIS C 160 31.64 5.40 17.97
CA HIS C 160 31.84 3.97 17.74
C HIS C 160 30.54 3.15 17.66
N ARG C 161 30.68 1.92 17.19
CA ARG C 161 29.67 0.88 17.35
C ARG C 161 30.07 -0.02 18.49
N ASP C 162 29.10 -0.65 19.13
CA ASP C 162 29.36 -1.72 20.10
C ASP C 162 29.52 -3.03 19.36
N ALA C 163 29.99 -4.07 20.06
CA ALA C 163 30.39 -5.32 19.41
C ALA C 163 29.24 -6.31 19.19
N GLY C 164 28.83 -6.48 17.93
CA GLY C 164 27.83 -7.47 17.60
C GLY C 164 28.46 -8.82 17.31
N LEU C 165 29.74 -8.77 16.96
CA LEU C 165 30.53 -9.94 16.60
C LEU C 165 29.88 -10.77 15.47
N TYR C 166 29.23 -10.10 14.52
CA TYR C 166 28.56 -10.85 13.45
C TYR C 166 29.04 -10.46 12.05
N ASP C 167 29.31 -11.48 11.22
CA ASP C 167 29.48 -11.23 9.79
C ASP C 167 28.13 -10.77 9.24
N ASN C 168 28.16 -9.86 8.27
CA ASN C 168 26.93 -9.31 7.71
C ASN C 168 26.03 -8.77 8.80
N ALA C 169 26.61 -7.93 9.66
CA ALA C 169 25.94 -7.49 10.88
C ALA C 169 24.70 -6.66 10.56
N VAL C 170 24.75 -5.86 9.51
CA VAL C 170 23.59 -5.06 9.14
C VAL C 170 22.46 -5.95 8.61
N GLY C 171 22.83 -6.96 7.82
CA GLY C 171 21.88 -7.98 7.39
C GLY C 171 21.22 -8.67 8.57
N VAL C 172 21.99 -8.95 9.61
CA VAL C 172 21.47 -9.67 10.76
C VAL C 172 20.68 -8.78 11.74
N THR C 173 21.13 -7.55 11.97
CA THR C 173 20.52 -6.81 13.07
C THR C 173 20.52 -5.29 12.89
N GLY C 174 20.73 -4.82 11.68
CA GLY C 174 20.54 -3.41 11.38
C GLY C 174 19.14 -2.94 11.75
N ALA C 175 18.19 -3.88 11.74
CA ALA C 175 16.80 -3.59 12.07
C ALA C 175 16.57 -3.44 13.58
N GLY C 176 17.57 -3.75 14.39
CA GLY C 176 17.49 -3.47 15.82
C GLY C 176 16.98 -4.62 16.68
N ARG C 177 17.68 -5.76 16.58
CA ARG C 177 17.31 -6.96 17.31
C ARG C 177 18.30 -7.23 18.43
N VAL C 178 19.45 -6.55 18.36
CA VAL C 178 20.44 -6.58 19.42
C VAL C 178 20.53 -5.18 20.04
N ILE C 179 19.92 -5.04 21.22
CA ILE C 179 19.68 -3.70 21.76
C ILE C 179 20.35 -3.48 23.09
N ASP C 180 20.92 -2.30 23.22
CA ASP C 180 21.38 -1.79 24.50
C ASP C 180 20.31 -0.93 25.17
N ALA C 181 19.82 -1.37 26.32
CA ALA C 181 18.93 -0.55 27.14
C ALA C 181 19.74 0.21 28.21
N GLY C 182 19.72 1.54 28.12
CA GLY C 182 20.35 2.37 29.14
C GLY C 182 19.35 3.05 30.05
N ILE C 183 19.35 2.66 31.30
CA ILE C 183 18.48 3.28 32.29
C ILE C 183 19.27 4.30 33.16
N TYR C 184 18.81 5.54 33.14
CA TYR C 184 19.57 6.70 33.66
C TYR C 184 19.24 6.96 35.12
N LEU C 185 20.25 6.92 35.97
CA LEU C 185 20.11 7.31 37.38
C LEU C 185 20.41 8.81 37.60
N ASP C 186 21.12 9.40 36.66
CA ASP C 186 21.48 10.80 36.74
C ASP C 186 21.01 11.48 35.46
N PRO C 187 20.70 12.80 35.55
CA PRO C 187 20.34 13.59 34.36
C PRO C 187 21.45 13.54 33.34
N ALA C 188 21.09 13.60 32.07
CA ALA C 188 22.07 13.74 31.02
C ALA C 188 21.59 14.83 30.06
N PRO C 189 21.86 16.10 30.40
CA PRO C 189 21.45 17.24 29.58
C PRO C 189 22.37 17.38 28.39
N GLU C 190 21.97 18.22 27.44
CA GLU C 190 22.66 18.33 26.17
C GLU C 190 24.18 18.55 26.24
N ASP C 191 24.68 19.31 27.22
CA ASP C 191 26.12 19.50 27.31
C ASP C 191 26.83 18.25 27.89
N ASN C 192 26.05 17.31 28.44
CA ASN C 192 26.61 16.07 29.00
C ASN C 192 25.74 14.83 28.74
N CYS C 193 25.71 14.37 27.50
CA CYS C 193 24.82 13.28 27.10
C CYS C 193 25.40 12.49 25.91
N VAL C 194 24.85 11.30 25.66
CA VAL C 194 25.20 10.51 24.48
C VAL C 194 24.68 11.21 23.21
N TRP C 195 25.50 11.23 22.17
CA TRP C 195 25.03 11.68 20.88
C TRP C 195 25.08 10.51 19.92
N CYS C 196 24.21 10.48 18.93
CA CYS C 196 24.30 9.36 18.01
C CYS C 196 23.96 9.79 16.61
N ILE C 197 24.33 8.94 15.66
CA ILE C 197 24.02 9.20 14.27
C ILE C 197 22.89 8.30 13.81
N PRO C 198 21.70 8.87 13.66
CA PRO C 198 20.52 8.07 13.28
C PRO C 198 20.78 7.37 11.97
N GLU C 199 20.37 6.10 11.87
CA GLU C 199 20.34 5.31 10.63
C GLU C 199 21.69 4.71 10.29
N SER C 200 22.72 5.11 11.05
CA SER C 200 24.08 4.60 10.84
C SER C 200 24.14 3.11 11.18
N ASN C 201 23.11 2.61 11.84
CA ASN C 201 22.93 1.16 11.98
C ASN C 201 22.79 0.38 10.66
N TYR C 202 22.48 1.06 9.54
CA TYR C 202 22.41 0.39 8.22
C TYR C 202 23.67 0.57 7.35
N TRP C 203 24.64 1.33 7.85
CA TRP C 203 25.87 1.61 7.12
C TRP C 203 26.77 0.40 6.93
N GLY C 204 27.33 0.27 5.72
CA GLY C 204 28.37 -0.71 5.48
C GLY C 204 29.65 -0.33 6.21
N ASP C 205 30.52 -1.33 6.43
CA ASP C 205 31.80 -1.16 7.13
C ASP C 205 32.67 0.00 6.65
N ASP C 206 32.85 0.14 5.34
CA ASP C 206 33.63 1.25 4.78
C ASP C 206 33.09 2.61 5.21
N ARG C 207 31.81 2.84 4.93
CA ARG C 207 31.18 4.12 5.27
C ARG C 207 31.24 4.42 6.78
N LEU C 208 31.13 3.38 7.59
CA LEU C 208 31.10 3.57 9.02
C LEU C 208 32.43 4.09 9.56
N THR C 209 33.50 3.32 9.34
CA THR C 209 34.85 3.70 9.78
C THR C 209 35.32 5.06 9.25
N ALA C 210 35.20 5.26 7.95
CA ALA C 210 35.57 6.54 7.36
C ALA C 210 34.90 7.68 8.12
N THR C 211 33.58 7.55 8.32
CA THR C 211 32.82 8.55 9.06
C THR C 211 33.24 8.63 10.53
N ALA C 212 33.50 7.47 11.14
CA ALA C 212 33.91 7.41 12.53
C ALA C 212 35.22 8.15 12.74
N ASP C 213 36.18 7.88 11.85
CA ASP C 213 37.50 8.50 11.90
C ASP C 213 37.44 10.00 11.59
N GLN C 214 36.74 10.36 10.52
CA GLN C 214 36.43 11.76 10.21
C GLN C 214 35.96 12.54 11.45
N LEU C 215 35.01 11.95 12.18
CA LEU C 215 34.51 12.55 13.40
C LEU C 215 35.57 12.55 14.50
N ASN C 216 36.23 11.41 14.66
CA ASN C 216 37.24 11.27 15.68
C ASN C 216 38.52 12.02 15.30
N ALA C 217 38.62 12.47 14.05
CA ALA C 217 39.76 13.28 13.63
C ALA C 217 39.75 14.59 14.40
N SER C 218 38.58 15.19 14.51
CA SER C 218 38.36 16.39 15.32
C SER C 218 38.33 16.04 16.80
N GLU C 219 38.24 17.05 17.66
CA GLU C 219 38.22 16.82 19.10
C GLU C 219 36.80 16.49 19.55
N TRP C 220 35.85 17.28 19.08
CA TRP C 220 34.43 17.00 19.28
C TRP C 220 33.66 17.77 18.22
N ASP C 221 32.54 17.19 17.79
CA ASP C 221 31.76 17.69 16.67
C ASP C 221 30.47 16.88 16.50
N THR C 222 29.33 17.58 16.48
CA THR C 222 28.04 16.91 16.36
C THR C 222 27.29 17.26 15.07
N THR C 223 27.95 17.08 13.93
CA THR C 223 27.30 17.34 12.64
C THR C 223 26.68 16.06 12.11
N GLY C 224 25.37 16.08 11.92
CA GLY C 224 24.66 14.89 11.53
C GLY C 224 24.31 14.04 12.73
N ALA C 225 24.72 14.48 13.93
CA ALA C 225 24.37 13.77 15.16
C ALA C 225 23.23 14.46 15.86
N VAL C 226 22.56 13.73 16.74
CA VAL C 226 21.47 14.26 17.55
C VAL C 226 21.67 13.78 18.99
N PRO C 227 21.21 14.57 19.97
CA PRO C 227 21.41 14.26 21.39
C PRO C 227 20.32 13.40 21.98
N ALA C 228 20.69 12.62 22.99
CA ALA C 228 19.73 11.92 23.82
C ALA C 228 19.74 12.58 25.17
N VAL C 229 18.89 13.59 25.33
CA VAL C 229 18.77 14.34 26.58
C VAL C 229 17.85 13.59 27.55
N MET C 230 18.38 13.20 28.70
CA MET C 230 17.68 12.31 29.60
C MET C 230 17.38 12.92 30.96
N GLN C 231 16.23 12.56 31.53
CA GLN C 231 15.98 12.77 32.95
C GLN C 231 16.22 11.44 33.70
N PRO C 232 16.52 11.51 35.01
CA PRO C 232 16.61 10.28 35.82
C PRO C 232 15.34 9.44 35.71
N GLY C 233 15.48 8.14 35.43
CA GLY C 233 14.34 7.26 35.25
C GLY C 233 13.88 7.12 33.81
N ASP C 234 14.51 7.89 32.91
CA ASP C 234 14.29 7.72 31.48
C ASP C 234 15.03 6.48 31.01
N LEU C 235 14.72 6.06 29.79
CA LEU C 235 15.36 4.90 29.18
C LEU C 235 15.82 5.23 27.75
N LEU C 236 17.11 5.10 27.47
CA LEU C 236 17.61 5.17 26.09
C LEU C 236 17.83 3.78 25.49
N LEU C 237 17.15 3.52 24.38
CA LEU C 237 17.34 2.27 23.65
C LEU C 237 18.19 2.53 22.41
N HIS C 238 19.27 1.77 22.25
CA HIS C 238 20.00 1.86 20.99
C HIS C 238 20.46 0.53 20.42
N ASN C 239 20.41 0.50 19.11
CA ASN C 239 20.94 -0.54 18.28
C ASN C 239 22.44 -0.48 18.43
N ILE C 240 23.08 -1.60 18.79
CA ILE C 240 24.52 -1.59 18.98
C ILE C 240 25.28 -1.19 17.71
N LEU C 241 24.60 -1.14 16.56
CA LEU C 241 25.23 -0.73 15.32
C LEU C 241 25.13 0.77 15.06
N THR C 242 24.36 1.46 15.89
CA THR C 242 24.22 2.90 15.76
C THR C 242 25.48 3.57 16.30
N LEU C 243 26.20 4.26 15.42
CA LEU C 243 27.38 5.01 15.80
C LEU C 243 27.01 6.05 16.85
N HIS C 244 27.68 6.00 17.98
CA HIS C 244 27.41 6.95 19.05
C HIS C 244 28.69 7.39 19.75
N GLY C 245 28.61 8.52 20.44
CA GLY C 245 29.73 9.01 21.20
C GLY C 245 29.28 10.03 22.23
N ALA C 246 30.23 10.60 22.96
CA ALA C 246 29.92 11.56 24.00
C ALA C 246 31.08 12.54 24.17
N PRO C 247 30.78 13.78 24.57
CA PRO C 247 31.85 14.77 24.78
C PRO C 247 32.64 14.54 26.07
N ALA C 248 33.82 15.16 26.16
CA ALA C 248 34.55 15.17 27.43
C ALA C 248 33.77 15.99 28.46
N VAL C 249 33.71 15.52 29.71
CA VAL C 249 32.99 16.30 30.73
C VAL C 249 33.63 16.24 32.12
N VAL C 250 33.06 17.04 33.01
CA VAL C 250 33.61 17.18 34.34
C VAL C 250 32.51 17.42 35.38
N GLY C 251 32.75 16.96 36.62
CA GLY C 251 31.89 17.27 37.75
C GLY C 251 30.71 16.32 37.91
N LYS C 252 30.35 15.66 36.81
CA LYS C 252 29.16 14.83 36.81
C LYS C 252 29.54 13.35 36.83
N GLN C 253 28.81 12.59 37.64
CA GLN C 253 29.05 11.15 37.78
C GLN C 253 28.33 10.35 36.69
N ARG C 254 27.14 10.84 36.29
CA ARG C 254 26.40 10.32 35.15
C ARG C 254 26.30 8.81 35.08
N ARG C 255 25.61 8.22 36.05
CA ARG C 255 25.47 6.77 36.15
C ARG C 255 24.36 6.21 35.26
N VAL C 256 24.71 5.24 34.42
CA VAL C 256 23.74 4.54 33.58
C VAL C 256 23.85 3.01 33.74
N ILE C 257 22.72 2.38 34.02
CA ILE C 257 22.66 0.92 34.04
C ILE C 257 22.35 0.36 32.64
N TYR C 258 23.22 -0.51 32.15
CA TYR C 258 23.10 -1.09 30.81
C TYR C 258 22.71 -2.56 30.81
N PHE C 259 21.55 -2.82 30.21
CA PHE C 259 21.08 -4.17 29.96
C PHE C 259 21.10 -4.40 28.44
N GLU C 260 21.88 -5.35 27.95
CA GLU C 260 21.82 -5.68 26.54
C GLU C 260 20.91 -6.89 26.35
N TYR C 261 20.27 -6.97 25.18
CA TYR C 261 19.41 -8.10 24.82
C TYR C 261 19.68 -8.63 23.42
N ARG C 262 19.62 -9.96 23.27
CA ARG C 262 19.70 -10.60 21.96
C ARG C 262 18.59 -11.63 21.83
N PRO C 263 18.21 -11.97 20.58
CA PRO C 263 17.30 -13.11 20.40
C PRO C 263 18.01 -14.43 20.70
N ALA C 264 17.33 -15.36 21.38
CA ALA C 264 17.98 -16.64 21.69
C ALA C 264 18.39 -17.38 20.41
N GLU C 265 17.61 -17.23 19.34
CA GLU C 265 17.89 -17.98 18.11
C GLU C 265 19.10 -17.39 17.35
N VAL C 266 19.31 -16.09 17.50
CA VAL C 266 20.52 -15.47 16.97
C VAL C 266 21.73 -15.99 17.76
N GLU C 267 21.61 -15.95 19.07
CA GLU C 267 22.68 -16.40 19.96
C GLU C 267 22.94 -17.90 19.72
N TRP C 268 21.86 -18.66 19.52
CA TRP C 268 21.95 -20.11 19.32
C TRP C 268 22.77 -20.51 18.10
N GLN C 269 22.53 -19.83 16.98
CA GLN C 269 23.22 -20.14 15.74
C GLN C 269 24.49 -19.34 15.54
N LEU C 270 24.50 -18.10 16.01
CA LEU C 270 25.61 -17.22 15.66
C LEU C 270 26.56 -16.87 16.80
N GLY C 271 26.23 -17.22 18.03
CA GLY C 271 27.05 -16.83 19.17
C GLY C 271 26.72 -15.39 19.56
N PRO C 272 27.66 -14.66 20.19
CA PRO C 272 29.05 -15.04 20.52
C PRO C 272 29.18 -16.01 21.70
N HIS C 273 28.12 -16.21 22.47
CA HIS C 273 28.16 -17.09 23.60
C HIS C 273 27.98 -18.55 23.22
N SER C 274 28.35 -19.45 24.14
CA SER C 274 28.13 -20.88 23.96
C SER C 274 26.63 -21.15 24.02
N ALA C 275 26.22 -22.32 23.54
CA ALA C 275 24.80 -22.69 23.45
C ALA C 275 24.15 -22.84 24.82
N GLU C 276 24.93 -23.28 25.80
CA GLU C 276 24.43 -23.50 27.15
C GLU C 276 24.07 -22.16 27.85
N TYR C 277 24.73 -21.09 27.41
CA TYR C 277 24.51 -19.74 27.93
C TYR C 277 23.04 -19.28 27.86
N ILE C 278 22.32 -19.67 26.80
CA ILE C 278 20.95 -19.21 26.56
C ILE C 278 19.99 -19.61 27.68
N GLY C 279 20.01 -20.89 28.04
CA GLY C 279 19.14 -21.40 29.09
C GLY C 279 19.55 -20.86 30.47
N LEU C 280 20.83 -20.65 30.67
CA LEU C 280 21.27 -20.05 31.94
C LEU C 280 20.72 -18.61 32.07
N LYS C 281 20.81 -17.82 31.01
CA LYS C 281 20.32 -16.45 31.10
C LYS C 281 18.80 -16.36 31.12
N GLN C 282 18.12 -17.36 30.57
CA GLN C 282 16.67 -17.43 30.71
C GLN C 282 16.31 -17.66 32.15
N GLN C 283 17.12 -18.49 32.82
CA GLN C 283 16.90 -18.76 34.24
C GLN C 283 17.05 -17.48 35.05
N VAL C 284 18.00 -16.63 34.67
CA VAL C 284 18.20 -15.32 35.29
C VAL C 284 17.00 -14.40 35.07
N LEU C 285 16.49 -14.34 33.83
CA LEU C 285 15.34 -13.48 33.53
C LEU C 285 14.10 -13.85 34.36
N ARG C 286 13.74 -15.13 34.32
CA ARG C 286 12.64 -15.68 35.12
C ARG C 286 12.81 -15.40 36.60
N SER C 287 14.00 -15.63 37.12
CA SER C 287 14.26 -15.35 38.53
C SER C 287 14.15 -13.86 38.84
N CYS C 288 14.57 -13.01 37.90
CA CYS C 288 14.42 -11.57 38.10
C CYS C 288 12.96 -11.17 38.08
N ILE C 289 12.20 -11.78 37.17
CA ILE C 289 10.77 -11.49 37.04
C ILE C 289 10.00 -11.92 38.29
N GLN C 290 10.26 -13.12 38.76
CA GLN C 290 9.68 -13.62 40.02
C GLN C 290 10.02 -12.75 41.24
N MET C 291 11.28 -12.38 41.36
CA MET C 291 11.76 -11.60 42.49
C MET C 291 11.00 -10.28 42.57
N ARG C 292 10.85 -9.63 41.42
CA ARG C 292 10.12 -8.39 41.33
C ARG C 292 8.64 -8.58 41.67
N ALA C 293 8.07 -9.67 41.16
CA ALA C 293 6.66 -9.99 41.36
C ALA C 293 6.32 -10.20 42.84
N ASN C 294 7.30 -10.62 43.63
CA ASN C 294 7.14 -10.83 45.07
C ASN C 294 7.35 -9.57 45.91
N GLU C 295 7.78 -8.49 45.29
CA GLU C 295 8.02 -7.26 46.05
C GLU C 295 6.70 -6.48 46.20
N PRO C 296 6.45 -5.97 47.41
CA PRO C 296 5.23 -5.21 47.74
C PRO C 296 4.97 -3.98 46.86
N GLN C 297 5.96 -3.14 46.59
CA GLN C 297 5.69 -1.92 45.84
C GLN C 297 5.37 -2.23 44.37
N PHE C 298 5.61 -3.46 43.94
CA PHE C 298 5.38 -3.81 42.54
C PHE C 298 4.17 -4.72 42.38
N GLY C 299 3.37 -4.85 43.43
CA GLY C 299 2.15 -5.66 43.39
C GLY C 299 1.09 -5.14 42.42
N ASP C 300 1.20 -3.88 42.02
CA ASP C 300 0.23 -3.30 41.10
C ASP C 300 0.56 -3.62 39.63
N GLU C 301 1.69 -4.31 39.40
CA GLU C 301 2.14 -4.58 38.04
C GLU C 301 1.65 -5.91 37.52
N GLU C 302 1.42 -5.98 36.22
CA GLU C 302 1.26 -7.26 35.53
C GLU C 302 2.63 -7.73 35.09
N PRO C 303 3.12 -8.81 35.70
CA PRO C 303 4.43 -9.37 35.34
C PRO C 303 4.57 -9.70 33.86
N PHE C 304 5.77 -9.48 33.33
CA PHE C 304 6.10 -9.95 31.99
C PHE C 304 5.96 -11.47 31.92
N ASP C 305 5.13 -11.90 30.97
CA ASP C 305 4.93 -13.31 30.67
C ASP C 305 5.94 -13.79 29.64
N TYR C 306 7.08 -14.33 30.07
CA TYR C 306 8.13 -14.75 29.15
C TYR C 306 7.75 -15.99 28.35
N GLN C 307 7.61 -15.83 27.04
CA GLN C 307 7.06 -16.92 26.22
C GLN C 307 7.79 -17.16 24.91
N PRO C 308 9.01 -17.70 24.97
CA PRO C 308 9.64 -17.98 23.68
C PRO C 308 8.99 -19.17 23.00
N ALA C 309 9.33 -19.38 21.73
CA ALA C 309 8.98 -20.60 21.03
C ALA C 309 9.44 -21.83 21.82
N GLU C 310 8.74 -22.96 21.63
CA GLU C 310 9.01 -24.19 22.40
C GLU C 310 10.44 -24.67 22.29
N SER C 311 10.98 -24.71 21.08
CA SER C 311 12.29 -25.28 20.86
C SER C 311 13.42 -24.37 21.42
N LEU C 312 13.07 -23.19 21.90
CA LEU C 312 14.08 -22.30 22.44
C LEU C 312 13.92 -22.08 23.93
N ARG C 313 13.07 -22.85 24.59
CA ARG C 313 13.03 -22.83 26.05
C ARG C 313 14.08 -23.79 26.58
N HIS C 314 15.16 -23.25 27.14
CA HIS C 314 16.25 -24.08 27.59
C HIS C 314 16.52 -23.95 29.09
N TRP C 315 15.55 -23.46 29.85
CA TRP C 315 15.84 -23.11 31.24
C TRP C 315 15.73 -24.27 32.19
N VAL C 316 15.14 -25.37 31.73
CA VAL C 316 15.11 -26.62 32.48
C VAL C 316 16.37 -27.48 32.24
N ASP C 317 17.12 -27.14 31.19
CA ASP C 317 18.30 -27.89 30.76
C ASP C 317 19.33 -28.09 31.85
N ARG C 318 19.46 -27.09 32.73
CA ARG C 318 20.47 -27.09 33.77
C ARG C 318 19.83 -27.08 35.17
N PRO C 319 20.63 -27.40 36.21
CA PRO C 319 20.16 -27.26 37.60
C PRO C 319 19.82 -25.81 37.93
N GLU C 320 18.88 -25.58 38.86
CA GLU C 320 18.54 -24.23 39.27
C GLU C 320 19.80 -23.46 39.62
N ILE C 321 19.95 -22.31 38.98
CA ILE C 321 21.12 -21.47 39.18
C ILE C 321 21.22 -21.01 40.64
N ASP C 322 22.42 -20.77 41.12
CA ASP C 322 22.55 -20.25 42.49
C ASP C 322 23.18 -18.87 42.48
N THR C 323 23.49 -18.40 41.27
CA THR C 323 24.03 -17.08 41.06
C THR C 323 23.26 -16.40 39.93
N LEU C 324 23.42 -15.09 39.78
CA LEU C 324 22.85 -14.38 38.63
C LEU C 324 23.99 -13.92 37.75
N ARG C 325 25.18 -14.43 38.04
CA ARG C 325 26.40 -14.00 37.37
C ARG C 325 26.92 -15.08 36.43
N PHE C 326 26.97 -14.78 35.14
CA PHE C 326 27.50 -15.74 34.19
C PHE C 326 28.55 -15.07 33.34
N ALA C 327 29.79 -15.33 33.72
CA ALA C 327 30.93 -14.66 33.15
C ALA C 327 31.09 -15.06 31.70
N HIS C 328 30.99 -14.05 30.84
CA HIS C 328 31.05 -14.18 29.40
C HIS C 328 32.15 -15.11 28.91
N GLU C 329 33.38 -14.86 29.34
CA GLU C 329 34.53 -15.66 28.93
C GLU C 329 34.41 -17.12 29.34
N GLU C 330 33.58 -17.41 30.34
CA GLU C 330 33.31 -18.81 30.67
C GLU C 330 32.19 -19.45 29.84
N TYR C 331 31.53 -18.69 28.99
CA TYR C 331 30.47 -19.23 28.13
C TYR C 331 30.59 -18.60 26.75
N TRP C 332 31.75 -18.77 26.13
CA TRP C 332 32.07 -18.13 24.86
C TRP C 332 32.17 -19.17 23.73
N ARG C 333 32.28 -18.70 22.50
CA ARG C 333 32.46 -19.59 21.34
C ARG C 333 33.88 -19.50 20.79
N ASN D 32 -1.00 -22.56 20.16
CA ASN D 32 -1.48 -23.70 19.37
C ASN D 32 -2.29 -23.26 18.13
N ARG D 33 -3.45 -22.66 18.36
CA ARG D 33 -4.32 -22.17 17.29
C ARG D 33 -3.78 -20.91 16.59
N ILE D 34 -3.97 -20.81 15.27
CA ILE D 34 -3.45 -19.67 14.51
C ILE D 34 -4.18 -18.37 14.81
N ALA D 35 -3.42 -17.38 15.26
CA ALA D 35 -3.99 -16.07 15.65
C ALA D 35 -4.71 -15.32 14.52
N GLU D 36 -5.75 -14.58 14.89
CA GLU D 36 -6.53 -13.87 13.89
C GLU D 36 -6.54 -12.38 14.14
N CYS D 37 -6.23 -11.62 13.10
CA CYS D 37 -6.29 -10.19 13.21
C CYS D 37 -7.44 -9.61 12.38
N ASP D 38 -8.52 -9.21 13.05
CA ASP D 38 -9.60 -8.49 12.37
C ASP D 38 -9.11 -7.08 12.05
N ILE D 39 -8.43 -6.94 10.93
CA ILE D 39 -7.57 -5.78 10.69
C ILE D 39 -8.34 -4.46 10.63
N ARG D 40 -9.54 -4.45 10.04
CA ARG D 40 -10.28 -3.19 9.89
C ARG D 40 -10.96 -2.78 11.20
N ARG D 41 -11.14 -3.71 12.13
CA ARG D 41 -11.74 -3.38 13.41
C ARG D 41 -10.70 -3.02 14.51
N THR D 42 -9.59 -3.74 14.57
CA THR D 42 -8.65 -3.54 15.66
C THR D 42 -7.33 -2.90 15.28
N GLY D 43 -6.98 -2.96 14.00
CA GLY D 43 -5.61 -2.70 13.59
C GLY D 43 -4.71 -3.89 13.93
N LEU D 44 -3.43 -3.81 13.55
CA LEU D 44 -2.46 -4.84 13.91
C LEU D 44 -2.01 -4.55 15.34
N LEU D 45 -2.33 -5.45 16.24
CA LEU D 45 -2.01 -5.26 17.65
C LEU D 45 -0.69 -5.92 17.97
N PRO D 46 -0.06 -5.52 19.10
CA PRO D 46 1.19 -6.13 19.60
C PRO D 46 1.10 -7.64 19.74
N GLU D 47 0.00 -8.16 20.29
CA GLU D 47 -0.19 -9.61 20.39
C GLU D 47 -0.20 -10.31 19.02
N HIS D 48 -0.62 -9.62 17.96
CA HIS D 48 -0.64 -10.24 16.63
C HIS D 48 0.79 -10.36 16.12
N VAL D 49 1.58 -9.33 16.35
CA VAL D 49 2.98 -9.32 15.97
C VAL D 49 3.74 -10.41 16.71
N THR D 50 3.48 -10.55 18.01
CA THR D 50 4.08 -11.60 18.82
C THR D 50 3.66 -13.00 18.34
N ALA D 51 2.37 -13.20 18.14
CA ALA D 51 1.86 -14.44 17.58
C ALA D 51 2.59 -14.77 16.28
N PHE D 52 2.73 -13.77 15.41
CA PHE D 52 3.37 -14.01 14.14
C PHE D 52 4.84 -14.40 14.30
N ARG D 53 5.53 -13.75 15.24
CA ARG D 53 6.97 -13.99 15.40
C ARG D 53 7.22 -15.31 16.08
N ARG D 54 6.42 -15.64 17.07
CA ARG D 54 6.53 -16.94 17.75
C ARG D 54 6.05 -18.11 16.85
N GLN D 55 4.87 -17.99 16.25
CA GLN D 55 4.26 -19.11 15.54
C GLN D 55 4.66 -19.21 14.07
N GLY D 56 5.03 -18.11 13.45
CA GLY D 56 5.43 -18.16 12.06
C GLY D 56 4.27 -17.99 11.09
N VAL D 57 3.08 -17.73 11.62
CA VAL D 57 1.89 -17.61 10.79
C VAL D 57 0.90 -16.63 11.42
N LEU D 58 0.17 -15.86 10.60
CA LEU D 58 -0.92 -15.01 11.09
C LEU D 58 -2.04 -14.87 10.07
N VAL D 59 -3.28 -14.98 10.52
CA VAL D 59 -4.44 -14.85 9.63
C VAL D 59 -5.01 -13.46 9.76
N VAL D 60 -5.15 -12.75 8.65
CA VAL D 60 -5.70 -11.41 8.70
C VAL D 60 -7.08 -11.41 8.05
N ARG D 61 -8.12 -11.13 8.83
CA ARG D 61 -9.50 -11.14 8.31
C ARG D 61 -9.92 -9.81 7.68
N GLY D 62 -10.48 -9.91 6.49
CA GLY D 62 -11.08 -8.77 5.81
C GLY D 62 -10.13 -7.69 5.34
N LEU D 63 -9.06 -8.09 4.67
CA LEU D 63 -8.11 -7.14 4.11
C LEU D 63 -8.77 -6.32 3.01
N LEU D 64 -9.50 -7.00 2.14
CA LEU D 64 -10.17 -6.33 1.02
C LEU D 64 -11.59 -5.88 1.36
N THR D 65 -12.00 -4.73 0.82
CA THR D 65 -13.43 -4.41 0.73
C THR D 65 -14.12 -5.36 -0.27
N PRO D 66 -15.44 -5.56 -0.12
CA PRO D 66 -16.21 -6.35 -1.09
C PRO D 66 -15.95 -5.92 -2.52
N GLN D 67 -15.82 -4.62 -2.74
CA GLN D 67 -15.57 -4.09 -4.08
C GLN D 67 -14.19 -4.45 -4.60
N GLU D 68 -13.16 -4.31 -3.77
CA GLU D 68 -11.81 -4.60 -4.26
C GLU D 68 -11.64 -6.10 -4.47
N LEU D 69 -12.33 -6.88 -3.65
CA LEU D 69 -12.33 -8.33 -3.81
C LEU D 69 -12.85 -8.69 -5.21
N ALA D 70 -14.04 -8.20 -5.55
CA ALA D 70 -14.63 -8.46 -6.87
C ALA D 70 -13.68 -8.08 -8.01
N ASP D 71 -13.09 -6.88 -7.94
CA ASP D 71 -12.12 -6.44 -8.95
C ASP D 71 -11.00 -7.45 -9.12
N VAL D 72 -10.48 -7.92 -7.99
CA VAL D 72 -9.29 -8.75 -8.00
C VAL D 72 -9.67 -10.17 -8.46
N GLN D 73 -10.85 -10.63 -8.05
CA GLN D 73 -11.39 -11.89 -8.52
C GLN D 73 -11.52 -11.91 -10.06
N GLU D 74 -12.06 -10.82 -10.61
CA GLU D 74 -12.20 -10.70 -12.06
C GLU D 74 -10.86 -10.70 -12.80
N ALA D 75 -9.85 -10.04 -12.24
CA ALA D 75 -8.54 -10.06 -12.89
C ALA D 75 -7.98 -11.49 -12.89
N GLY D 76 -8.17 -12.20 -11.78
CA GLY D 76 -7.72 -13.59 -11.69
C GLY D 76 -8.45 -14.46 -12.71
N ARG D 77 -9.78 -14.34 -12.74
CA ARG D 77 -10.61 -15.03 -13.72
C ARG D 77 -10.13 -14.79 -15.15
N ALA D 78 -9.90 -13.52 -15.49
CA ALA D 78 -9.50 -13.17 -16.84
C ALA D 78 -8.06 -13.60 -17.18
N LEU D 79 -7.17 -13.59 -16.18
CA LEU D 79 -5.80 -14.07 -16.37
C LEU D 79 -5.73 -15.58 -16.65
N ILE D 80 -6.54 -16.33 -15.92
CA ILE D 80 -6.51 -17.78 -16.06
C ILE D 80 -7.13 -18.21 -17.41
N ASP D 81 -8.23 -17.57 -17.83
CA ASP D 81 -8.87 -17.91 -19.09
C ASP D 81 -7.89 -17.69 -20.24
N ARG D 82 -7.13 -16.61 -20.12
CA ARG D 82 -6.19 -16.21 -21.15
C ARG D 82 -5.03 -17.21 -21.24
N ALA D 83 -4.64 -17.77 -20.10
CA ALA D 83 -3.67 -18.86 -20.12
C ALA D 83 -4.23 -20.09 -20.86
N TRP D 84 -5.50 -20.42 -20.61
CA TRP D 84 -6.14 -21.54 -21.31
C TRP D 84 -6.24 -21.26 -22.81
N SER D 85 -6.64 -20.04 -23.17
CA SER D 85 -6.84 -19.66 -24.56
C SER D 85 -5.52 -19.63 -25.35
N THR D 86 -4.52 -18.94 -24.81
CA THR D 86 -3.25 -18.82 -25.50
C THR D 86 -2.45 -20.11 -25.47
N ARG D 87 -2.71 -20.93 -24.45
CA ARG D 87 -1.98 -22.19 -24.26
C ARG D 87 -0.48 -21.95 -24.16
N SER D 88 -0.11 -20.76 -23.72
CA SER D 88 1.29 -20.36 -23.71
C SER D 88 1.97 -20.59 -22.35
N MET D 89 3.26 -20.92 -22.40
CA MET D 89 4.01 -21.20 -21.18
C MET D 89 4.80 -20.00 -20.68
N GLU D 90 4.53 -18.82 -21.22
CA GLU D 90 5.29 -17.66 -20.80
C GLU D 90 4.78 -17.16 -19.44
N ASP D 91 5.68 -17.12 -18.46
CA ASP D 91 5.37 -16.75 -17.08
C ASP D 91 4.26 -17.63 -16.48
N THR D 92 4.06 -18.83 -17.03
CA THR D 92 2.94 -19.69 -16.63
C THR D 92 3.40 -21.14 -16.44
N VAL D 93 3.21 -21.70 -15.24
CA VAL D 93 3.55 -23.10 -15.01
C VAL D 93 2.42 -24.02 -15.44
N TRP D 94 2.77 -25.04 -16.23
CA TRP D 94 1.82 -26.03 -16.70
C TRP D 94 2.15 -27.41 -16.12
N THR D 95 1.12 -28.23 -15.92
CA THR D 95 1.33 -29.58 -15.42
C THR D 95 1.92 -30.44 -16.51
N LEU D 96 1.45 -30.23 -17.74
CA LEU D 96 2.01 -30.90 -18.92
C LEU D 96 2.20 -29.86 -19.98
N GLU D 97 2.74 -30.28 -21.12
CA GLU D 97 2.72 -29.41 -22.29
C GLU D 97 1.26 -29.05 -22.60
N PRO D 98 0.98 -27.76 -22.81
CA PRO D 98 -0.37 -27.24 -23.01
C PRO D 98 -1.19 -27.97 -24.08
N ASP D 99 -0.52 -28.71 -24.95
CA ASP D 99 -1.18 -29.46 -26.02
C ASP D 99 -1.50 -30.89 -25.60
N GLN D 100 -0.85 -31.36 -24.54
CA GLN D 100 -1.14 -32.69 -24.01
C GLN D 100 -2.49 -32.73 -23.32
N PRO D 101 -3.25 -33.83 -23.52
CA PRO D 101 -4.54 -33.98 -22.85
C PRO D 101 -4.43 -33.97 -21.33
N GLY D 102 -5.35 -33.26 -20.68
CA GLY D 102 -5.40 -33.20 -19.23
C GLY D 102 -4.48 -32.16 -18.61
N ALA D 103 -3.75 -31.43 -19.45
CA ALA D 103 -2.80 -30.42 -18.98
C ALA D 103 -3.52 -29.17 -18.47
N ALA D 104 -2.94 -28.54 -17.44
CA ALA D 104 -3.54 -27.33 -16.86
C ALA D 104 -2.50 -26.32 -16.38
N PRO D 105 -2.79 -25.02 -16.59
CA PRO D 105 -1.96 -23.96 -16.00
C PRO D 105 -2.25 -23.89 -14.50
N VAL D 106 -1.24 -23.60 -13.70
CA VAL D 106 -1.43 -23.72 -12.27
C VAL D 106 -0.84 -22.52 -11.54
N ARG D 107 0.02 -21.78 -12.23
CA ARG D 107 0.62 -20.58 -11.68
C ARG D 107 0.97 -19.59 -12.77
N ILE D 108 0.75 -18.32 -12.47
CA ILE D 108 1.21 -17.24 -13.33
C ILE D 108 2.12 -16.30 -12.53
N GLU D 109 3.33 -16.09 -13.04
CA GLU D 109 4.33 -15.24 -12.43
C GLU D 109 4.20 -13.79 -12.91
N TYR D 110 4.56 -12.87 -12.01
CA TYR D 110 4.55 -11.43 -12.28
C TYR D 110 3.19 -10.91 -12.67
N VAL D 111 2.18 -11.21 -11.86
CA VAL D 111 0.80 -10.86 -12.17
C VAL D 111 0.55 -9.36 -11.92
N VAL D 112 1.44 -8.74 -11.14
CA VAL D 112 1.38 -7.30 -10.90
C VAL D 112 1.61 -6.53 -12.21
N ASP D 113 2.41 -7.13 -13.09
CA ASP D 113 2.72 -6.54 -14.38
C ASP D 113 1.65 -6.80 -15.45
N LYS D 114 0.75 -7.74 -15.18
CA LYS D 114 -0.20 -8.21 -16.21
C LYS D 114 -1.61 -7.69 -15.98
N ALA D 115 -1.92 -7.22 -14.77
CA ALA D 115 -3.31 -6.85 -14.47
C ALA D 115 -3.45 -5.71 -13.45
N ARG D 116 -4.06 -4.62 -13.90
CA ARG D 116 -4.14 -3.37 -13.15
C ARG D 116 -4.76 -3.46 -11.74
N PRO D 117 -5.87 -4.19 -11.58
CA PRO D 117 -6.36 -4.36 -10.19
C PRO D 117 -5.36 -5.05 -9.25
N ILE D 118 -4.51 -5.91 -9.81
CA ILE D 118 -3.53 -6.62 -9.00
C ILE D 118 -2.31 -5.72 -8.69
N ALA D 119 -1.97 -4.84 -9.62
CA ALA D 119 -0.91 -3.85 -9.36
C ALA D 119 -1.31 -2.96 -8.20
N MET D 120 -2.55 -2.52 -8.21
CA MET D 120 -3.04 -1.62 -7.19
C MET D 120 -3.16 -2.34 -5.85
N LEU D 121 -3.52 -3.62 -5.91
CA LEU D 121 -3.52 -4.48 -4.72
C LEU D 121 -2.14 -4.50 -4.05
N ALA D 122 -1.10 -4.48 -4.87
CA ALA D 122 0.27 -4.52 -4.37
C ALA D 122 0.65 -3.22 -3.67
N GLY D 123 -0.23 -2.21 -3.73
CA GLY D 123 0.01 -0.93 -3.11
C GLY D 123 -0.96 -0.73 -1.95
N HIS D 124 -1.66 -1.81 -1.61
CA HIS D 124 -2.67 -1.76 -0.54
C HIS D 124 -2.03 -1.31 0.78
N PRO D 125 -2.56 -0.23 1.36
CA PRO D 125 -1.94 0.40 2.54
C PRO D 125 -2.09 -0.41 3.83
N LEU D 126 -3.17 -1.17 4.00
CA LEU D 126 -3.28 -2.00 5.19
C LEU D 126 -2.25 -3.14 5.11
N LEU D 127 -2.20 -3.80 3.95
CA LEU D 127 -1.18 -4.80 3.69
C LEU D 127 0.23 -4.25 3.96
N LEU D 128 0.46 -3.03 3.52
CA LEU D 128 1.80 -2.50 3.57
C LEU D 128 2.17 -2.03 4.98
N ARG D 129 1.20 -1.54 5.75
CA ARG D 129 1.53 -1.11 7.10
C ARG D 129 1.74 -2.32 8.01
N ILE D 130 1.01 -3.40 7.75
CA ILE D 130 1.28 -4.70 8.40
C ILE D 130 2.69 -5.15 8.06
N MET D 131 3.02 -5.11 6.77
CA MET D 131 4.32 -5.60 6.33
C MET D 131 5.44 -4.74 6.89
N GLU D 132 5.20 -3.45 7.06
CA GLU D 132 6.21 -2.55 7.57
C GLU D 132 6.53 -2.86 9.05
N GLN D 133 5.54 -3.33 9.79
CA GLN D 133 5.77 -3.72 11.17
C GLN D 133 6.47 -5.08 11.24
N LEU D 134 6.23 -5.96 10.27
CA LEU D 134 6.78 -7.32 10.36
C LEU D 134 8.15 -7.46 9.72
N VAL D 135 8.28 -6.89 8.52
CA VAL D 135 9.50 -6.95 7.72
C VAL D 135 10.43 -5.77 8.07
N GLY D 136 9.83 -4.66 8.47
CA GLY D 136 10.59 -3.46 8.78
C GLY D 136 10.36 -2.36 7.76
N PRO D 137 10.99 -1.19 8.01
CA PRO D 137 10.85 0.05 7.23
C PRO D 137 11.49 -0.01 5.85
N ASN D 138 12.43 -0.94 5.63
CA ASN D 138 13.07 -1.09 4.33
C ASN D 138 12.53 -2.23 3.47
N LEU D 139 11.28 -2.63 3.71
CA LEU D 139 10.67 -3.73 2.97
C LEU D 139 10.73 -3.48 1.46
N ILE D 140 10.98 -4.53 0.69
CA ILE D 140 10.78 -4.49 -0.76
C ILE D 140 9.94 -5.68 -1.20
N PRO D 141 9.07 -5.49 -2.20
CA PRO D 141 8.33 -6.64 -2.72
C PRO D 141 9.21 -7.48 -3.65
N THR D 142 9.18 -8.81 -3.48
CA THR D 142 10.06 -9.65 -4.28
C THR D 142 9.23 -10.48 -5.29
N TRP D 143 8.92 -11.73 -4.96
CA TRP D 143 8.03 -12.57 -5.78
C TRP D 143 6.61 -12.06 -5.75
N ASP D 144 5.99 -11.99 -6.92
CA ASP D 144 4.54 -11.77 -7.00
C ASP D 144 3.96 -12.74 -8.02
N SER D 145 2.90 -13.45 -7.62
CA SER D 145 2.31 -14.49 -8.47
C SER D 145 0.90 -14.84 -8.03
N MET D 146 0.18 -15.53 -8.92
CA MET D 146 -1.10 -16.13 -8.58
C MET D 146 -1.04 -17.65 -8.79
N VAL D 147 -1.58 -18.36 -7.81
CA VAL D 147 -1.55 -19.81 -7.77
C VAL D 147 -2.98 -20.30 -7.78
N PHE D 148 -3.25 -21.36 -8.53
CA PHE D 148 -4.61 -21.87 -8.69
C PHE D 148 -4.59 -23.35 -9.05
N LYS D 149 -4.08 -24.18 -8.14
CA LYS D 149 -3.84 -25.57 -8.45
C LYS D 149 -5.12 -26.40 -8.40
N THR D 150 -5.06 -27.58 -9.01
CA THR D 150 -6.14 -28.58 -8.95
C THR D 150 -6.95 -28.58 -7.63
N LEU D 157 5.25 -34.68 -2.09
CA LEU D 157 5.71 -34.06 -0.83
C LEU D 157 4.85 -32.87 -0.41
N ALA D 158 3.96 -33.08 0.54
CA ALA D 158 3.05 -32.03 0.99
C ALA D 158 3.75 -31.00 1.90
N TRP D 159 4.46 -31.51 2.91
CA TRP D 159 5.05 -30.65 3.93
C TRP D 159 6.44 -30.18 3.56
N HIS D 160 6.64 -28.86 3.59
CA HIS D 160 7.90 -28.26 3.16
C HIS D 160 8.13 -26.90 3.80
N ARG D 161 9.33 -26.37 3.59
CA ARG D 161 9.62 -24.94 3.77
C ARG D 161 9.74 -24.31 2.38
N ASP D 162 9.58 -22.99 2.29
CA ASP D 162 9.80 -22.31 1.02
C ASP D 162 11.30 -22.13 0.79
N ALA D 163 11.67 -21.69 -0.40
CA ALA D 163 13.08 -21.53 -0.80
C ALA D 163 13.94 -20.81 0.25
N LEU D 165 16.91 -19.72 1.35
CA LEU D 165 18.22 -19.68 0.70
C LEU D 165 19.32 -19.09 1.58
N TYR D 166 19.09 -18.96 2.88
CA TYR D 166 20.13 -18.31 3.70
C TYR D 166 20.87 -19.28 4.61
N ASP D 167 22.17 -19.05 4.78
CA ASP D 167 22.93 -19.75 5.80
C ASP D 167 22.56 -19.20 7.18
N ASN D 168 22.36 -20.11 8.13
CA ASN D 168 21.73 -19.79 9.41
C ASN D 168 20.41 -19.04 9.23
N ALA D 169 19.52 -19.63 8.45
CA ALA D 169 18.26 -18.99 8.09
C ALA D 169 17.42 -18.67 9.33
N VAL D 170 17.44 -19.55 10.34
CA VAL D 170 16.67 -19.30 11.55
C VAL D 170 17.19 -18.06 12.27
N GLY D 171 18.53 -17.93 12.29
CA GLY D 171 19.18 -16.80 12.93
C GLY D 171 18.87 -15.51 12.19
N VAL D 172 18.80 -15.60 10.86
CA VAL D 172 18.52 -14.46 10.01
C VAL D 172 17.05 -14.07 9.99
N THR D 173 16.16 -15.06 9.91
CA THR D 173 14.75 -14.70 9.70
C THR D 173 13.73 -15.64 10.37
N GLY D 174 14.17 -16.40 11.36
CA GLY D 174 13.22 -17.15 12.17
C GLY D 174 12.14 -16.26 12.75
N ALA D 175 12.51 -15.02 13.09
CA ALA D 175 11.56 -14.07 13.66
C ALA D 175 10.50 -13.59 12.66
N GLY D 176 10.66 -13.93 11.39
CA GLY D 176 9.65 -13.58 10.41
C GLY D 176 9.90 -12.26 9.71
N ARG D 177 11.00 -12.19 8.97
CA ARG D 177 11.34 -10.98 8.24
C ARG D 177 11.17 -11.18 6.73
N VAL D 178 11.11 -12.44 6.32
CA VAL D 178 10.88 -12.79 4.95
C VAL D 178 9.54 -13.51 4.89
N ILE D 179 8.55 -12.86 4.28
CA ILE D 179 7.17 -13.23 4.49
C ILE D 179 6.43 -13.44 3.18
N ASP D 180 5.67 -14.53 3.10
CA ASP D 180 4.71 -14.69 2.02
C ASP D 180 3.33 -14.21 2.41
N ALA D 181 2.80 -13.29 1.62
CA ALA D 181 1.44 -12.81 1.79
C ALA D 181 0.51 -13.49 0.79
N GLY D 182 -0.43 -14.29 1.30
CA GLY D 182 -1.43 -14.97 0.48
C GLY D 182 -2.80 -14.31 0.55
N ILE D 183 -3.22 -13.72 -0.56
CA ILE D 183 -4.49 -13.02 -0.61
C ILE D 183 -5.53 -13.90 -1.29
N TYR D 184 -6.57 -14.28 -0.55
CA TYR D 184 -7.44 -15.35 -0.99
C TYR D 184 -8.60 -14.83 -1.86
N LEU D 185 -8.70 -15.35 -3.08
CA LEU D 185 -9.80 -14.99 -3.99
C LEU D 185 -10.99 -15.89 -3.78
N ASP D 186 -10.72 -17.11 -3.32
CA ASP D 186 -11.75 -18.12 -3.11
C ASP D 186 -11.68 -18.63 -1.68
N PRO D 187 -12.79 -19.20 -1.18
CA PRO D 187 -12.71 -19.75 0.18
C PRO D 187 -11.70 -20.90 0.26
N ALA D 188 -11.17 -21.13 1.46
CA ALA D 188 -10.32 -22.29 1.71
C ALA D 188 -10.79 -22.90 3.01
N PRO D 189 -11.72 -23.86 2.92
CA PRO D 189 -12.24 -24.57 4.09
C PRO D 189 -11.20 -25.53 4.65
N GLU D 190 -11.44 -26.03 5.86
CA GLU D 190 -10.50 -26.93 6.52
C GLU D 190 -10.22 -28.19 5.70
N ASP D 191 -11.21 -28.62 4.90
CA ASP D 191 -10.99 -29.79 4.07
C ASP D 191 -10.15 -29.43 2.83
N ASN D 192 -9.87 -28.13 2.64
CA ASN D 192 -9.02 -27.70 1.51
C ASN D 192 -8.26 -26.39 1.76
N CYS D 193 -7.28 -26.43 2.64
CA CYS D 193 -6.57 -25.21 2.99
C CYS D 193 -5.11 -25.49 3.29
N VAL D 194 -4.37 -24.44 3.61
CA VAL D 194 -2.98 -24.58 4.03
C VAL D 194 -2.97 -24.98 5.50
N TRP D 195 -2.09 -25.91 5.85
CA TRP D 195 -1.87 -26.31 7.24
C TRP D 195 -0.44 -25.98 7.63
N CYS D 196 -0.24 -25.61 8.90
CA CYS D 196 1.05 -25.15 9.41
C CYS D 196 1.47 -25.81 10.72
N ILE D 197 2.76 -26.07 10.89
CA ILE D 197 3.26 -26.41 12.23
C ILE D 197 3.86 -25.18 12.90
N PRO D 198 3.10 -24.59 13.82
CA PRO D 198 3.52 -23.35 14.50
C PRO D 198 4.88 -23.50 15.16
N GLU D 199 5.68 -22.43 15.14
CA GLU D 199 6.98 -22.35 15.81
C GLU D 199 8.06 -23.17 15.13
N SER D 200 7.69 -23.95 14.11
CA SER D 200 8.66 -24.72 13.35
C SER D 200 9.65 -23.82 12.60
N ASN D 201 9.30 -22.54 12.48
CA ASN D 201 10.20 -21.52 11.92
C ASN D 201 11.49 -21.31 12.71
N TYR D 202 11.55 -21.84 13.93
CA TYR D 202 12.78 -21.81 14.72
C TYR D 202 13.54 -23.15 14.79
N TRP D 203 13.04 -24.18 14.11
CA TRP D 203 13.64 -25.53 14.17
C TRP D 203 14.99 -25.62 13.45
N GLY D 204 15.89 -26.42 14.02
CA GLY D 204 17.13 -26.77 13.33
C GLY D 204 16.84 -27.65 12.13
N ASP D 205 17.79 -27.77 11.21
CA ASP D 205 17.57 -28.55 9.99
C ASP D 205 17.24 -30.01 10.32
N ASP D 206 17.97 -30.61 11.28
CA ASP D 206 17.71 -31.99 11.70
C ASP D 206 16.27 -32.22 12.12
N ARG D 207 15.79 -31.45 13.09
CA ARG D 207 14.41 -31.61 13.55
C ARG D 207 13.41 -31.34 12.43
N LEU D 208 13.76 -30.42 11.54
CA LEU D 208 12.85 -30.07 10.46
C LEU D 208 12.65 -31.21 9.47
N THR D 209 13.76 -31.80 9.04
CA THR D 209 13.78 -32.93 8.11
C THR D 209 12.94 -34.11 8.61
N ALA D 210 13.22 -34.53 9.85
CA ALA D 210 12.51 -35.64 10.47
C ALA D 210 11.00 -35.44 10.46
N THR D 211 10.57 -34.32 11.01
CA THR D 211 9.14 -34.07 11.11
C THR D 211 8.53 -34.00 9.73
N ALA D 212 9.27 -33.43 8.78
CA ALA D 212 8.81 -33.35 7.41
C ALA D 212 8.71 -34.75 6.84
N ASP D 213 9.74 -35.56 7.09
CA ASP D 213 9.76 -36.94 6.64
C ASP D 213 8.61 -37.76 7.24
N GLN D 214 8.54 -37.77 8.57
CA GLN D 214 7.49 -38.50 9.26
C GLN D 214 6.09 -38.05 8.81
N LEU D 215 5.94 -36.76 8.56
CA LEU D 215 4.65 -36.24 8.11
C LEU D 215 4.37 -36.64 6.66
N ASN D 216 5.42 -36.73 5.85
CA ASN D 216 5.20 -36.93 4.42
C ASN D 216 4.86 -38.39 4.09
N ALA D 217 5.07 -39.27 5.06
CA ALA D 217 4.74 -40.69 4.95
C ALA D 217 3.24 -40.97 4.78
N SER D 218 2.40 -39.98 5.05
CA SER D 218 0.96 -40.16 4.93
C SER D 218 0.34 -39.11 3.99
N ASP D 221 -1.67 -36.72 7.02
CA ASP D 221 -1.96 -36.48 8.42
C ASP D 221 -1.52 -35.08 8.90
N THR D 222 -2.31 -34.54 9.81
CA THR D 222 -2.13 -33.17 10.25
C THR D 222 -1.69 -33.09 11.71
N THR D 223 -0.98 -34.11 12.18
CA THR D 223 -0.53 -34.15 13.57
C THR D 223 0.32 -32.93 13.93
N GLY D 224 -0.11 -32.20 14.95
CA GLY D 224 0.63 -31.03 15.40
C GLY D 224 0.58 -29.87 14.44
N ALA D 225 -0.39 -29.91 13.51
CA ALA D 225 -0.58 -28.80 12.58
C ALA D 225 -1.91 -28.13 12.84
N VAL D 226 -2.03 -26.89 12.39
CA VAL D 226 -3.30 -26.17 12.47
C VAL D 226 -3.64 -25.67 11.06
N PRO D 227 -4.94 -25.45 10.80
CA PRO D 227 -5.35 -25.05 9.46
C PRO D 227 -5.57 -23.55 9.33
N ALA D 228 -5.23 -23.02 8.17
CA ALA D 228 -5.59 -21.65 7.86
C ALA D 228 -6.91 -21.66 7.08
N VAL D 229 -8.02 -21.62 7.82
CA VAL D 229 -9.34 -21.58 7.23
C VAL D 229 -9.64 -20.15 6.77
N MET D 230 -9.78 -19.94 5.46
CA MET D 230 -9.88 -18.60 4.89
C MET D 230 -11.21 -18.31 4.18
N GLN D 231 -11.65 -17.06 4.28
CA GLN D 231 -12.73 -16.54 3.44
C GLN D 231 -12.14 -15.66 2.32
N PRO D 232 -12.87 -15.51 1.20
CA PRO D 232 -12.39 -14.58 0.16
C PRO D 232 -12.14 -13.21 0.76
N GLY D 233 -11.02 -12.58 0.39
CA GLY D 233 -10.70 -11.28 0.92
C GLY D 233 -9.81 -11.35 2.16
N ASP D 234 -9.63 -12.55 2.70
CA ASP D 234 -8.74 -12.75 3.85
C ASP D 234 -7.28 -12.86 3.39
N LEU D 235 -6.37 -12.67 4.35
CA LEU D 235 -4.95 -12.69 4.08
C LEU D 235 -4.22 -13.64 5.04
N LEU D 236 -3.35 -14.48 4.48
CA LEU D 236 -2.53 -15.35 5.31
C LEU D 236 -1.07 -14.94 5.21
N LEU D 237 -0.50 -14.56 6.36
CA LEU D 237 0.93 -14.30 6.43
C LEU D 237 1.65 -15.54 6.93
N HIS D 238 2.62 -16.02 6.17
CA HIS D 238 3.45 -17.06 6.73
C HIS D 238 4.95 -16.81 6.54
N ASN D 239 5.68 -17.08 7.62
CA ASN D 239 7.13 -17.06 7.64
C ASN D 239 7.57 -18.12 6.66
N ILE D 240 8.55 -17.84 5.80
CA ILE D 240 8.97 -18.86 4.83
C ILE D 240 9.62 -20.09 5.46
N LEU D 241 10.12 -19.94 6.70
CA LEU D 241 10.74 -21.08 7.42
C LEU D 241 9.73 -21.95 8.17
N THR D 242 8.47 -21.53 8.18
CA THR D 242 7.42 -22.31 8.83
C THR D 242 7.07 -23.52 7.97
N LEU D 243 7.15 -24.72 8.56
CA LEU D 243 6.74 -25.95 7.88
C LEU D 243 5.25 -25.91 7.57
N HIS D 244 4.90 -26.05 6.30
CA HIS D 244 3.50 -25.95 5.93
C HIS D 244 3.16 -26.88 4.77
N GLY D 245 1.88 -27.21 4.64
CA GLY D 245 1.45 -28.16 3.63
C GLY D 245 -0.03 -28.03 3.32
N ALA D 246 -0.44 -28.61 2.20
CA ALA D 246 -1.84 -28.56 1.80
C ALA D 246 -2.36 -29.99 1.60
N PRO D 247 -2.91 -30.59 2.66
CA PRO D 247 -3.29 -32.00 2.68
C PRO D 247 -4.58 -32.28 1.89
N LYS D 252 -11.89 -28.96 -5.48
CA LYS D 252 -12.38 -27.65 -5.89
C LYS D 252 -11.26 -26.61 -6.09
N GLN D 253 -11.30 -25.87 -7.19
CA GLN D 253 -10.22 -24.95 -7.53
C GLN D 253 -10.24 -23.67 -6.71
N ARG D 254 -9.08 -23.31 -6.17
CA ARG D 254 -8.90 -22.11 -5.37
C ARG D 254 -7.85 -21.22 -6.00
N ARG D 255 -8.08 -19.91 -5.96
CA ARG D 255 -7.05 -19.00 -6.41
C ARG D 255 -6.47 -18.23 -5.23
N VAL D 256 -5.16 -18.04 -5.21
CA VAL D 256 -4.50 -17.18 -4.23
C VAL D 256 -3.47 -16.32 -4.91
N ILE D 257 -3.49 -15.02 -4.63
CA ILE D 257 -2.36 -14.15 -4.99
C ILE D 257 -1.29 -14.11 -3.88
N TYR D 258 -0.04 -14.43 -4.25
CA TYR D 258 1.11 -14.41 -3.32
C TYR D 258 2.07 -13.24 -3.58
N PHE D 259 2.25 -12.39 -2.56
CA PHE D 259 3.28 -11.34 -2.59
C PHE D 259 4.31 -11.66 -1.53
N GLU D 260 5.57 -11.77 -1.90
CA GLU D 260 6.63 -11.95 -0.90
C GLU D 260 7.32 -10.63 -0.61
N TYR D 261 7.93 -10.53 0.58
CA TYR D 261 8.58 -9.33 1.04
C TYR D 261 9.87 -9.68 1.79
N ARG D 262 10.93 -8.92 1.56
CA ARG D 262 12.17 -9.07 2.32
C ARG D 262 12.70 -7.69 2.68
N PRO D 263 13.47 -7.59 3.77
CA PRO D 263 14.07 -6.29 4.11
C PRO D 263 15.22 -6.02 3.13
N ALA D 264 15.35 -4.77 2.68
CA ALA D 264 16.36 -4.44 1.66
C ALA D 264 17.78 -4.67 2.15
N GLU D 265 18.01 -4.47 3.44
CA GLU D 265 19.37 -4.59 3.95
C GLU D 265 19.77 -6.07 3.96
N VAL D 266 18.77 -6.95 4.05
CA VAL D 266 19.02 -8.38 4.00
C VAL D 266 19.35 -8.83 2.57
N GLU D 267 18.55 -8.39 1.61
CA GLU D 267 18.83 -8.65 0.19
C GLU D 267 20.19 -8.11 -0.19
N TRP D 268 20.44 -6.86 0.24
CA TRP D 268 21.66 -6.15 -0.06
C TRP D 268 22.89 -6.96 0.34
N GLN D 269 22.93 -7.45 1.57
CA GLN D 269 24.09 -8.22 2.02
C GLN D 269 24.07 -9.71 1.68
N LEU D 270 22.88 -10.33 1.70
CA LEU D 270 22.81 -11.79 1.62
C LEU D 270 22.12 -12.32 0.36
N GLY D 271 21.56 -11.44 -0.44
CA GLY D 271 20.81 -11.86 -1.61
C GLY D 271 19.41 -12.32 -1.23
N PRO D 272 18.81 -13.23 -2.03
CA PRO D 272 19.39 -13.92 -3.20
C PRO D 272 19.53 -13.07 -4.48
N HIS D 273 18.92 -11.90 -4.54
CA HIS D 273 19.01 -11.06 -5.73
C HIS D 273 20.26 -10.17 -5.73
N SER D 274 20.57 -9.60 -6.89
CA SER D 274 21.66 -8.65 -7.04
C SER D 274 21.25 -7.27 -6.49
N ALA D 275 22.24 -6.51 -6.01
CA ALA D 275 22.01 -5.16 -5.44
C ALA D 275 21.04 -4.31 -6.25
N GLU D 276 21.22 -4.35 -7.57
CA GLU D 276 20.38 -3.61 -8.49
C GLU D 276 18.88 -3.82 -8.29
N TYR D 277 18.50 -5.07 -8.06
CA TYR D 277 17.10 -5.47 -7.87
C TYR D 277 16.36 -4.59 -6.85
N ILE D 278 17.04 -4.21 -5.77
CA ILE D 278 16.47 -3.41 -4.69
C ILE D 278 15.84 -2.08 -5.13
N GLY D 279 16.59 -1.27 -5.86
CA GLY D 279 16.06 0.01 -6.33
C GLY D 279 14.90 -0.18 -7.29
N LEU D 280 15.06 -1.15 -8.18
CA LEU D 280 14.04 -1.42 -9.16
C LEU D 280 12.73 -1.82 -8.46
N LYS D 281 12.82 -2.68 -7.45
CA LYS D 281 11.60 -3.12 -6.79
C LYS D 281 11.03 -2.03 -5.90
N GLN D 282 11.85 -1.04 -5.56
CA GLN D 282 11.37 0.14 -4.85
C GLN D 282 10.57 1.01 -5.78
N GLN D 283 11.00 1.10 -7.04
CA GLN D 283 10.24 1.86 -8.02
C GLN D 283 8.88 1.19 -8.22
N VAL D 284 8.88 -0.15 -8.30
CA VAL D 284 7.66 -0.95 -8.49
C VAL D 284 6.68 -0.67 -7.36
N LEU D 285 7.17 -0.73 -6.13
CA LEU D 285 6.36 -0.43 -4.96
C LEU D 285 5.76 1.00 -4.97
N ARG D 286 6.62 2.00 -5.16
CA ARG D 286 6.16 3.39 -5.19
C ARG D 286 5.16 3.59 -6.35
N SER D 287 5.47 2.98 -7.49
CA SER D 287 4.54 2.99 -8.62
C SER D 287 3.16 2.48 -8.23
N CYS D 288 3.10 1.31 -7.61
CA CYS D 288 1.81 0.71 -7.24
C CYS D 288 1.03 1.56 -6.27
N ILE D 289 1.77 2.11 -5.31
CA ILE D 289 1.20 2.99 -4.28
C ILE D 289 0.58 4.22 -4.95
N GLN D 290 1.29 4.74 -5.94
CA GLN D 290 0.86 5.95 -6.63
C GLN D 290 -0.42 5.69 -7.44
N MET D 291 -0.49 4.60 -8.22
CA MET D 291 -1.69 4.39 -9.04
C MET D 291 -2.88 4.03 -8.18
N ARG D 292 -2.63 3.44 -7.02
CA ARG D 292 -3.71 3.14 -6.10
C ARG D 292 -4.26 4.41 -5.48
N ALA D 293 -3.36 5.31 -5.13
CA ALA D 293 -3.74 6.62 -4.61
C ALA D 293 -4.59 7.39 -5.64
N ASN D 294 -4.15 7.37 -6.90
CA ASN D 294 -4.87 8.05 -7.99
C ASN D 294 -6.26 7.52 -8.33
N GLU D 295 -6.63 6.37 -7.78
CA GLU D 295 -7.88 5.72 -8.15
C GLU D 295 -9.01 6.17 -7.21
N PRO D 296 -10.05 6.79 -7.78
CA PRO D 296 -11.17 7.40 -7.04
C PRO D 296 -11.85 6.42 -6.07
N GLN D 297 -11.80 5.15 -6.41
CA GLN D 297 -12.29 4.09 -5.55
C GLN D 297 -11.66 4.12 -4.15
N PHE D 298 -10.38 4.47 -4.11
CA PHE D 298 -9.61 4.34 -2.89
C PHE D 298 -9.27 5.70 -2.27
N GLY D 299 -10.01 6.74 -2.67
CA GLY D 299 -9.77 8.10 -2.22
C GLY D 299 -9.83 8.31 -0.72
N ASP D 300 -10.60 7.50 0.00
CA ASP D 300 -10.71 7.63 1.45
C ASP D 300 -9.55 6.96 2.21
N GLU D 301 -8.71 6.22 1.49
CA GLU D 301 -7.56 5.55 2.10
C GLU D 301 -6.41 6.54 2.42
N GLU D 302 -5.72 6.33 3.52
CA GLU D 302 -4.45 7.01 3.75
C GLU D 302 -3.34 6.15 3.14
N PRO D 303 -2.70 6.65 2.08
CA PRO D 303 -1.67 5.89 1.37
C PRO D 303 -0.51 5.50 2.27
N PHE D 304 0.09 4.36 1.98
CA PHE D 304 1.25 3.92 2.72
C PHE D 304 2.41 4.87 2.45
N ASP D 305 3.01 5.36 3.52
CA ASP D 305 4.17 6.25 3.41
C ASP D 305 5.47 5.45 3.53
N TYR D 306 6.02 5.07 2.38
CA TYR D 306 7.23 4.23 2.28
C TYR D 306 8.53 5.00 2.59
N GLN D 307 9.16 4.71 3.74
CA GLN D 307 10.32 5.48 4.21
C GLN D 307 11.47 4.63 4.70
N PRO D 308 12.27 4.05 3.80
CA PRO D 308 13.46 3.31 4.27
C PRO D 308 14.56 4.23 4.82
N ALA D 309 15.54 3.62 5.48
CA ALA D 309 16.78 4.32 5.81
C ALA D 309 17.40 4.93 4.56
N GLU D 310 17.88 6.16 4.69
CA GLU D 310 18.44 6.93 3.58
C GLU D 310 19.45 6.18 2.72
N SER D 311 20.30 5.37 3.35
CA SER D 311 21.32 4.65 2.58
C SER D 311 20.76 3.41 1.88
N LEU D 312 19.46 3.17 2.03
CA LEU D 312 18.81 2.03 1.38
C LEU D 312 17.75 2.47 0.37
N ARG D 313 17.62 3.79 0.19
CA ARG D 313 16.85 4.32 -0.92
C ARG D 313 17.66 4.15 -2.19
N HIS D 314 17.13 3.46 -3.18
CA HIS D 314 17.85 3.30 -4.42
C HIS D 314 16.95 3.49 -5.63
N TRP D 315 15.78 4.09 -5.43
CA TRP D 315 14.85 4.21 -6.54
C TRP D 315 15.16 5.35 -7.51
N VAL D 316 16.20 6.13 -7.24
CA VAL D 316 16.65 7.12 -8.20
C VAL D 316 17.85 6.60 -9.02
N ASP D 317 18.50 5.55 -8.49
CA ASP D 317 19.70 4.93 -9.10
C ASP D 317 19.55 4.62 -10.59
N ARG D 318 18.33 4.28 -10.99
CA ARG D 318 18.06 3.94 -12.38
C ARG D 318 17.10 4.94 -13.01
N PRO D 319 16.96 4.90 -14.34
CA PRO D 319 15.91 5.73 -14.93
C PRO D 319 14.54 5.17 -14.58
N GLU D 320 13.49 5.96 -14.84
CA GLU D 320 12.13 5.52 -14.57
C GLU D 320 11.82 4.17 -15.24
N ILE D 321 11.14 3.28 -14.53
CA ILE D 321 10.84 1.97 -15.07
C ILE D 321 9.60 2.01 -15.97
N ASP D 322 9.62 1.18 -17.01
CA ASP D 322 8.52 1.13 -17.95
C ASP D 322 7.80 -0.21 -17.84
N THR D 323 8.20 -1.01 -16.85
CA THR D 323 7.55 -2.31 -16.57
C THR D 323 7.57 -2.67 -15.07
N LEU D 324 6.63 -3.51 -14.64
CA LEU D 324 6.62 -4.00 -13.25
C LEU D 324 7.11 -5.45 -13.19
N ARG D 325 7.75 -5.89 -14.26
CA ARG D 325 8.26 -7.24 -14.37
C ARG D 325 9.77 -7.22 -14.26
N PHE D 326 10.30 -7.95 -13.29
CA PHE D 326 11.74 -8.06 -13.12
C PHE D 326 12.09 -9.50 -12.81
N ALA D 327 12.47 -10.20 -13.86
CA ALA D 327 12.70 -11.64 -13.84
C ALA D 327 13.82 -12.00 -12.89
N HIS D 328 13.49 -12.81 -11.89
CA HIS D 328 14.44 -13.16 -10.85
C HIS D 328 15.80 -13.66 -11.39
N GLU D 329 15.77 -14.47 -12.44
CA GLU D 329 17.00 -15.07 -12.97
C GLU D 329 17.88 -14.02 -13.67
N GLU D 330 17.29 -12.88 -14.01
CA GLU D 330 18.02 -11.78 -14.65
C GLU D 330 18.56 -10.76 -13.63
N TYR D 331 18.27 -10.98 -12.35
CA TYR D 331 18.78 -10.12 -11.26
C TYR D 331 19.15 -11.02 -10.10
N TRP D 332 20.07 -11.93 -10.34
CA TRP D 332 20.33 -13.02 -9.41
C TRP D 332 21.81 -13.07 -9.16
N ARG D 333 22.21 -13.59 -8.01
CA ARG D 333 23.63 -13.78 -7.72
C ARG D 333 24.03 -15.21 -8.01
N TRP D 334 24.37 -15.48 -9.26
CA TRP D 334 24.86 -16.80 -9.65
C TRP D 334 26.32 -16.93 -9.23
N ASN E 32 -40.55 27.72 40.80
CA ASN E 32 -40.56 26.26 40.85
C ASN E 32 -39.55 25.72 41.87
N ARG E 33 -39.08 24.50 41.62
CA ARG E 33 -38.15 23.83 42.54
C ARG E 33 -37.52 22.61 41.87
N ILE E 34 -36.24 22.38 42.12
CA ILE E 34 -35.61 21.17 41.59
C ILE E 34 -36.17 19.95 42.29
N ALA E 35 -36.65 18.98 41.52
CA ALA E 35 -37.10 17.70 42.08
C ALA E 35 -35.96 16.96 42.80
N GLU E 36 -36.31 16.17 43.81
CA GLU E 36 -35.29 15.46 44.56
C GLU E 36 -35.56 13.97 44.59
N CYS E 37 -34.55 13.19 44.25
CA CYS E 37 -34.64 11.75 44.39
C CYS E 37 -33.82 11.32 45.60
N ASP E 38 -34.44 10.56 46.49
CA ASP E 38 -33.75 9.92 47.62
C ASP E 38 -33.45 8.51 47.18
N ILE E 39 -32.32 8.34 46.51
CA ILE E 39 -32.09 7.13 45.74
C ILE E 39 -32.13 5.84 46.59
N ARG E 40 -31.57 5.87 47.80
CA ARG E 40 -31.48 4.65 48.59
C ARG E 40 -32.80 4.31 49.29
N ARG E 41 -33.71 5.28 49.39
CA ARG E 41 -35.01 5.03 49.99
C ARG E 41 -36.04 4.58 48.95
N THR E 42 -36.23 5.39 47.91
CA THR E 42 -37.30 5.19 46.93
C THR E 42 -36.84 4.55 45.62
N GLY E 43 -35.57 4.71 45.27
CA GLY E 43 -35.09 4.34 43.96
C GLY E 43 -35.43 5.46 42.98
N LEU E 44 -35.00 5.36 41.73
CA LEU E 44 -35.34 6.37 40.74
C LEU E 44 -36.75 6.10 40.22
N LEU E 45 -37.67 7.00 40.53
CA LEU E 45 -39.06 6.86 40.14
C LEU E 45 -39.35 7.50 38.79
N PRO E 46 -40.36 6.96 38.06
CA PRO E 46 -40.85 7.53 36.80
C PRO E 46 -40.93 9.05 36.83
N GLU E 47 -41.46 9.62 37.92
CA GLU E 47 -41.60 11.06 38.05
C GLU E 47 -40.24 11.79 38.17
N HIS E 48 -39.21 11.11 38.65
CA HIS E 48 -37.88 11.72 38.75
C HIS E 48 -37.30 11.87 37.36
N VAL E 49 -37.43 10.79 36.58
CA VAL E 49 -37.05 10.80 35.19
C VAL E 49 -37.75 11.93 34.42
N THR E 50 -39.06 12.04 34.59
CA THR E 50 -39.84 13.07 33.89
C THR E 50 -39.37 14.45 34.32
N ALA E 51 -39.24 14.64 35.63
CA ALA E 51 -38.69 15.87 36.17
C ALA E 51 -37.32 16.19 35.55
N PHE E 52 -36.46 15.19 35.41
CA PHE E 52 -35.14 15.48 34.85
C PHE E 52 -35.24 15.91 33.39
N ARG E 53 -36.12 15.27 32.62
CA ARG E 53 -36.21 15.55 31.18
C ARG E 53 -36.88 16.89 30.90
N ARG E 54 -37.87 17.26 31.70
CA ARG E 54 -38.51 18.55 31.50
C ARG E 54 -37.64 19.68 31.99
N GLN E 55 -37.12 19.54 33.20
CA GLN E 55 -36.45 20.65 33.89
C GLN E 55 -34.96 20.77 33.54
N GLY E 56 -34.32 19.65 33.23
CA GLY E 56 -32.90 19.68 32.86
C GLY E 56 -32.00 19.46 34.06
N VAL E 57 -32.58 19.14 35.21
CA VAL E 57 -31.80 19.02 36.45
C VAL E 57 -32.57 18.13 37.43
N LEU E 58 -31.83 17.43 38.28
CA LEU E 58 -32.37 16.53 39.31
C LEU E 58 -31.39 16.45 40.47
N VAL E 59 -31.90 16.51 41.69
CA VAL E 59 -31.05 16.36 42.86
C VAL E 59 -31.18 14.94 43.42
N VAL E 60 -30.06 14.23 43.55
CA VAL E 60 -30.12 12.88 44.09
C VAL E 60 -29.51 12.89 45.47
N ARG E 61 -30.33 12.59 46.47
CA ARG E 61 -29.87 12.61 47.87
C ARG E 61 -29.22 11.29 48.28
N GLY E 62 -28.14 11.41 49.05
CA GLY E 62 -27.54 10.26 49.70
C GLY E 62 -26.98 9.21 48.77
N LEU E 63 -26.33 9.64 47.69
CA LEU E 63 -25.69 8.71 46.76
C LEU E 63 -24.66 7.85 47.49
N LEU E 64 -23.77 8.49 48.25
CA LEU E 64 -22.67 7.78 48.87
C LEU E 64 -22.94 7.33 50.32
N THR E 65 -22.43 6.16 50.67
CA THR E 65 -22.36 5.76 52.07
C THR E 65 -21.44 6.73 52.82
N PRO E 66 -21.61 6.85 54.16
CA PRO E 66 -20.72 7.77 54.89
C PRO E 66 -19.25 7.40 54.74
N GLN E 67 -18.98 6.12 54.51
CA GLN E 67 -17.60 5.66 54.39
C GLN E 67 -16.98 5.97 53.03
N GLU E 68 -17.71 5.70 51.95
CA GLU E 68 -17.17 5.97 50.62
C GLU E 68 -16.97 7.47 50.47
N LEU E 69 -17.90 8.24 51.02
CA LEU E 69 -17.79 9.69 51.07
C LEU E 69 -16.46 10.16 51.69
N ALA E 70 -16.04 9.53 52.79
CA ALA E 70 -14.77 9.88 53.41
C ALA E 70 -13.60 9.49 52.51
N ASP E 71 -13.70 8.32 51.90
CA ASP E 71 -12.65 7.84 51.01
C ASP E 71 -12.41 8.87 49.91
N VAL E 72 -13.50 9.28 49.27
CA VAL E 72 -13.44 10.19 48.14
C VAL E 72 -13.03 11.59 48.60
N GLN E 73 -13.43 11.98 49.80
CA GLN E 73 -13.00 13.27 50.35
C GLN E 73 -11.50 13.32 50.52
N GLU E 74 -10.92 12.21 50.94
CA GLU E 74 -9.49 12.15 51.21
C GLU E 74 -8.70 12.20 49.91
N ALA E 75 -9.16 11.45 48.93
CA ALA E 75 -8.54 11.49 47.61
C ALA E 75 -8.49 12.93 47.13
N GLY E 76 -9.61 13.65 47.28
CA GLY E 76 -9.71 15.02 46.82
C GLY E 76 -8.73 15.94 47.53
N ARG E 77 -8.60 15.75 48.85
CA ARG E 77 -7.63 16.48 49.67
C ARG E 77 -6.19 16.28 49.19
N ALA E 78 -5.83 15.03 48.95
CA ALA E 78 -4.48 14.68 48.49
C ALA E 78 -4.16 15.24 47.12
N LEU E 79 -5.11 15.18 46.20
CA LEU E 79 -4.90 15.68 44.85
C LEU E 79 -4.68 17.19 44.86
N ILE E 80 -5.44 17.87 45.70
CA ILE E 80 -5.36 19.32 45.78
C ILE E 80 -4.05 19.78 46.44
N ASP E 81 -3.69 19.15 47.55
CA ASP E 81 -2.39 19.41 48.21
C ASP E 81 -1.22 19.20 47.25
N ARG E 82 -1.34 18.16 46.43
CA ARG E 82 -0.26 17.82 45.52
C ARG E 82 -0.15 18.89 44.45
N ALA E 83 -1.28 19.42 43.98
CA ALA E 83 -1.23 20.51 43.01
C ALA E 83 -0.45 21.69 43.62
N TRP E 84 -0.81 22.05 44.86
CA TRP E 84 -0.14 23.15 45.54
C TRP E 84 1.35 22.87 45.73
N SER E 85 1.69 21.64 46.11
CA SER E 85 3.07 21.31 46.41
C SER E 85 3.96 21.25 45.18
N THR E 86 3.49 20.58 44.13
CA THR E 86 4.29 20.46 42.91
C THR E 86 4.18 21.71 42.07
N ARG E 87 3.10 22.46 42.27
CA ARG E 87 2.78 23.60 41.42
C ARG E 87 2.78 23.23 39.92
N SER E 88 2.51 21.96 39.62
CA SER E 88 2.40 21.49 38.24
C SER E 88 1.16 22.02 37.52
N MET E 89 1.31 22.26 36.23
CA MET E 89 0.18 22.61 35.40
C MET E 89 -0.36 21.39 34.66
N GLU E 90 0.23 20.22 34.91
CA GLU E 90 -0.21 18.99 34.25
C GLU E 90 -1.64 18.64 34.67
N ASP E 91 -2.55 18.64 33.69
CA ASP E 91 -3.95 18.32 33.91
C ASP E 91 -4.56 19.18 35.01
N THR E 92 -4.09 20.41 35.12
CA THR E 92 -4.48 21.29 36.21
C THR E 92 -4.65 22.75 35.75
N VAL E 93 -5.88 23.24 35.85
CA VAL E 93 -6.17 24.62 35.53
C VAL E 93 -5.73 25.53 36.69
N TRP E 94 -5.07 26.64 36.36
CA TRP E 94 -4.70 27.65 37.35
C TRP E 94 -5.32 28.99 36.97
N THR E 95 -5.65 29.81 37.97
CA THR E 95 -6.24 31.12 37.74
C THR E 95 -5.19 32.12 37.25
N LEU E 96 -3.99 32.00 37.82
CA LEU E 96 -2.82 32.73 37.35
C LEU E 96 -1.73 31.69 37.15
N GLU E 97 -0.51 32.10 36.85
CA GLU E 97 0.56 31.15 36.66
C GLU E 97 1.16 30.72 38.00
N PRO E 98 1.58 29.45 38.10
CA PRO E 98 2.11 28.90 39.35
C PRO E 98 3.48 29.46 39.69
N ALA E 103 -2.48 33.34 42.74
CA ALA E 103 -2.52 32.20 41.82
C ALA E 103 -2.94 30.94 42.54
N ALA E 104 -3.84 30.17 41.94
CA ALA E 104 -4.39 28.98 42.59
C ALA E 104 -4.93 27.95 41.61
N PRO E 105 -4.73 26.66 41.93
CA PRO E 105 -5.30 25.56 41.15
C PRO E 105 -6.81 25.50 41.40
N VAL E 106 -7.59 25.14 40.39
CA VAL E 106 -9.04 25.30 40.47
C VAL E 106 -9.79 24.11 39.85
N ARG E 107 -9.09 23.37 39.00
CA ARG E 107 -9.64 22.17 38.38
C ARG E 107 -8.54 21.15 38.06
N ILE E 108 -8.81 19.87 38.32
CA ILE E 108 -7.90 18.81 37.89
C ILE E 108 -8.63 17.83 36.96
N GLU E 109 -8.07 17.61 35.77
CA GLU E 109 -8.66 16.72 34.78
C GLU E 109 -8.19 15.29 34.94
N TYR E 110 -9.05 14.35 34.56
CA TYR E 110 -8.70 12.93 34.58
C TYR E 110 -8.37 12.48 35.99
N VAL E 111 -9.30 12.70 36.91
CA VAL E 111 -9.07 12.34 38.32
C VAL E 111 -9.31 10.85 38.54
N VAL E 112 -10.07 10.24 37.64
CA VAL E 112 -10.29 8.79 37.68
C VAL E 112 -8.96 8.05 37.49
N ASP E 113 -8.06 8.66 36.72
CA ASP E 113 -6.74 8.11 36.44
C ASP E 113 -5.71 8.44 37.54
N LYS E 114 -6.08 9.34 38.43
CA LYS E 114 -5.12 9.86 39.41
C LYS E 114 -5.31 9.32 40.81
N ALA E 115 -6.47 8.75 41.11
CA ALA E 115 -6.74 8.27 42.47
C ALA E 115 -7.71 7.09 42.52
N ARG E 116 -7.31 6.04 43.21
CA ARG E 116 -8.06 4.79 43.20
C ARG E 116 -9.50 4.88 43.75
N PRO E 117 -9.73 5.71 44.78
CA PRO E 117 -11.14 5.75 45.20
C PRO E 117 -12.08 6.48 44.22
N ILE E 118 -11.55 7.43 43.45
CA ILE E 118 -12.38 8.15 42.48
C ILE E 118 -12.68 7.27 41.25
N ALA E 119 -11.73 6.44 40.84
CA ALA E 119 -11.96 5.42 39.82
C ALA E 119 -13.08 4.44 40.22
N MET E 120 -13.07 4.00 41.47
CA MET E 120 -14.17 3.14 41.97
C MET E 120 -15.50 3.88 42.08
N LEU E 121 -15.45 5.16 42.40
CA LEU E 121 -16.61 6.03 42.36
C LEU E 121 -17.19 6.06 40.94
N ALA E 122 -16.32 6.08 39.93
CA ALA E 122 -16.73 6.01 38.53
C ALA E 122 -17.47 4.71 38.20
N GLY E 123 -17.44 3.73 39.09
CA GLY E 123 -18.14 2.48 38.86
C GLY E 123 -19.35 2.30 39.74
N HIS E 124 -19.75 3.36 40.43
CA HIS E 124 -20.83 3.29 41.42
C HIS E 124 -22.15 2.84 40.80
N PRO E 125 -22.75 1.77 41.35
CA PRO E 125 -23.94 1.13 40.75
C PRO E 125 -25.21 1.98 40.77
N LEU E 126 -25.42 2.78 41.81
CA LEU E 126 -26.60 3.63 41.83
C LEU E 126 -26.42 4.77 40.81
N LEU E 127 -25.23 5.36 40.78
CA LEU E 127 -24.96 6.41 39.80
C LEU E 127 -25.21 5.87 38.40
N LEU E 128 -24.58 4.75 38.10
CA LEU E 128 -24.65 4.14 36.78
C LEU E 128 -26.02 3.61 36.36
N ARG E 129 -26.86 3.23 37.31
CA ARG E 129 -28.16 2.70 36.95
C ARG E 129 -29.09 3.88 36.66
N ILE E 130 -28.95 4.95 37.43
CA ILE E 130 -29.60 6.20 37.09
C ILE E 130 -29.22 6.63 35.68
N MET E 131 -27.91 6.71 35.40
CA MET E 131 -27.43 7.16 34.09
C MET E 131 -27.91 6.25 32.97
N GLU E 132 -28.04 4.96 33.28
CA GLU E 132 -28.53 4.02 32.30
C GLU E 132 -29.96 4.40 31.88
N GLN E 133 -30.79 4.80 32.83
CA GLN E 133 -32.16 5.19 32.53
C GLN E 133 -32.26 6.54 31.81
N LEU E 134 -31.39 7.48 32.16
CA LEU E 134 -31.49 8.80 31.57
C LEU E 134 -30.77 8.87 30.21
N VAL E 135 -29.56 8.32 30.16
CA VAL E 135 -28.74 8.32 28.96
C VAL E 135 -29.05 7.14 28.03
N GLY E 136 -29.49 6.04 28.60
CA GLY E 136 -29.66 4.83 27.84
C GLY E 136 -28.63 3.76 28.13
N PRO E 137 -28.86 2.56 27.58
CA PRO E 137 -28.03 1.36 27.77
C PRO E 137 -26.64 1.48 27.14
N ASN E 138 -26.44 2.45 26.24
CA ASN E 138 -25.14 2.63 25.59
C ASN E 138 -24.28 3.78 26.17
N LEU E 139 -24.53 4.17 27.42
CA LEU E 139 -23.79 5.26 28.03
C LEU E 139 -22.27 5.00 28.03
N ILE E 140 -21.49 6.06 27.88
CA ILE E 140 -20.05 5.98 28.08
C ILE E 140 -19.61 7.16 28.94
N PRO E 141 -18.66 6.93 29.85
CA PRO E 141 -18.08 8.04 30.60
C PRO E 141 -17.18 8.89 29.70
N THR E 142 -17.44 10.19 29.60
CA THR E 142 -16.59 11.06 28.79
C THR E 142 -15.62 11.89 29.66
N TRP E 143 -16.00 13.14 29.93
CA TRP E 143 -15.23 14.00 30.82
C TRP E 143 -15.28 13.52 32.26
N ASP E 144 -14.15 13.56 32.93
CA ASP E 144 -14.10 13.32 34.37
C ASP E 144 -13.07 14.26 34.98
N SER E 145 -13.41 14.87 36.10
CA SER E 145 -12.59 15.93 36.67
C SER E 145 -13.05 16.36 38.05
N MET E 146 -12.21 17.13 38.74
CA MET E 146 -12.60 17.67 40.03
C MET E 146 -12.45 19.20 40.06
N VAL E 147 -13.55 19.86 40.37
CA VAL E 147 -13.58 21.31 40.43
C VAL E 147 -13.57 21.78 41.87
N PHE E 148 -12.73 22.78 42.15
CA PHE E 148 -12.62 23.32 43.49
C PHE E 148 -12.31 24.81 43.38
N LYS E 149 -13.30 25.56 42.90
CA LYS E 149 -13.18 26.97 42.65
C LYS E 149 -13.13 27.78 43.94
N THR E 150 -12.81 29.07 43.83
CA THR E 150 -12.83 29.95 44.99
C THR E 150 -13.38 31.33 44.64
N PRO E 151 -14.64 31.60 45.06
CA PRO E 151 -15.43 32.82 44.77
C PRO E 151 -14.66 34.12 44.93
N ALA E 158 -21.47 34.08 35.89
CA ALA E 158 -21.30 33.39 34.62
C ALA E 158 -22.34 32.29 34.43
N TRP E 159 -23.45 32.67 33.83
CA TRP E 159 -24.44 31.75 33.36
C TRP E 159 -23.94 31.16 32.07
N HIS E 160 -24.12 29.85 31.88
CA HIS E 160 -23.67 29.24 30.65
C HIS E 160 -24.32 27.88 30.42
N ARG E 161 -24.18 27.38 29.20
CA ARG E 161 -24.36 25.96 28.93
C ARG E 161 -22.97 25.35 28.89
N ASP E 162 -22.88 24.03 29.07
CA ASP E 162 -21.61 23.32 28.94
C ASP E 162 -21.25 23.11 27.47
N ALA E 163 -20.25 22.28 27.20
CA ALA E 163 -19.74 22.23 25.83
C ALA E 163 -20.04 20.93 25.10
N GLY E 164 -19.41 20.78 23.94
CA GLY E 164 -19.70 19.69 23.04
C GLY E 164 -21.14 19.76 22.62
N LEU E 165 -21.62 20.95 22.28
CA LEU E 165 -22.98 21.09 21.75
C LEU E 165 -22.99 20.66 20.28
N TYR E 166 -24.06 19.98 19.88
CA TYR E 166 -24.16 19.50 18.52
C TYR E 166 -24.89 20.56 17.71
N ASP E 167 -24.93 20.42 16.38
CA ASP E 167 -25.92 21.17 15.60
C ASP E 167 -27.29 20.68 16.02
N ASN E 168 -28.28 21.59 16.07
CA ASN E 168 -29.61 21.25 16.60
C ASN E 168 -29.51 20.47 17.93
N ALA E 169 -28.78 21.06 18.87
CA ALA E 169 -28.49 20.44 20.16
C ALA E 169 -29.76 20.06 20.94
N VAL E 170 -30.74 20.95 20.97
CA VAL E 170 -32.00 20.68 21.66
C VAL E 170 -32.73 19.47 21.05
N GLY E 171 -32.68 19.34 19.71
CA GLY E 171 -33.25 18.18 19.02
C GLY E 171 -32.58 16.86 19.41
N VAL E 172 -31.25 16.88 19.52
CA VAL E 172 -30.49 15.67 19.86
C VAL E 172 -30.60 15.30 21.34
N THR E 173 -30.46 16.29 22.23
CA THR E 173 -30.36 15.99 23.67
C THR E 173 -31.02 17.05 24.60
N GLY E 174 -31.98 17.81 24.08
CA GLY E 174 -32.81 18.62 24.94
C GLY E 174 -33.43 17.78 26.05
N ALA E 175 -33.87 16.58 25.65
CA ALA E 175 -34.45 15.59 26.56
C ALA E 175 -33.51 15.05 27.66
N GLY E 176 -32.23 15.43 27.61
CA GLY E 176 -31.28 15.02 28.65
C GLY E 176 -30.59 13.69 28.44
N ARG E 177 -29.85 13.57 27.36
CA ARG E 177 -29.09 12.37 27.05
C ARG E 177 -27.59 12.58 27.24
N VAL E 178 -27.20 13.83 27.45
CA VAL E 178 -25.82 14.19 27.69
C VAL E 178 -25.75 14.90 29.03
N ILE E 179 -25.21 14.22 30.03
CA ILE E 179 -25.43 14.59 31.42
C ILE E 179 -24.17 14.79 32.24
N ASP E 180 -24.11 15.93 32.93
CA ASP E 180 -23.09 16.18 33.92
C ASP E 180 -23.53 15.69 35.31
N ALA E 181 -22.82 14.71 35.84
CA ALA E 181 -23.02 14.24 37.21
C ALA E 181 -22.07 14.95 38.18
N GLY E 182 -22.64 15.72 39.10
CA GLY E 182 -21.89 16.43 40.12
C GLY E 182 -21.92 15.72 41.47
N ILE E 183 -20.78 15.19 41.89
CA ILE E 183 -20.72 14.51 43.16
C ILE E 183 -20.01 15.40 44.19
N TYR E 184 -20.76 15.79 45.22
CA TYR E 184 -20.36 16.84 46.15
C TYR E 184 -19.58 16.28 47.34
N LEU E 185 -18.39 16.83 47.54
CA LEU E 185 -17.56 16.46 48.68
C LEU E 185 -17.81 17.37 49.87
N ASP E 186 -18.24 18.59 49.58
CA ASP E 186 -18.50 19.61 50.60
C ASP E 186 -19.92 20.20 50.45
N PRO E 187 -20.49 20.76 51.53
CA PRO E 187 -21.79 21.41 51.41
C PRO E 187 -21.81 22.49 50.34
N ALA E 188 -23.00 22.76 49.84
CA ALA E 188 -23.26 23.87 48.94
C ALA E 188 -24.62 24.41 49.34
N PRO E 189 -24.62 25.45 50.20
CA PRO E 189 -25.83 26.07 50.70
C PRO E 189 -26.25 27.19 49.77
N GLU E 190 -27.38 27.85 50.02
CA GLU E 190 -27.88 28.88 49.11
C GLU E 190 -26.83 29.96 48.79
N ASP E 191 -26.00 30.28 49.79
CA ASP E 191 -24.90 31.24 49.65
C ASP E 191 -24.01 30.93 48.45
N ASN E 192 -23.42 29.75 48.49
CA ASN E 192 -22.54 29.31 47.41
C ASN E 192 -22.95 27.92 46.93
N CYS E 193 -23.83 27.92 45.92
CA CYS E 193 -24.30 26.71 45.27
C CYS E 193 -24.60 27.04 43.81
N VAL E 194 -24.75 26.01 42.98
CA VAL E 194 -25.07 26.23 41.58
C VAL E 194 -26.57 26.51 41.46
N TRP E 195 -26.94 27.41 40.55
CA TRP E 195 -28.33 27.79 40.27
C TRP E 195 -28.72 27.41 38.84
N CYS E 196 -29.95 26.96 38.64
CA CYS E 196 -30.40 26.55 37.31
C CYS E 196 -31.63 27.32 36.88
N ILE E 197 -31.78 27.49 35.56
CA ILE E 197 -33.04 27.92 34.99
C ILE E 197 -33.75 26.71 34.37
N PRO E 198 -34.70 26.13 35.12
CA PRO E 198 -35.37 24.91 34.65
C PRO E 198 -35.98 25.12 33.27
N GLU E 199 -35.92 24.07 32.46
CA GLU E 199 -36.55 24.00 31.13
C GLU E 199 -35.81 24.81 30.05
N SER E 200 -34.70 25.47 30.43
CA SER E 200 -33.88 26.23 29.47
C SER E 200 -33.08 25.29 28.55
N ASN E 201 -33.02 24.02 28.93
CA ASN E 201 -32.44 22.99 28.06
C ASN E 201 -33.19 22.83 26.73
N TYR E 202 -34.37 23.44 26.60
CA TYR E 202 -35.08 23.42 25.32
C TYR E 202 -35.08 24.76 24.59
N TRP E 203 -34.44 25.79 25.16
CA TRP E 203 -34.43 27.10 24.52
C TRP E 203 -33.64 27.08 23.23
N GLY E 204 -34.11 27.81 22.23
CA GLY E 204 -33.36 28.02 21.00
C GLY E 204 -32.13 28.87 21.26
N ASP E 205 -31.21 28.89 20.30
CA ASP E 205 -29.95 29.58 20.46
C ASP E 205 -30.10 31.09 20.69
N ASP E 206 -31.01 31.74 19.97
CA ASP E 206 -31.22 33.18 20.15
C ASP E 206 -31.66 33.49 21.59
N ARG E 207 -32.66 32.77 22.09
CA ARG E 207 -33.15 33.03 23.44
C ARG E 207 -32.11 32.67 24.52
N LEU E 208 -31.34 31.60 24.30
CA LEU E 208 -30.29 31.20 25.25
C LEU E 208 -29.29 32.34 25.47
N THR E 209 -28.67 32.74 24.37
CA THR E 209 -27.70 33.84 24.33
C THR E 209 -28.29 35.16 24.85
N ALA E 210 -29.46 35.52 24.34
CA ALA E 210 -30.13 36.73 24.79
C ALA E 210 -30.33 36.71 26.29
N THR E 211 -30.68 35.56 26.86
CA THR E 211 -31.01 35.53 28.27
C THR E 211 -29.72 35.48 29.11
N ALA E 212 -28.73 34.74 28.62
CA ALA E 212 -27.47 34.59 29.35
C ALA E 212 -26.72 35.92 29.40
N ASP E 213 -26.66 36.61 28.28
CA ASP E 213 -26.06 37.95 28.24
C ASP E 213 -26.67 38.87 29.29
N GLN E 214 -28.00 38.99 29.30
CA GLN E 214 -28.66 39.87 30.27
C GLN E 214 -28.32 39.50 31.70
N LEU E 215 -28.45 38.21 32.04
CA LEU E 215 -28.09 37.72 33.37
C LEU E 215 -26.62 37.98 33.76
N ASN E 216 -25.71 37.89 32.81
CA ASN E 216 -24.30 38.01 33.14
C ASN E 216 -23.81 39.46 33.21
N ALA E 217 -24.61 40.40 32.72
CA ALA E 217 -24.26 41.81 32.72
C ALA E 217 -24.58 42.53 34.03
N ALA E 225 -35.03 31.11 38.51
CA ALA E 225 -33.83 30.41 38.97
C ALA E 225 -34.07 29.64 40.27
N VAL E 226 -33.57 28.42 40.32
CA VAL E 226 -33.71 27.58 41.51
C VAL E 226 -32.32 27.12 41.98
N PRO E 227 -32.17 26.93 43.30
CA PRO E 227 -30.86 26.58 43.84
C PRO E 227 -30.67 25.08 44.00
N ALA E 228 -29.46 24.59 43.77
CA ALA E 228 -29.15 23.22 44.16
C ALA E 228 -28.45 23.27 45.51
N VAL E 229 -29.22 23.10 46.58
CA VAL E 229 -28.63 23.12 47.91
C VAL E 229 -28.19 21.70 48.26
N MET E 230 -26.90 21.50 48.36
CA MET E 230 -26.35 20.14 48.46
C MET E 230 -25.68 19.87 49.80
N GLN E 231 -25.83 18.63 50.28
CA GLN E 231 -25.05 18.12 51.39
C GLN E 231 -23.96 17.20 50.82
N PRO E 232 -22.83 17.04 51.54
CA PRO E 232 -21.82 16.13 50.99
C PRO E 232 -22.36 14.73 50.76
N GLY E 233 -21.89 14.10 49.70
CA GLY E 233 -22.31 12.77 49.34
C GLY E 233 -23.57 12.78 48.50
N ASP E 234 -24.17 13.96 48.31
CA ASP E 234 -25.29 14.14 47.39
C ASP E 234 -24.80 14.28 45.95
N LEU E 235 -25.72 14.13 45.00
CA LEU E 235 -25.42 14.18 43.58
C LEU E 235 -26.36 15.12 42.81
N LEU E 236 -25.79 16.01 42.01
CA LEU E 236 -26.59 16.87 41.14
C LEU E 236 -26.46 16.44 39.67
N LEU E 237 -27.58 16.12 39.04
CA LEU E 237 -27.59 15.83 37.61
C LEU E 237 -28.09 17.03 36.85
N HIS E 238 -27.35 17.46 35.84
CA HIS E 238 -27.89 18.48 34.96
C HIS E 238 -27.56 18.22 33.50
N ASN E 239 -28.60 18.41 32.69
CA ASN E 239 -28.49 18.51 31.26
C ASN E 239 -27.45 19.59 30.91
N ILE E 240 -26.51 19.28 30.04
CA ILE E 240 -25.52 20.29 29.63
C ILE E 240 -26.14 21.48 28.90
N LEU E 241 -27.39 21.38 28.45
CA LEU E 241 -28.07 22.51 27.81
C LEU E 241 -28.79 23.42 28.81
N THR E 242 -28.86 22.98 30.05
CA THR E 242 -29.53 23.73 31.08
C THR E 242 -28.66 24.92 31.44
N LEU E 243 -29.21 26.13 31.27
CA LEU E 243 -28.51 27.34 31.69
C LEU E 243 -28.30 27.28 33.18
N HIS E 244 -27.03 27.26 33.60
CA HIS E 244 -26.74 27.20 35.02
C HIS E 244 -25.58 28.15 35.30
N GLY E 245 -25.36 28.42 36.58
CA GLY E 245 -24.35 29.38 37.00
C GLY E 245 -24.29 29.48 38.51
N ALA E 246 -23.35 30.27 39.01
CA ALA E 246 -23.17 30.45 40.44
C ALA E 246 -22.68 31.87 40.76
N PRO E 247 -23.24 32.49 41.81
CA PRO E 247 -22.87 33.84 42.24
C PRO E 247 -21.43 33.95 42.76
N ALA E 248 -21.02 35.16 43.16
CA ALA E 248 -19.69 35.40 43.72
C ALA E 248 -19.49 34.64 45.04
N GLY E 251 -17.09 33.14 49.80
CA GLY E 251 -17.44 31.96 50.58
C GLY E 251 -16.30 30.98 50.81
N LYS E 252 -16.63 29.81 51.34
CA LYS E 252 -15.66 28.75 51.53
C LYS E 252 -15.42 27.93 50.25
N GLN E 253 -14.24 27.32 50.18
CA GLN E 253 -13.92 26.44 49.09
C GLN E 253 -14.75 25.18 49.20
N ARG E 254 -15.21 24.69 48.06
CA ARG E 254 -15.87 23.41 48.05
C ARG E 254 -15.49 22.65 46.78
N ARG E 255 -15.49 21.33 46.90
CA ARG E 255 -15.02 20.46 45.86
C ARG E 255 -16.17 19.67 45.23
N VAL E 256 -16.18 19.56 43.91
CA VAL E 256 -17.15 18.69 43.25
C VAL E 256 -16.46 17.80 42.22
N ILE E 257 -16.76 16.51 42.27
CA ILE E 257 -16.31 15.59 41.23
C ILE E 257 -17.36 15.52 40.12
N TYR E 258 -16.92 15.78 38.89
CA TYR E 258 -17.82 15.82 37.75
C TYR E 258 -17.53 14.71 36.76
N PHE E 259 -18.56 13.90 36.51
CA PHE E 259 -18.59 12.87 35.47
C PHE E 259 -19.60 13.26 34.37
N GLU E 260 -19.15 13.34 33.12
CA GLU E 260 -20.08 13.53 32.01
C GLU E 260 -20.33 12.18 31.32
N TYR E 261 -21.52 12.02 30.76
CA TYR E 261 -21.92 10.78 30.09
C TYR E 261 -22.66 11.08 28.79
N ARG E 262 -22.33 10.30 27.74
CA ARG E 262 -23.01 10.41 26.45
C ARG E 262 -23.36 9.02 25.93
N PRO E 263 -24.44 8.92 25.14
CA PRO E 263 -24.75 7.67 24.45
C PRO E 263 -23.71 7.38 23.37
N ALA E 264 -23.29 6.12 23.28
CA ALA E 264 -22.31 5.70 22.30
C ALA E 264 -22.73 6.05 20.88
N GLU E 265 -24.01 5.83 20.55
CA GLU E 265 -24.48 6.05 19.17
C GLU E 265 -24.47 7.52 18.78
N VAL E 266 -24.65 8.40 19.77
CA VAL E 266 -24.56 9.83 19.52
C VAL E 266 -23.08 10.19 19.25
N GLU E 267 -22.20 9.69 20.09
CA GLU E 267 -20.79 9.99 19.95
C GLU E 267 -20.23 9.39 18.62
N TRP E 268 -20.64 8.17 18.29
CA TRP E 268 -20.29 7.53 17.01
C TRP E 268 -20.65 8.35 15.75
N GLN E 269 -21.88 8.83 15.65
CA GLN E 269 -22.30 9.60 14.47
C GLN E 269 -22.04 11.11 14.55
N LEU E 270 -22.13 11.69 15.74
CA LEU E 270 -22.09 13.14 15.83
C LEU E 270 -20.81 13.68 16.52
N GLY E 271 -19.98 12.78 17.02
CA GLY E 271 -18.81 13.21 17.77
C GLY E 271 -19.23 13.72 19.13
N PRO E 272 -18.45 14.64 19.73
CA PRO E 272 -17.24 15.32 19.24
C PRO E 272 -15.96 14.49 19.21
N HIS E 273 -15.97 13.32 19.87
CA HIS E 273 -14.80 12.46 19.90
C HIS E 273 -14.74 11.60 18.64
N SER E 274 -13.59 10.95 18.42
CA SER E 274 -13.45 10.01 17.31
C SER E 274 -14.04 8.66 17.72
N ALA E 275 -14.39 7.85 16.74
CA ALA E 275 -15.09 6.58 16.98
C ALA E 275 -14.35 5.64 17.91
N GLU E 276 -13.02 5.69 17.84
CA GLU E 276 -12.13 4.85 18.64
C GLU E 276 -12.25 5.14 20.16
N TYR E 277 -12.65 6.36 20.47
CA TYR E 277 -12.79 6.83 21.84
C TYR E 277 -13.79 5.99 22.61
N ILE E 278 -14.84 5.60 21.90
CA ILE E 278 -15.95 4.87 22.48
C ILE E 278 -15.49 3.59 23.17
N GLY E 279 -14.81 2.72 22.44
CA GLY E 279 -14.39 1.44 22.98
C GLY E 279 -13.41 1.59 24.14
N LEU E 280 -12.57 2.60 24.04
CA LEU E 280 -11.62 2.91 25.10
C LEU E 280 -12.32 3.34 26.40
N LYS E 281 -13.32 4.19 26.27
CA LYS E 281 -14.03 4.65 27.46
C LYS E 281 -14.89 3.54 28.02
N GLN E 282 -15.36 2.65 27.14
CA GLN E 282 -16.07 1.44 27.56
C GLN E 282 -15.12 0.57 28.36
N GLN E 283 -13.87 0.48 27.89
CA GLN E 283 -12.85 -0.21 28.68
C GLN E 283 -12.73 0.46 30.04
N VAL E 284 -12.69 1.80 30.04
CA VAL E 284 -12.49 2.55 31.28
C VAL E 284 -13.63 2.30 32.25
N LEU E 285 -14.85 2.24 31.71
CA LEU E 285 -16.05 2.03 32.54
C LEU E 285 -16.07 0.64 33.18
N ARG E 286 -15.81 -0.39 32.37
CA ARG E 286 -15.86 -1.77 32.86
C ARG E 286 -14.74 -2.02 33.85
N SER E 287 -13.59 -1.43 33.58
CA SER E 287 -12.46 -1.53 34.50
C SER E 287 -12.81 -0.94 35.87
N CYS E 288 -13.52 0.18 35.89
CA CYS E 288 -13.91 0.82 37.15
C CYS E 288 -14.96 -0.01 37.92
N ILE E 289 -15.88 -0.60 37.18
CA ILE E 289 -16.90 -1.46 37.76
C ILE E 289 -16.25 -2.75 38.31
N GLN E 290 -15.27 -3.27 37.58
CA GLN E 290 -14.57 -4.46 38.01
C GLN E 290 -13.82 -4.22 39.32
N MET E 291 -13.05 -3.14 39.38
CA MET E 291 -12.19 -2.90 40.53
C MET E 291 -13.01 -2.47 41.74
N ARG E 292 -14.15 -1.83 41.52
CA ARG E 292 -15.07 -1.59 42.62
C ARG E 292 -15.69 -2.91 43.11
N ALA E 293 -15.94 -3.83 42.18
CA ALA E 293 -16.57 -5.10 42.54
C ALA E 293 -15.62 -5.95 43.37
N ASN E 294 -14.32 -5.82 43.10
CA ASN E 294 -13.27 -6.54 43.84
C ASN E 294 -12.99 -5.94 45.22
N GLU E 295 -13.49 -4.73 45.47
CA GLU E 295 -13.21 -4.02 46.73
C GLU E 295 -14.16 -4.47 47.82
N PRO E 296 -13.59 -4.94 48.94
CA PRO E 296 -14.34 -5.59 50.03
C PRO E 296 -15.46 -4.75 50.63
N GLN E 297 -15.28 -3.44 50.78
CA GLN E 297 -16.31 -2.67 51.45
C GLN E 297 -17.55 -2.48 50.60
N PHE E 298 -17.45 -2.77 49.29
CA PHE E 298 -18.59 -2.70 48.40
C PHE E 298 -19.08 -4.11 48.03
N GLY E 299 -18.59 -5.12 48.75
CA GLY E 299 -18.99 -6.49 48.50
C GLY E 299 -20.50 -6.71 48.55
N ASP E 300 -21.21 -5.82 49.25
CA ASP E 300 -22.66 -5.87 49.39
C ASP E 300 -23.41 -5.49 48.11
N GLU E 301 -22.84 -4.60 47.31
CA GLU E 301 -23.59 -3.98 46.18
C GLU E 301 -23.89 -4.95 45.04
N GLU E 302 -24.99 -4.70 44.35
CA GLU E 302 -25.26 -5.31 43.04
C GLU E 302 -24.57 -4.46 41.99
N PRO E 303 -23.48 -4.98 41.41
CA PRO E 303 -22.71 -4.20 40.43
C PRO E 303 -23.52 -3.86 39.18
N PHE E 304 -23.20 -2.73 38.56
CA PHE E 304 -23.83 -2.34 37.32
C PHE E 304 -23.52 -3.35 36.22
N ASP E 305 -24.58 -3.86 35.59
CA ASP E 305 -24.43 -4.75 34.44
C ASP E 305 -24.49 -3.90 33.16
N TYR E 306 -23.32 -3.58 32.61
CA TYR E 306 -23.20 -2.74 31.42
C TYR E 306 -23.50 -3.55 30.17
N GLN E 307 -24.58 -3.19 29.48
CA GLN E 307 -25.09 -4.01 28.38
C GLN E 307 -25.52 -3.14 27.21
N PRO E 308 -24.56 -2.63 26.45
CA PRO E 308 -24.94 -1.86 25.26
C PRO E 308 -25.44 -2.77 24.16
N ALA E 309 -26.12 -2.19 23.16
CA ALA E 309 -26.48 -2.93 21.95
C ALA E 309 -25.23 -3.53 21.31
N GLU E 310 -25.38 -4.73 20.73
CA GLU E 310 -24.23 -5.52 20.25
C GLU E 310 -23.30 -4.73 19.36
N SER E 311 -23.85 -3.99 18.41
CA SER E 311 -23.03 -3.32 17.42
C SER E 311 -22.26 -2.14 18.02
N LEU E 312 -22.53 -1.78 19.27
CA LEU E 312 -21.85 -0.65 19.90
C LEU E 312 -20.90 -1.09 21.01
N ARG E 313 -20.65 -2.38 21.12
CA ARG E 313 -19.63 -2.84 22.05
C ARG E 313 -18.28 -2.79 21.34
N HIS E 314 -17.41 -1.88 21.78
CA HIS E 314 -16.14 -1.71 21.10
C HIS E 314 -14.95 -1.88 22.03
N TRP E 315 -15.17 -2.47 23.21
CA TRP E 315 -14.11 -2.59 24.19
C TRP E 315 -13.15 -3.75 23.93
N VAL E 316 -13.42 -4.56 22.90
CA VAL E 316 -12.48 -5.59 22.45
C VAL E 316 -11.63 -5.12 21.25
N ASP E 317 -11.88 -3.89 20.79
CA ASP E 317 -11.26 -3.38 19.56
C ASP E 317 -9.80 -2.92 19.72
N ARG E 318 -9.37 -2.68 20.95
CA ARG E 318 -8.00 -2.25 21.24
C ARG E 318 -7.46 -3.09 22.41
N PRO E 319 -6.13 -3.14 22.59
CA PRO E 319 -5.66 -3.98 23.70
C PRO E 319 -6.12 -3.46 25.06
N GLU E 320 -6.20 -4.37 26.03
CA GLU E 320 -6.47 -4.06 27.42
C GLU E 320 -5.73 -2.79 27.85
N ILE E 321 -6.48 -1.77 28.24
CA ILE E 321 -5.90 -0.47 28.52
C ILE E 321 -5.01 -0.52 29.75
N ASP E 322 -3.95 0.28 29.74
CA ASP E 322 -2.98 0.34 30.84
C ASP E 322 -3.05 1.68 31.57
N THR E 323 -4.00 2.51 31.13
CA THR E 323 -4.22 3.85 31.67
C THR E 323 -5.74 4.16 31.67
N LEU E 324 -6.15 5.14 32.46
CA LEU E 324 -7.56 5.54 32.49
C LEU E 324 -7.71 6.95 31.93
N ARG E 325 -6.63 7.46 31.37
CA ARG E 325 -6.60 8.80 30.83
C ARG E 325 -6.62 8.78 29.30
N PHE E 326 -7.64 9.40 28.74
CA PHE E 326 -7.73 9.51 27.30
C PHE E 326 -7.98 10.96 26.97
N ALA E 327 -6.92 11.62 26.50
CA ALA E 327 -6.97 13.06 26.28
C ALA E 327 -7.90 13.42 25.17
N HIS E 328 -8.91 14.18 25.52
CA HIS E 328 -9.88 14.65 24.55
C HIS E 328 -9.25 15.13 23.24
N GLU E 329 -8.12 15.85 23.30
CA GLU E 329 -7.56 16.45 22.08
C GLU E 329 -6.84 15.43 21.20
N GLU E 330 -6.61 14.23 21.73
CA GLU E 330 -6.01 13.18 20.92
C GLU E 330 -7.09 12.26 20.38
N TYR E 331 -8.34 12.53 20.74
CA TYR E 331 -9.44 11.69 20.26
C TYR E 331 -10.61 12.53 19.76
N TRP E 332 -10.29 13.52 18.94
CA TRP E 332 -11.23 14.57 18.59
C TRP E 332 -11.47 14.54 17.08
N ARG E 333 -12.72 14.75 16.67
CA ARG E 333 -13.03 14.71 15.24
C ARG E 333 -13.53 16.08 14.74
N HIS F 10 2.22 -37.62 -54.45
CA HIS F 10 2.79 -36.40 -53.91
C HIS F 10 4.06 -35.96 -54.65
N SER F 11 4.25 -36.49 -55.85
CA SER F 11 5.44 -36.27 -56.68
C SER F 11 6.68 -36.96 -56.09
N SER F 12 7.18 -37.93 -56.84
CA SER F 12 8.28 -38.77 -56.40
C SER F 12 9.62 -38.12 -56.68
N GLY F 13 9.62 -37.15 -57.60
CA GLY F 13 10.83 -36.43 -57.97
C GLY F 13 11.98 -37.33 -58.36
N LEU F 14 11.69 -38.40 -59.11
CA LEU F 14 12.72 -39.35 -59.53
C LEU F 14 13.70 -38.77 -60.55
N VAL F 15 14.86 -39.40 -60.66
CA VAL F 15 15.90 -38.95 -61.57
C VAL F 15 16.17 -40.01 -62.63
N PRO F 16 16.01 -39.66 -63.92
CA PRO F 16 16.18 -40.59 -65.04
C PRO F 16 17.57 -41.25 -65.03
N ARG F 17 17.65 -42.50 -65.49
CA ARG F 17 18.86 -43.31 -65.34
C ARG F 17 20.11 -42.69 -66.00
N HIS F 20 21.41 -38.21 -62.27
CA HIS F 20 21.82 -37.73 -60.94
C HIS F 20 21.06 -36.47 -60.51
N MET F 21 21.05 -36.22 -59.20
CA MET F 21 20.28 -35.12 -58.62
C MET F 21 20.89 -33.76 -59.00
N ARG F 33 -35.95 -13.09 22.16
CA ARG F 33 -37.38 -12.91 22.46
C ARG F 33 -37.66 -11.46 22.89
N ILE F 34 -38.69 -10.88 22.28
CA ILE F 34 -39.09 -9.52 22.62
C ILE F 34 -39.55 -9.48 24.06
N ALA F 35 -39.02 -8.54 24.85
CA ALA F 35 -39.42 -8.37 26.23
C ALA F 35 -40.91 -8.01 26.38
N GLU F 36 -41.50 -8.36 27.52
CA GLU F 36 -42.93 -8.20 27.71
C GLU F 36 -43.27 -7.40 28.94
N CYS F 37 -44.20 -6.48 28.80
CA CYS F 37 -44.67 -5.73 29.97
C CYS F 37 -46.14 -6.02 30.24
N ASP F 38 -46.39 -6.58 31.42
CA ASP F 38 -47.73 -6.80 31.92
C ASP F 38 -48.21 -5.52 32.55
N ILE F 39 -48.67 -4.58 31.71
CA ILE F 39 -48.77 -3.18 32.13
C ILE F 39 -49.64 -2.98 33.36
N ARG F 40 -50.72 -3.75 33.47
CA ARG F 40 -51.67 -3.53 34.56
C ARG F 40 -51.25 -4.25 35.83
N ARG F 41 -50.32 -5.20 35.73
CA ARG F 41 -49.82 -5.90 36.91
C ARG F 41 -48.57 -5.21 37.50
N THR F 42 -47.56 -4.97 36.68
CA THR F 42 -46.28 -4.48 37.22
C THR F 42 -46.07 -2.97 37.00
N GLY F 43 -46.79 -2.41 36.02
CA GLY F 43 -46.48 -1.07 35.56
C GLY F 43 -45.33 -1.18 34.56
N LEU F 44 -44.82 -0.04 34.09
CA LEU F 44 -43.64 -0.07 33.24
C LEU F 44 -42.39 -0.03 34.12
N LEU F 45 -41.62 -1.10 34.08
CA LEU F 45 -40.43 -1.22 34.92
C LEU F 45 -39.17 -0.71 34.20
N PRO F 46 -38.11 -0.37 34.96
CA PRO F 46 -36.85 0.06 34.33
C PRO F 46 -36.28 -0.95 33.33
N GLU F 47 -36.46 -2.24 33.59
CA GLU F 47 -36.02 -3.29 32.66
C GLU F 47 -36.77 -3.24 31.30
N HIS F 48 -38.02 -2.80 31.33
CA HIS F 48 -38.81 -2.69 30.11
C HIS F 48 -38.33 -1.54 29.23
N VAL F 49 -38.15 -0.37 29.84
CA VAL F 49 -37.51 0.75 29.17
C VAL F 49 -36.20 0.34 28.53
N THR F 50 -35.33 -0.31 29.31
CA THR F 50 -34.02 -0.71 28.82
C THR F 50 -34.12 -1.66 27.64
N ALA F 51 -34.98 -2.68 27.75
CA ALA F 51 -35.17 -3.61 26.65
C ALA F 51 -35.73 -2.89 25.42
N PHE F 52 -36.63 -1.92 25.63
CA PHE F 52 -37.10 -1.17 24.46
C PHE F 52 -35.99 -0.35 23.82
N ARG F 53 -35.26 0.41 24.62
CA ARG F 53 -34.15 1.22 24.08
C ARG F 53 -33.11 0.36 23.37
N ARG F 54 -32.79 -0.79 23.97
CA ARG F 54 -31.74 -1.63 23.42
C ARG F 54 -32.24 -2.37 22.16
N GLN F 55 -33.37 -3.04 22.26
CA GLN F 55 -33.80 -3.91 21.17
C GLN F 55 -34.65 -3.20 20.13
N GLY F 56 -35.25 -2.08 20.53
CA GLY F 56 -36.07 -1.30 19.61
C GLY F 56 -37.47 -1.85 19.46
N VAL F 57 -37.86 -2.71 20.39
CA VAL F 57 -39.20 -3.30 20.36
C VAL F 57 -39.59 -3.74 21.79
N LEU F 58 -40.89 -3.72 22.09
CA LEU F 58 -41.44 -4.11 23.39
C LEU F 58 -42.94 -4.47 23.32
N VAL F 59 -43.28 -5.68 23.79
CA VAL F 59 -44.68 -6.08 23.87
C VAL F 59 -45.30 -5.62 25.19
N VAL F 60 -46.51 -5.08 25.09
CA VAL F 60 -47.26 -4.67 26.26
C VAL F 60 -48.56 -5.45 26.25
N ARG F 61 -48.70 -6.40 27.19
CA ARG F 61 -49.88 -7.28 27.23
C ARG F 61 -51.01 -6.60 27.97
N GLY F 62 -52.21 -6.72 27.43
CA GLY F 62 -53.41 -6.26 28.11
C GLY F 62 -53.57 -4.77 28.32
N LEU F 63 -53.24 -3.98 27.30
CA LEU F 63 -53.42 -2.52 27.41
C LEU F 63 -54.91 -2.16 27.62
N LEU F 64 -55.79 -2.82 26.86
CA LEU F 64 -57.22 -2.48 26.89
C LEU F 64 -58.01 -3.37 27.84
N THR F 65 -59.09 -2.83 28.40
CA THR F 65 -60.08 -3.66 29.08
C THR F 65 -60.92 -4.33 27.99
N PRO F 66 -61.59 -5.45 28.32
CA PRO F 66 -62.40 -6.18 27.31
C PRO F 66 -63.47 -5.31 26.69
N GLN F 67 -64.11 -4.48 27.50
CA GLN F 67 -65.13 -3.56 27.02
C GLN F 67 -64.58 -2.62 25.96
N GLU F 68 -63.42 -2.03 26.24
CA GLU F 68 -62.86 -1.06 25.30
C GLU F 68 -62.39 -1.75 24.04
N LEU F 69 -61.81 -2.93 24.18
CA LEU F 69 -61.37 -3.72 23.02
C LEU F 69 -62.53 -3.93 22.06
N ALA F 70 -63.69 -4.32 22.61
CA ALA F 70 -64.88 -4.52 21.80
C ALA F 70 -65.34 -3.20 21.16
N ASP F 71 -65.30 -2.11 21.93
CA ASP F 71 -65.64 -0.79 21.37
C ASP F 71 -64.82 -0.50 20.12
N VAL F 72 -63.52 -0.72 20.23
CA VAL F 72 -62.59 -0.34 19.17
C VAL F 72 -62.62 -1.34 18.03
N GLN F 73 -62.88 -2.60 18.36
CA GLN F 73 -63.07 -3.63 17.33
C GLN F 73 -64.28 -3.29 16.46
N GLU F 74 -65.33 -2.78 17.10
CA GLU F 74 -66.55 -2.35 16.42
C GLU F 74 -66.26 -1.17 15.49
N ALA F 75 -65.56 -0.17 16.03
CA ALA F 75 -65.18 1.01 15.26
C ALA F 75 -64.32 0.63 14.06
N GLY F 76 -63.47 -0.38 14.25
CA GLY F 76 -62.60 -0.86 13.19
C GLY F 76 -63.39 -1.45 12.03
N ARG F 77 -64.39 -2.27 12.35
CA ARG F 77 -65.22 -2.91 11.34
C ARG F 77 -66.04 -1.85 10.57
N ALA F 78 -66.59 -0.90 11.32
CA ALA F 78 -67.32 0.24 10.76
C ALA F 78 -66.47 1.04 9.80
N LEU F 79 -65.19 1.25 10.11
CA LEU F 79 -64.34 2.03 9.22
C LEU F 79 -64.02 1.25 7.94
N ILE F 80 -63.81 -0.04 8.09
CA ILE F 80 -63.51 -0.87 6.93
C ILE F 80 -64.73 -0.96 6.03
N ASP F 81 -65.91 -1.09 6.62
CA ASP F 81 -67.14 -1.17 5.84
C ASP F 81 -67.40 0.13 5.06
N ARG F 82 -67.12 1.27 5.69
CA ARG F 82 -67.19 2.57 5.01
C ARG F 82 -66.28 2.61 3.80
N ALA F 83 -65.06 2.08 3.96
CA ALA F 83 -64.09 2.10 2.87
C ALA F 83 -64.55 1.24 1.70
N TRP F 84 -65.13 0.08 2.00
CA TRP F 84 -65.66 -0.77 0.94
C TRP F 84 -66.85 -0.12 0.24
N SER F 85 -67.75 0.47 1.02
CA SER F 85 -68.94 1.14 0.47
C SER F 85 -68.56 2.25 -0.53
N THR F 86 -68.00 3.33 0.01
CA THR F 86 -67.61 4.51 -0.77
C THR F 86 -66.68 4.22 -1.95
N ARG F 87 -65.79 3.24 -1.76
CA ARG F 87 -64.64 3.01 -2.66
C ARG F 87 -63.90 4.30 -2.94
N SER F 88 -63.74 5.13 -1.90
CA SER F 88 -63.01 6.38 -2.01
C SER F 88 -61.50 6.18 -1.81
N MET F 89 -60.69 6.98 -2.48
CA MET F 89 -59.24 6.92 -2.35
C MET F 89 -58.71 7.89 -1.29
N GLU F 90 -59.60 8.72 -0.78
CA GLU F 90 -59.23 9.73 0.19
C GLU F 90 -59.02 9.11 1.56
N ASP F 91 -57.85 9.36 2.14
CA ASP F 91 -57.49 8.85 3.45
C ASP F 91 -57.49 7.32 3.47
N THR F 92 -57.26 6.69 2.33
CA THR F 92 -57.39 5.24 2.20
C THR F 92 -56.44 4.67 1.15
N VAL F 93 -55.55 3.79 1.58
CA VAL F 93 -54.66 3.08 0.66
C VAL F 93 -55.35 1.85 0.11
N TRP F 94 -55.37 1.72 -1.22
CA TRP F 94 -55.94 0.55 -1.89
C TRP F 94 -54.85 -0.26 -2.57
N THR F 95 -55.07 -1.57 -2.70
CA THR F 95 -54.11 -2.43 -3.40
C THR F 95 -53.97 -2.03 -4.86
N LEU F 96 -55.11 -1.72 -5.49
CA LEU F 96 -55.19 -1.18 -6.85
C LEU F 96 -56.25 -0.08 -6.88
N GLU F 97 -56.45 0.57 -8.03
CA GLU F 97 -57.53 1.57 -8.11
C GLU F 97 -58.87 0.89 -7.84
N PRO F 98 -59.65 1.47 -6.91
CA PRO F 98 -60.88 0.85 -6.37
C PRO F 98 -61.87 0.33 -7.41
N ASP F 99 -61.78 0.84 -8.63
CA ASP F 99 -62.64 0.39 -9.71
C ASP F 99 -62.09 -0.87 -10.40
N GLN F 100 -60.99 -1.41 -9.87
CA GLN F 100 -60.38 -2.62 -10.43
C GLN F 100 -60.86 -3.87 -9.70
N PRO F 101 -60.97 -4.98 -10.45
CA PRO F 101 -61.39 -6.20 -9.77
C PRO F 101 -60.32 -6.66 -8.79
N GLY F 102 -60.72 -7.02 -7.58
CA GLY F 102 -59.79 -7.53 -6.59
C GLY F 102 -59.11 -6.43 -5.78
N ALA F 103 -59.33 -5.18 -6.19
CA ALA F 103 -58.80 -4.03 -5.45
C ALA F 103 -59.36 -4.03 -4.05
N ALA F 104 -58.53 -3.68 -3.07
CA ALA F 104 -58.99 -3.70 -1.68
C ALA F 104 -58.31 -2.65 -0.82
N PRO F 105 -59.04 -2.12 0.17
CA PRO F 105 -58.46 -1.16 1.10
C PRO F 105 -57.54 -1.87 2.08
N VAL F 106 -56.41 -1.28 2.45
CA VAL F 106 -55.50 -1.92 3.39
C VAL F 106 -55.06 -0.97 4.50
N ARG F 107 -55.42 0.31 4.37
CA ARG F 107 -55.13 1.30 5.40
C ARG F 107 -56.05 2.48 5.32
N ILE F 108 -56.51 2.93 6.48
CA ILE F 108 -57.35 4.12 6.57
C ILE F 108 -56.63 5.14 7.43
N GLU F 109 -56.52 6.38 6.93
CA GLU F 109 -55.85 7.46 7.65
C GLU F 109 -56.80 8.31 8.48
N TYR F 110 -56.27 8.82 9.59
CA TYR F 110 -56.97 9.72 10.51
C TYR F 110 -58.21 9.07 11.07
N VAL F 111 -58.04 7.83 11.54
CA VAL F 111 -59.10 7.06 12.18
C VAL F 111 -59.51 7.70 13.52
N VAL F 112 -58.60 8.46 14.12
CA VAL F 112 -58.94 9.19 15.34
C VAL F 112 -60.04 10.23 15.06
N ASP F 113 -59.95 10.87 13.91
CA ASP F 113 -60.93 11.89 13.54
C ASP F 113 -62.26 11.23 13.13
N LYS F 114 -62.17 10.04 12.53
CA LYS F 114 -63.31 9.37 11.93
C LYS F 114 -64.16 8.57 12.91
N ALA F 115 -63.55 8.09 14.00
CA ALA F 115 -64.28 7.22 14.92
C ALA F 115 -64.04 7.60 16.39
N ARG F 116 -65.11 7.98 17.07
CA ARG F 116 -65.03 8.45 18.45
C ARG F 116 -64.38 7.48 19.44
N PRO F 117 -64.64 6.16 19.32
CA PRO F 117 -63.92 5.25 20.23
C PRO F 117 -62.40 5.33 20.08
N ILE F 118 -61.94 5.49 18.85
CA ILE F 118 -60.52 5.52 18.56
C ILE F 118 -59.86 6.83 19.01
N ALA F 119 -60.61 7.94 18.89
CA ALA F 119 -60.17 9.21 19.49
C ALA F 119 -59.93 9.05 20.97
N MET F 120 -60.87 8.37 21.65
CA MET F 120 -60.72 8.14 23.08
C MET F 120 -59.55 7.17 23.37
N LEU F 121 -59.35 6.23 22.45
CA LEU F 121 -58.21 5.32 22.52
C LEU F 121 -56.91 6.12 22.51
N ALA F 122 -56.83 7.14 21.65
CA ALA F 122 -55.64 7.98 21.55
C ALA F 122 -55.39 8.81 22.81
N GLY F 123 -56.36 8.84 23.73
CA GLY F 123 -56.18 9.47 25.04
C GLY F 123 -55.91 8.49 26.17
N HIS F 124 -55.73 7.21 25.83
CA HIS F 124 -55.56 6.17 26.84
C HIS F 124 -54.40 6.47 27.78
N PRO F 125 -54.68 6.53 29.08
CA PRO F 125 -53.72 7.00 30.08
C PRO F 125 -52.53 6.05 30.29
N LEU F 126 -52.71 4.75 30.13
CA LEU F 126 -51.58 3.84 30.34
C LEU F 126 -50.70 3.87 29.09
N LEU F 127 -51.31 4.02 27.92
CA LEU F 127 -50.54 4.18 26.69
C LEU F 127 -49.68 5.45 26.73
N LEU F 128 -50.28 6.55 27.21
CA LEU F 128 -49.60 7.84 27.19
C LEU F 128 -48.58 7.95 28.33
N ARG F 129 -48.78 7.25 29.43
CA ARG F 129 -47.77 7.24 30.49
C ARG F 129 -46.59 6.33 30.12
N ILE F 130 -46.84 5.32 29.31
CA ILE F 130 -45.76 4.56 28.71
C ILE F 130 -44.99 5.45 27.73
N MET F 131 -45.73 6.10 26.83
CA MET F 131 -45.15 6.98 25.83
C MET F 131 -44.43 8.20 26.42
N GLU F 132 -44.92 8.71 27.54
CA GLU F 132 -44.19 9.79 28.18
C GLU F 132 -42.83 9.32 28.68
N GLN F 133 -42.71 8.10 29.19
CA GLN F 133 -41.39 7.65 29.63
C GLN F 133 -40.48 7.37 28.44
N LEU F 134 -41.04 6.83 27.38
CA LEU F 134 -40.21 6.45 26.25
C LEU F 134 -39.90 7.61 25.29
N VAL F 135 -40.86 8.49 25.08
CA VAL F 135 -40.70 9.58 24.13
C VAL F 135 -40.27 10.86 24.85
N GLY F 136 -40.57 10.94 26.14
CA GLY F 136 -40.34 12.16 26.91
C GLY F 136 -41.61 12.98 27.12
N PRO F 137 -41.52 14.02 27.96
CA PRO F 137 -42.68 14.83 28.37
C PRO F 137 -43.25 15.69 27.23
N ASN F 138 -42.51 15.87 26.16
CA ASN F 138 -42.99 16.70 25.07
C ASN F 138 -43.58 15.90 23.90
N LEU F 139 -43.98 14.65 24.14
CA LEU F 139 -44.53 13.83 23.04
C LEU F 139 -45.69 14.52 22.29
N ILE F 140 -45.81 14.25 21.00
CA ILE F 140 -47.03 14.57 20.27
C ILE F 140 -47.44 13.43 19.34
N PRO F 141 -48.75 13.20 19.22
CA PRO F 141 -49.30 12.28 18.21
C PRO F 141 -49.07 12.78 16.79
N THR F 142 -48.53 11.93 15.92
CA THR F 142 -48.28 12.31 14.54
C THR F 142 -49.24 11.55 13.63
N TRP F 143 -48.74 10.53 12.93
CA TRP F 143 -49.58 9.65 12.14
C TRP F 143 -50.56 8.88 13.02
N ASP F 144 -51.79 8.74 12.55
CA ASP F 144 -52.75 7.81 13.16
C ASP F 144 -53.59 7.13 12.07
N SER F 145 -53.55 5.81 12.08
CA SER F 145 -54.18 5.01 11.04
C SER F 145 -54.57 3.64 11.54
N MET F 146 -55.32 2.92 10.71
CA MET F 146 -55.55 1.51 10.95
C MET F 146 -55.08 0.74 9.75
N VAL F 147 -54.29 -0.31 9.99
CA VAL F 147 -53.73 -1.13 8.92
C VAL F 147 -54.36 -2.53 9.01
N PHE F 148 -54.64 -3.15 7.87
CA PHE F 148 -55.25 -4.48 7.84
C PHE F 148 -54.93 -5.23 6.56
N LYS F 149 -55.01 -6.54 6.63
CA LYS F 149 -54.64 -7.36 5.50
C LYS F 149 -55.86 -7.75 4.70
N THR F 150 -55.62 -8.30 3.52
CA THR F 150 -56.69 -8.89 2.72
C THR F 150 -56.75 -10.39 2.96
N PRO F 151 -57.75 -10.86 3.72
CA PRO F 151 -57.85 -12.27 4.15
C PRO F 151 -57.81 -13.26 2.99
N ALA F 152 -58.22 -12.86 1.79
CA ALA F 152 -58.11 -13.76 0.64
C ALA F 152 -56.64 -14.06 0.35
N GLY F 153 -55.76 -13.17 0.78
CA GLY F 153 -54.34 -13.35 0.53
C GLY F 153 -53.59 -12.05 0.60
N ALA F 154 -52.51 -12.05 1.37
CA ALA F 154 -51.69 -10.86 1.54
C ALA F 154 -50.24 -11.18 1.17
N PRO F 155 -49.60 -10.27 0.43
CA PRO F 155 -48.22 -10.56 0.03
C PRO F 155 -47.22 -10.34 1.16
N ARG F 156 -46.03 -10.90 0.99
CA ARG F 156 -44.93 -10.72 1.93
C ARG F 156 -44.64 -9.23 2.19
N LEU F 157 -44.53 -8.87 3.47
CA LEU F 157 -44.14 -7.52 3.82
C LEU F 157 -42.61 -7.46 3.94
N ALA F 158 -41.98 -6.81 2.98
CA ALA F 158 -40.52 -6.73 2.92
C ALA F 158 -39.90 -6.16 4.20
N TRP F 159 -38.72 -6.65 4.54
CA TRP F 159 -37.95 -6.10 5.66
C TRP F 159 -37.63 -4.64 5.38
N HIS F 160 -37.93 -3.77 6.32
CA HIS F 160 -37.75 -2.34 6.11
C HIS F 160 -37.69 -1.55 7.41
N ARG F 161 -37.21 -0.31 7.33
CA ARG F 161 -37.41 0.69 8.37
C ARG F 161 -38.57 1.59 7.99
N ASP F 162 -39.32 2.05 8.99
CA ASP F 162 -40.31 3.09 8.79
C ASP F 162 -39.58 4.39 8.50
N ALA F 163 -40.21 5.28 7.73
CA ALA F 163 -39.65 6.61 7.46
C ALA F 163 -39.45 7.39 8.76
N TYR F 166 -34.74 11.40 9.28
CA TYR F 166 -33.72 12.37 9.69
C TYR F 166 -32.31 12.02 9.21
N ASP F 167 -31.49 13.05 9.02
CA ASP F 167 -30.06 12.86 8.90
C ASP F 167 -29.54 12.27 10.22
N ASN F 168 -28.51 11.43 10.14
CA ASN F 168 -27.98 10.72 11.32
C ASN F 168 -29.08 10.17 12.23
N ALA F 169 -30.00 9.41 11.64
CA ALA F 169 -31.20 9.00 12.36
C ALA F 169 -30.87 8.21 13.63
N VAL F 170 -29.85 7.35 13.57
CA VAL F 170 -29.49 6.56 14.75
C VAL F 170 -28.99 7.44 15.91
N GLY F 171 -28.22 8.47 15.59
CA GLY F 171 -27.78 9.42 16.61
C GLY F 171 -28.96 10.15 17.24
N VAL F 172 -29.94 10.47 16.41
CA VAL F 172 -31.12 11.21 16.85
C VAL F 172 -32.13 10.34 17.62
N THR F 173 -32.32 9.09 17.19
CA THR F 173 -33.42 8.32 17.77
C THR F 173 -33.25 6.78 17.74
N GLY F 174 -31.99 6.33 17.67
CA GLY F 174 -31.70 4.92 17.80
C GLY F 174 -32.14 4.49 19.19
N ALA F 175 -32.10 5.43 20.13
CA ALA F 175 -32.55 5.19 21.49
C ALA F 175 -34.06 5.04 21.61
N GLY F 176 -34.80 5.36 20.54
CA GLY F 176 -36.23 5.09 20.49
C GLY F 176 -37.08 6.23 21.02
N ARG F 177 -36.95 7.37 20.38
CA ARG F 177 -37.73 8.56 20.74
C ARG F 177 -38.89 8.78 19.74
N VAL F 178 -38.79 8.15 18.57
CA VAL F 178 -39.85 8.17 17.57
C VAL F 178 -40.47 6.78 17.48
N ILE F 179 -41.69 6.65 18.00
CA ILE F 179 -42.23 5.33 18.29
C ILE F 179 -43.56 5.03 17.60
N ASP F 180 -43.67 3.82 17.08
CA ASP F 180 -44.91 3.27 16.53
C ASP F 180 -45.62 2.39 17.55
N ALA F 181 -46.82 2.78 17.96
CA ALA F 181 -47.63 1.96 18.86
C ALA F 181 -48.73 1.21 18.09
N GLY F 182 -48.62 -0.11 18.06
CA GLY F 182 -49.57 -0.97 17.39
C GLY F 182 -50.51 -1.57 18.42
N ILE F 183 -51.78 -1.20 18.33
CA ILE F 183 -52.80 -1.72 19.22
C ILE F 183 -53.64 -2.74 18.42
N TYR F 184 -53.56 -3.99 18.84
CA TYR F 184 -54.07 -5.12 18.04
C TYR F 184 -55.56 -5.39 18.26
N LEU F 185 -56.34 -5.33 17.19
CA LEU F 185 -57.77 -5.62 17.28
C LEU F 185 -58.06 -7.12 17.04
N ASP F 186 -57.23 -7.76 16.22
CA ASP F 186 -57.33 -9.18 15.95
C ASP F 186 -56.04 -9.85 16.43
N PRO F 187 -56.08 -11.16 16.75
CA PRO F 187 -54.86 -11.85 17.19
C PRO F 187 -53.78 -11.90 16.11
N ALA F 188 -52.53 -11.96 16.54
CA ALA F 188 -51.41 -12.18 15.63
C ALA F 188 -50.61 -13.34 16.17
N PRO F 189 -50.96 -14.57 15.74
CA PRO F 189 -50.23 -15.78 16.12
C PRO F 189 -48.90 -15.83 15.39
N GLU F 190 -48.04 -16.77 15.77
CA GLU F 190 -46.70 -16.83 15.22
C GLU F 190 -46.69 -17.09 13.72
N ASP F 191 -47.66 -17.82 13.21
CA ASP F 191 -47.71 -18.06 11.76
C ASP F 191 -48.34 -16.89 10.98
N ASN F 192 -48.71 -15.83 11.69
CA ASN F 192 -49.25 -14.63 11.03
C ASN F 192 -49.05 -13.40 11.90
N CYS F 193 -47.84 -12.86 11.86
CA CYS F 193 -47.49 -11.75 12.74
C CYS F 193 -46.30 -10.94 12.20
N VAL F 194 -45.88 -9.95 12.97
CA VAL F 194 -44.74 -9.12 12.60
C VAL F 194 -43.46 -9.71 13.15
N TRP F 195 -42.37 -9.60 12.38
CA TRP F 195 -41.06 -10.00 12.87
C TRP F 195 -40.07 -8.84 12.91
N CYS F 196 -39.21 -8.82 13.93
CA CYS F 196 -38.21 -7.77 14.07
C CYS F 196 -36.80 -8.30 14.17
N ILE F 197 -35.85 -7.51 13.69
CA ILE F 197 -34.45 -7.79 14.00
C ILE F 197 -34.05 -6.86 15.14
N PRO F 198 -34.02 -7.40 16.36
CA PRO F 198 -33.77 -6.55 17.54
C PRO F 198 -32.38 -5.94 17.51
N GLU F 199 -32.27 -4.69 17.95
CA GLU F 199 -31.02 -3.92 18.02
C GLU F 199 -30.60 -3.40 16.66
N SER F 200 -31.36 -3.67 15.60
CA SER F 200 -31.02 -3.12 14.29
C SER F 200 -31.35 -1.63 14.22
N ASN F 201 -32.05 -1.13 15.22
CA ASN F 201 -32.29 0.29 15.39
C ASN F 201 -31.01 1.11 15.62
N TYR F 202 -29.88 0.44 15.91
CA TYR F 202 -28.60 1.15 16.01
C TYR F 202 -27.66 0.93 14.81
N TRP F 203 -28.10 0.21 13.78
CA TRP F 203 -27.25 -0.08 12.61
C TRP F 203 -27.02 1.15 11.73
N GLY F 204 -25.79 1.28 11.23
CA GLY F 204 -25.47 2.35 10.28
C GLY F 204 -26.14 2.03 8.94
N ASP F 205 -26.31 3.03 8.09
CA ASP F 205 -27.04 2.88 6.83
C ASP F 205 -26.56 1.70 5.96
N ASP F 206 -25.25 1.47 5.90
CA ASP F 206 -24.70 0.45 5.01
C ASP F 206 -25.06 -0.97 5.45
N ARG F 207 -24.87 -1.27 6.72
CA ARG F 207 -25.25 -2.58 7.24
C ARG F 207 -26.77 -2.77 7.15
N LEU F 208 -27.51 -1.68 7.25
CA LEU F 208 -28.97 -1.74 7.20
C LEU F 208 -29.40 -2.11 5.80
N THR F 209 -29.09 -1.25 4.84
CA THR F 209 -29.39 -1.48 3.42
C THR F 209 -28.92 -2.86 2.95
N ALA F 210 -27.74 -3.30 3.40
CA ALA F 210 -27.24 -4.61 3.00
C ALA F 210 -28.11 -5.74 3.52
N THR F 211 -28.22 -5.84 4.85
CA THR F 211 -29.02 -6.89 5.48
C THR F 211 -30.45 -6.94 4.95
N ALA F 212 -31.06 -5.77 4.79
CA ALA F 212 -32.41 -5.67 4.26
C ALA F 212 -32.46 -6.21 2.82
N ASP F 213 -31.60 -5.68 1.96
CA ASP F 213 -31.57 -6.10 0.56
C ASP F 213 -31.40 -7.62 0.46
N GLN F 214 -30.49 -8.19 1.25
CA GLN F 214 -30.23 -9.61 1.14
C GLN F 214 -31.42 -10.44 1.65
N LEU F 215 -31.97 -10.07 2.81
CA LEU F 215 -33.06 -10.84 3.40
C LEU F 215 -34.25 -10.84 2.46
N ASN F 216 -34.51 -9.68 1.88
CA ASN F 216 -35.62 -9.52 0.99
C ASN F 216 -35.44 -10.27 -0.32
N ALA F 217 -34.20 -10.63 -0.63
CA ALA F 217 -33.88 -11.22 -1.92
C ALA F 217 -33.79 -12.73 -1.83
N SER F 218 -33.93 -13.27 -0.64
CA SER F 218 -34.12 -14.70 -0.46
C SER F 218 -35.57 -14.93 -0.09
N GLU F 219 -35.95 -16.20 0.07
CA GLU F 219 -37.30 -16.49 0.50
C GLU F 219 -37.46 -16.07 1.95
N TRP F 220 -38.69 -16.15 2.45
CA TRP F 220 -38.95 -15.81 3.84
C TRP F 220 -38.04 -16.59 4.77
N ASP F 221 -37.33 -15.88 5.64
CA ASP F 221 -36.41 -16.50 6.58
C ASP F 221 -36.33 -15.68 7.88
N THR F 222 -36.46 -16.34 9.01
CA THR F 222 -36.55 -15.64 10.29
C THR F 222 -35.32 -15.89 11.18
N THR F 223 -34.17 -16.14 10.57
CA THR F 223 -33.00 -16.65 11.31
C THR F 223 -32.55 -15.78 12.49
N GLY F 224 -32.30 -14.50 12.26
CA GLY F 224 -31.90 -13.63 13.35
C GLY F 224 -33.02 -12.72 13.77
N ALA F 225 -34.25 -13.21 13.71
CA ALA F 225 -35.43 -12.38 13.97
C ALA F 225 -36.30 -12.98 15.06
N VAL F 226 -37.15 -12.16 15.64
CA VAL F 226 -38.03 -12.61 16.70
C VAL F 226 -39.43 -12.13 16.37
N PRO F 227 -40.43 -12.91 16.76
CA PRO F 227 -41.81 -12.58 16.41
C PRO F 227 -42.53 -11.78 17.49
N ALA F 228 -43.44 -10.91 17.06
CA ALA F 228 -44.36 -10.24 17.96
C ALA F 228 -45.67 -11.02 18.00
N VAL F 229 -45.81 -11.90 18.99
CA VAL F 229 -46.98 -12.76 19.14
C VAL F 229 -48.03 -12.10 20.01
N MET F 230 -49.11 -11.63 19.38
CA MET F 230 -50.06 -10.75 20.05
C MET F 230 -51.46 -11.32 20.24
N GLN F 231 -52.07 -10.98 21.36
CA GLN F 231 -53.51 -11.18 21.56
C GLN F 231 -54.25 -9.85 21.30
N PRO F 232 -55.56 -9.92 20.95
CA PRO F 232 -56.30 -8.67 20.76
C PRO F 232 -56.28 -7.83 22.03
N GLY F 233 -56.04 -6.53 21.91
CA GLY F 233 -55.92 -5.68 23.09
C GLY F 233 -54.48 -5.56 23.59
N ASP F 234 -53.56 -6.26 22.94
CA ASP F 234 -52.15 -6.10 23.25
C ASP F 234 -51.57 -4.94 22.43
N LEU F 235 -50.46 -4.40 22.90
CA LEU F 235 -49.79 -3.28 22.28
C LEU F 235 -48.36 -3.64 21.86
N LEU F 236 -48.04 -3.46 20.59
CA LEU F 236 -46.66 -3.61 20.18
C LEU F 236 -46.02 -2.23 20.02
N LEU F 237 -44.91 -2.02 20.72
CA LEU F 237 -44.18 -0.76 20.61
C LEU F 237 -42.93 -1.01 19.79
N HIS F 238 -42.74 -0.25 18.72
CA HIS F 238 -41.49 -0.39 17.97
C HIS F 238 -40.88 0.94 17.50
N ASN F 239 -39.56 0.98 17.68
CA ASN F 239 -38.67 1.98 17.15
C ASN F 239 -38.77 1.95 15.63
N ILE F 240 -39.06 3.08 15.00
CA ILE F 240 -39.17 3.15 13.55
C ILE F 240 -37.90 2.77 12.84
N LEU F 241 -36.78 2.78 13.55
CA LEU F 241 -35.48 2.41 12.98
C LEU F 241 -35.22 0.91 13.05
N THR F 242 -36.02 0.18 13.82
CA THR F 242 -35.86 -1.27 13.92
C THR F 242 -36.34 -1.95 12.62
N LEU F 243 -35.52 -2.85 12.09
CA LEU F 243 -35.87 -3.57 10.88
C LEU F 243 -37.02 -4.54 11.13
N HIS F 244 -38.11 -4.42 10.38
CA HIS F 244 -39.21 -5.39 10.55
C HIS F 244 -39.91 -5.77 9.24
N GLY F 245 -40.66 -6.86 9.31
CA GLY F 245 -41.36 -7.42 8.17
C GLY F 245 -42.29 -8.57 8.52
N ALA F 246 -42.86 -9.18 7.49
CA ALA F 246 -43.85 -10.25 7.66
C ALA F 246 -43.87 -11.18 6.42
N PRO F 247 -44.22 -12.46 6.62
CA PRO F 247 -44.36 -13.35 5.47
C PRO F 247 -45.71 -13.15 4.75
N ALA F 248 -45.81 -13.67 3.52
CA ALA F 248 -47.11 -13.72 2.82
C ALA F 248 -48.07 -14.60 3.60
N VAL F 249 -49.31 -14.16 3.79
CA VAL F 249 -50.25 -14.87 4.68
C VAL F 249 -51.65 -14.92 4.12
N VAL F 250 -52.41 -15.93 4.54
CA VAL F 250 -53.79 -16.11 4.08
C VAL F 250 -54.76 -16.31 5.24
N GLY F 251 -55.96 -15.74 5.12
CA GLY F 251 -57.07 -16.12 5.97
C GLY F 251 -57.52 -15.21 7.10
N LYS F 252 -56.63 -14.37 7.61
CA LYS F 252 -56.97 -13.56 8.76
C LYS F 252 -57.08 -12.09 8.39
N GLN F 253 -57.98 -11.35 9.03
CA GLN F 253 -58.17 -9.96 8.65
C GLN F 253 -57.11 -9.06 9.28
N ARG F 254 -56.79 -9.33 10.54
CA ARG F 254 -55.47 -8.96 11.00
C ARG F 254 -55.28 -7.41 11.10
N ARG F 255 -56.20 -6.76 11.80
CA ARG F 255 -56.22 -5.29 11.87
C ARG F 255 -55.37 -4.73 13.03
N VAL F 256 -54.63 -3.65 12.74
CA VAL F 256 -53.85 -2.97 13.77
C VAL F 256 -54.00 -1.45 13.67
N ILE F 257 -54.33 -0.83 14.80
CA ILE F 257 -54.33 0.62 14.91
C ILE F 257 -52.95 1.16 15.29
N TYR F 258 -52.42 2.05 14.45
CA TYR F 258 -51.08 2.63 14.65
C TYR F 258 -51.10 4.12 15.04
N PHE F 259 -50.55 4.40 16.21
CA PHE F 259 -50.26 5.76 16.67
C PHE F 259 -48.75 5.99 16.66
N GLU F 260 -48.26 6.96 15.89
CA GLU F 260 -46.85 7.32 16.02
C GLU F 260 -46.68 8.58 16.86
N TYR F 261 -45.60 8.60 17.64
CA TYR F 261 -45.27 9.71 18.52
C TYR F 261 -43.85 10.18 18.27
N ARG F 262 -43.65 11.50 18.24
CA ARG F 262 -42.32 12.11 18.24
C ARG F 262 -42.23 13.18 19.34
N PRO F 263 -41.01 13.52 19.77
CA PRO F 263 -40.88 14.63 20.70
C PRO F 263 -41.11 15.98 20.01
N ALA F 264 -41.81 16.91 20.65
CA ALA F 264 -42.07 18.23 20.03
C ALA F 264 -40.77 18.98 19.71
N GLU F 265 -39.75 18.87 20.57
CA GLU F 265 -38.49 19.59 20.33
C GLU F 265 -37.78 19.09 19.09
N VAL F 266 -37.97 17.80 18.76
CA VAL F 266 -37.33 17.19 17.62
C VAL F 266 -38.03 17.65 16.34
N GLU F 267 -39.37 17.64 16.36
CA GLU F 267 -40.14 18.13 15.23
C GLU F 267 -39.78 19.58 15.00
N TRP F 268 -39.72 20.34 16.09
CA TRP F 268 -39.47 21.76 16.01
C TRP F 268 -38.19 22.04 15.22
N GLN F 269 -37.12 21.31 15.54
CA GLN F 269 -35.83 21.60 14.92
C GLN F 269 -35.60 20.83 13.64
N LEU F 270 -36.13 19.61 13.56
CA LEU F 270 -35.75 18.73 12.46
C LEU F 270 -36.91 18.38 11.53
N GLY F 271 -38.11 18.82 11.86
CA GLY F 271 -39.28 18.43 11.10
C GLY F 271 -39.71 17.01 11.44
N PRO F 272 -40.36 16.31 10.49
CA PRO F 272 -40.60 16.69 9.10
C PRO F 272 -41.77 17.63 8.92
N HIS F 273 -42.54 17.87 9.98
CA HIS F 273 -43.68 18.74 9.85
C HIS F 273 -43.31 20.20 10.04
N SER F 274 -44.16 21.10 9.55
CA SER F 274 -44.00 22.52 9.81
C SER F 274 -44.22 22.79 11.30
N ALA F 275 -43.71 23.93 11.79
CA ALA F 275 -43.74 24.27 13.21
C ALA F 275 -45.14 24.30 13.81
N GLU F 276 -46.07 24.78 13.00
CA GLU F 276 -47.48 24.96 13.36
C GLU F 276 -48.19 23.66 13.75
N TYR F 277 -47.79 22.57 13.10
CA TYR F 277 -48.31 21.23 13.34
C TYR F 277 -48.29 20.86 14.83
N ILE F 278 -47.25 21.31 15.54
CA ILE F 278 -47.02 20.92 16.92
C ILE F 278 -48.13 21.35 17.86
N GLY F 279 -48.54 22.62 17.78
CA GLY F 279 -49.61 23.11 18.62
C GLY F 279 -50.95 22.53 18.24
N LEU F 280 -51.11 22.21 16.97
CA LEU F 280 -52.37 21.61 16.50
C LEU F 280 -52.50 20.16 17.00
N LYS F 281 -51.44 19.37 16.89
CA LYS F 281 -51.51 18.00 17.42
C LYS F 281 -51.55 17.95 18.94
N GLN F 282 -51.07 18.99 19.60
CA GLN F 282 -51.21 19.09 21.05
C GLN F 282 -52.66 19.31 21.45
N GLN F 283 -53.36 20.11 20.63
CA GLN F 283 -54.79 20.31 20.82
C GLN F 283 -55.55 19.01 20.61
N VAL F 284 -55.10 18.24 19.61
CA VAL F 284 -55.69 16.93 19.30
C VAL F 284 -55.59 16.02 20.52
N LEU F 285 -54.37 15.95 21.07
CA LEU F 285 -54.10 15.08 22.22
C LEU F 285 -54.93 15.50 23.42
N ARG F 286 -54.92 16.79 23.71
CA ARG F 286 -55.70 17.35 24.81
C ARG F 286 -57.19 17.08 24.62
N SER F 287 -57.62 17.12 23.37
CA SER F 287 -59.03 16.88 23.07
C SER F 287 -59.39 15.43 23.36
N CYS F 288 -58.54 14.51 22.92
CA CYS F 288 -58.78 13.09 23.15
C CYS F 288 -58.72 12.70 24.61
N ILE F 289 -57.75 13.24 25.34
CA ILE F 289 -57.68 13.05 26.78
C ILE F 289 -58.94 13.55 27.51
N GLN F 290 -59.43 14.74 27.16
CA GLN F 290 -60.60 15.27 27.86
C GLN F 290 -61.87 14.45 27.59
N MET F 291 -62.14 14.11 26.34
CA MET F 291 -63.37 13.38 26.08
C MET F 291 -63.32 11.97 26.66
N ARG F 292 -62.13 11.39 26.78
CA ARG F 292 -61.98 10.11 27.47
C ARG F 292 -62.40 10.25 28.94
N ALA F 293 -61.87 11.26 29.61
CA ALA F 293 -62.20 11.53 31.00
C ALA F 293 -63.68 11.87 31.21
N ASN F 294 -64.38 12.24 30.13
CA ASN F 294 -65.81 12.53 30.18
C ASN F 294 -66.68 11.29 30.06
N GLU F 295 -66.10 10.21 29.55
CA GLU F 295 -66.82 8.97 29.30
C GLU F 295 -67.00 8.16 30.59
N PRO F 296 -68.23 7.69 30.83
CA PRO F 296 -68.62 6.91 32.01
C PRO F 296 -67.66 5.74 32.34
N GLN F 297 -67.42 4.86 31.37
CA GLN F 297 -66.67 3.62 31.65
C GLN F 297 -65.20 3.85 32.03
N PHE F 298 -64.65 5.00 31.66
CA PHE F 298 -63.28 5.32 32.03
C PHE F 298 -63.28 6.22 33.24
N GLY F 299 -64.42 6.29 33.93
CA GLY F 299 -64.59 7.19 35.06
C GLY F 299 -63.60 6.97 36.19
N ASP F 300 -63.09 5.74 36.31
CA ASP F 300 -62.19 5.37 37.39
C ASP F 300 -60.71 5.55 37.07
N GLU F 301 -60.40 6.00 35.85
CA GLU F 301 -59.00 6.17 35.44
C GLU F 301 -58.39 7.46 35.96
N GLU F 302 -57.09 7.44 36.23
CA GLU F 302 -56.34 8.68 36.37
C GLU F 302 -55.91 9.15 34.99
N PRO F 303 -56.47 10.29 34.53
CA PRO F 303 -56.22 10.80 33.18
C PRO F 303 -54.77 11.22 32.99
N PHE F 304 -54.23 11.04 31.78
CA PHE F 304 -52.87 11.47 31.52
C PHE F 304 -52.70 12.99 31.69
N ASP F 305 -51.75 13.38 32.52
CA ASP F 305 -51.43 14.79 32.73
C ASP F 305 -50.34 15.21 31.75
N TYR F 306 -50.72 15.92 30.69
CA TYR F 306 -49.76 16.33 29.67
C TYR F 306 -49.12 17.64 30.08
N GLN F 307 -47.81 17.59 30.34
CA GLN F 307 -47.07 18.75 30.82
C GLN F 307 -45.71 18.88 30.15
N PRO F 308 -45.69 19.36 28.91
CA PRO F 308 -44.39 19.62 28.26
C PRO F 308 -43.74 20.87 28.81
N ALA F 309 -42.43 21.02 28.57
CA ALA F 309 -41.70 22.24 28.92
C ALA F 309 -42.43 23.48 28.39
N GLU F 310 -42.39 24.55 29.17
CA GLU F 310 -43.17 25.76 28.89
C GLU F 310 -42.96 26.31 27.50
N SER F 311 -41.73 26.26 27.01
CA SER F 311 -41.40 26.81 25.71
C SER F 311 -41.98 25.98 24.56
N LEU F 312 -42.46 24.78 24.86
CA LEU F 312 -42.98 23.89 23.82
C LEU F 312 -44.52 23.72 23.89
N ARG F 313 -45.19 24.48 24.74
CA ARG F 313 -46.64 24.47 24.79
C ARG F 313 -47.20 25.45 23.75
N HIS F 314 -47.75 24.91 22.67
CA HIS F 314 -48.22 25.73 21.57
C HIS F 314 -49.72 25.60 21.31
N TRP F 315 -50.47 25.06 22.27
CA TRP F 315 -51.91 24.88 22.08
C TRP F 315 -52.73 26.14 22.43
N VAL F 316 -52.09 27.30 22.44
CA VAL F 316 -52.85 28.55 22.44
C VAL F 316 -52.51 29.36 21.19
N ASP F 317 -51.56 28.87 20.40
CA ASP F 317 -51.04 29.58 19.23
C ASP F 317 -52.07 29.73 18.13
N ARG F 318 -53.13 28.92 18.17
CA ARG F 318 -54.15 28.95 17.14
C ARG F 318 -55.56 28.92 17.75
N PRO F 319 -56.56 29.32 16.96
CA PRO F 319 -57.96 29.11 17.35
C PRO F 319 -58.25 27.65 17.70
N GLU F 320 -59.11 27.47 18.70
CA GLU F 320 -59.59 26.17 19.11
C GLU F 320 -59.96 25.31 17.89
N ILE F 321 -59.44 24.09 17.84
CA ILE F 321 -59.58 23.25 16.65
C ILE F 321 -60.98 22.64 16.52
N ASP F 322 -61.42 22.45 15.28
CA ASP F 322 -62.73 21.87 15.03
C ASP F 322 -62.62 20.58 14.21
N THR F 323 -61.52 19.87 14.40
CA THR F 323 -61.26 18.65 13.65
C THR F 323 -60.09 17.92 14.31
N LEU F 324 -59.97 16.63 14.06
CA LEU F 324 -58.86 15.87 14.60
C LEU F 324 -57.97 15.45 13.47
N ARG F 325 -58.28 15.94 12.28
CA ARG F 325 -57.58 15.54 11.07
C ARG F 325 -56.63 16.64 10.61
N PHE F 326 -55.33 16.34 10.62
CA PHE F 326 -54.37 17.28 10.09
C PHE F 326 -53.48 16.61 9.09
N ALA F 327 -53.90 16.73 7.82
CA ALA F 327 -53.22 16.14 6.69
C ALA F 327 -51.76 16.53 6.69
N HIS F 328 -50.90 15.54 6.64
CA HIS F 328 -49.46 15.75 6.69
C HIS F 328 -48.95 16.65 5.54
N GLU F 329 -49.42 16.39 4.34
CA GLU F 329 -48.96 17.17 3.18
C GLU F 329 -49.30 18.65 3.32
N GLU F 330 -50.25 18.98 4.20
CA GLU F 330 -50.65 20.37 4.43
C GLU F 330 -49.86 21.05 5.56
N TYR F 331 -49.06 20.27 6.27
CA TYR F 331 -48.21 20.83 7.31
C TYR F 331 -46.81 20.27 7.22
N TRP F 332 -46.23 20.29 6.03
CA TRP F 332 -44.94 19.66 5.77
C TRP F 332 -43.84 20.71 5.65
N ARG F 333 -42.60 20.32 5.95
CA ARG F 333 -41.48 21.27 5.98
C ARG F 333 -40.46 20.92 4.91
N VAL G 30 -15.45 62.58 2.00
CA VAL G 30 -14.90 61.38 2.64
C VAL G 30 -14.65 60.30 1.60
N VAL G 31 -13.46 59.70 1.66
CA VAL G 31 -13.07 58.63 0.74
C VAL G 31 -13.17 57.29 1.46
N ASN G 32 -13.65 56.28 0.74
CA ASN G 32 -13.87 54.97 1.36
C ASN G 32 -12.55 54.33 1.84
N ARG G 33 -12.50 54.00 3.13
CA ARG G 33 -11.31 53.40 3.69
C ARG G 33 -10.98 52.04 3.09
N ILE G 34 -9.73 51.63 3.31
CA ILE G 34 -9.20 50.37 2.83
C ILE G 34 -9.78 49.23 3.65
N ALA G 35 -10.38 48.27 2.97
CA ALA G 35 -10.90 47.06 3.63
C ALA G 35 -9.84 46.35 4.47
N GLU G 36 -10.28 45.73 5.56
CA GLU G 36 -9.36 44.98 6.42
C GLU G 36 -9.81 43.54 6.61
N CYS G 37 -8.87 42.63 6.45
CA CYS G 37 -9.15 41.22 6.67
C CYS G 37 -8.38 40.73 7.89
N ASP G 38 -9.11 40.40 8.95
CA ASP G 38 -8.55 39.74 10.14
C ASP G 38 -8.28 38.28 9.79
N ILE G 39 -7.14 38.01 9.16
CA ILE G 39 -6.97 36.77 8.42
C ILE G 39 -7.05 35.53 9.30
N ARG G 40 -6.50 35.60 10.52
CA ARG G 40 -6.54 34.46 11.43
C ARG G 40 -7.90 34.31 12.11
N ARG G 41 -8.72 35.36 12.07
CA ARG G 41 -10.04 35.28 12.67
C ARG G 41 -11.10 34.76 11.69
N THR G 42 -11.18 35.36 10.51
CA THR G 42 -12.29 35.11 9.62
C THR G 42 -11.97 34.24 8.40
N GLY G 43 -10.69 34.08 8.09
CA GLY G 43 -10.29 33.69 6.75
C GLY G 43 -10.46 34.87 5.80
N LEU G 44 -10.11 34.68 4.53
CA LEU G 44 -10.33 35.71 3.51
C LEU G 44 -11.74 35.56 2.93
N LEU G 45 -12.59 36.56 3.13
CA LEU G 45 -13.99 36.47 2.74
C LEU G 45 -14.19 37.02 1.32
N PRO G 46 -15.28 36.61 0.65
CA PRO G 46 -15.59 37.13 -0.69
C PRO G 46 -15.60 38.67 -0.77
N GLU G 47 -16.10 39.34 0.25
CA GLU G 47 -16.10 40.80 0.29
C GLU G 47 -14.67 41.38 0.31
N HIS G 48 -13.71 40.63 0.88
CA HIS G 48 -12.32 41.04 0.94
C HIS G 48 -11.72 40.96 -0.45
N VAL G 49 -12.02 39.88 -1.16
CA VAL G 49 -11.60 39.70 -2.54
C VAL G 49 -12.20 40.80 -3.41
N THR G 50 -13.49 41.04 -3.27
CA THR G 50 -14.16 42.07 -4.06
C THR G 50 -13.56 43.46 -3.74
N ALA G 51 -13.28 43.73 -2.47
CA ALA G 51 -12.72 45.02 -2.12
C ALA G 51 -11.33 45.19 -2.76
N PHE G 52 -10.52 44.13 -2.73
CA PHE G 52 -9.22 44.22 -3.37
C PHE G 52 -9.32 44.51 -4.87
N ARG G 53 -10.20 43.79 -5.57
CA ARG G 53 -10.31 43.94 -7.02
C ARG G 53 -10.85 45.30 -7.37
N ARG G 54 -11.76 45.80 -6.56
CA ARG G 54 -12.38 47.07 -6.85
C ARG G 54 -11.46 48.23 -6.44
N GLN G 55 -10.95 48.18 -5.23
CA GLN G 55 -10.21 49.32 -4.69
C GLN G 55 -8.75 49.30 -5.08
N GLY G 56 -8.21 48.11 -5.40
CA GLY G 56 -6.80 48.01 -5.75
C GLY G 56 -5.90 47.80 -4.54
N VAL G 57 -6.49 47.60 -3.37
CA VAL G 57 -5.71 47.51 -2.13
C VAL G 57 -6.48 46.71 -1.08
N LEU G 58 -5.74 46.03 -0.20
CA LEU G 58 -6.32 45.29 0.92
C LEU G 58 -5.35 45.18 2.11
N VAL G 59 -5.84 45.52 3.30
CA VAL G 59 -5.05 45.39 4.51
C VAL G 59 -5.35 44.08 5.20
N VAL G 60 -4.32 43.28 5.43
CA VAL G 60 -4.47 42.00 6.09
C VAL G 60 -3.85 42.06 7.50
N ARG G 61 -4.68 41.89 8.54
CA ARG G 61 -4.21 42.05 9.93
C ARG G 61 -3.65 40.77 10.52
N GLY G 62 -2.52 40.90 11.21
CA GLY G 62 -1.95 39.80 11.98
C GLY G 62 -1.63 38.57 11.16
N LEU G 63 -0.87 38.75 10.07
CA LEU G 63 -0.46 37.62 9.23
C LEU G 63 0.52 36.71 9.98
N LEU G 64 1.46 37.33 10.66
CA LEU G 64 2.49 36.58 11.35
C LEU G 64 2.12 36.34 12.82
N THR G 65 2.59 35.21 13.35
CA THR G 65 2.62 35.02 14.79
C THR G 65 3.72 35.90 15.37
N PRO G 66 3.56 36.34 16.63
CA PRO G 66 4.61 37.10 17.32
C PRO G 66 5.99 36.48 17.15
N GLN G 67 6.08 35.16 17.29
CA GLN G 67 7.35 34.46 17.14
C GLN G 67 7.94 34.61 15.75
N GLU G 68 7.13 34.44 14.72
CA GLU G 68 7.65 34.58 13.35
C GLU G 68 8.01 36.03 13.08
N LEU G 69 7.18 36.96 13.56
CA LEU G 69 7.48 38.38 13.37
C LEU G 69 8.87 38.69 13.93
N ALA G 70 9.16 38.19 15.12
CA ALA G 70 10.46 38.45 15.75
C ALA G 70 11.62 37.88 14.91
N ASP G 71 11.42 36.70 14.32
CA ASP G 71 12.44 36.12 13.45
C ASP G 71 12.73 36.99 12.21
N VAL G 72 11.69 37.45 11.53
CA VAL G 72 11.95 38.22 10.32
C VAL G 72 12.48 39.60 10.69
N GLN G 73 12.05 40.15 11.83
CA GLN G 73 12.60 41.42 12.30
C GLN G 73 14.11 41.31 12.47
N GLU G 74 14.53 40.29 13.24
CA GLU G 74 15.96 40.05 13.49
C GLU G 74 16.72 39.78 12.20
N ALA G 75 16.10 39.01 11.31
CA ALA G 75 16.72 38.73 10.03
C ALA G 75 16.91 40.03 9.26
N GLY G 76 15.91 40.90 9.36
CA GLY G 76 15.94 42.18 8.67
C GLY G 76 17.00 43.11 9.24
N ARG G 77 17.08 43.18 10.58
CA ARG G 77 18.07 43.99 11.28
C ARG G 77 19.48 43.59 10.89
N ALA G 78 19.73 42.28 10.87
CA ALA G 78 21.05 41.74 10.58
C ALA G 78 21.53 42.08 9.17
N LEU G 79 20.63 41.96 8.19
CA LEU G 79 20.93 42.35 6.82
C LEU G 79 21.28 43.83 6.65
N ILE G 80 20.67 44.69 7.45
CA ILE G 80 20.87 46.11 7.22
C ILE G 80 22.17 46.53 7.92
N ASP G 81 22.40 46.00 9.12
CA ASP G 81 23.69 46.20 9.81
C ASP G 81 24.84 45.71 8.94
N ARG G 82 24.62 44.57 8.26
CA ARG G 82 25.61 44.03 7.32
C ARG G 82 25.79 44.88 6.07
N ALA G 83 24.72 45.46 5.55
CA ALA G 83 24.90 46.38 4.44
C ALA G 83 25.75 47.58 4.88
N TRP G 84 25.50 48.07 6.09
CA TRP G 84 26.20 49.26 6.61
C TRP G 84 27.70 49.01 6.84
N SER G 85 28.05 47.86 7.41
CA SER G 85 29.44 47.60 7.77
C SER G 85 30.30 47.20 6.56
N THR G 86 29.70 46.61 5.53
CA THR G 86 30.47 46.19 4.37
C THR G 86 30.52 47.27 3.30
N ARG G 87 29.60 48.22 3.38
CA ARG G 87 29.48 49.28 2.38
C ARG G 87 29.33 48.73 0.94
N SER G 88 28.91 47.47 0.84
CA SER G 88 28.75 46.82 -0.47
C SER G 88 27.50 47.26 -1.22
N MET G 89 27.63 47.41 -2.53
CA MET G 89 26.50 47.77 -3.39
C MET G 89 25.88 46.53 -4.03
N GLU G 90 26.19 45.36 -3.48
CA GLU G 90 25.76 44.09 -4.08
C GLU G 90 24.32 43.77 -3.74
N ASP G 91 23.44 43.83 -4.73
CA ASP G 91 21.99 43.72 -4.52
C ASP G 91 21.49 44.78 -3.54
N THR G 92 22.26 45.86 -3.37
CA THR G 92 21.91 46.90 -2.40
C THR G 92 21.84 48.27 -3.05
N VAL G 93 20.70 48.95 -2.89
CA VAL G 93 20.53 50.30 -3.43
C VAL G 93 21.01 51.36 -2.43
N TRP G 94 22.00 52.16 -2.84
CA TRP G 94 22.50 53.25 -2.00
C TRP G 94 22.05 54.59 -2.53
N THR G 95 21.86 55.54 -1.61
CA THR G 95 21.46 56.90 -1.98
C THR G 95 22.61 57.57 -2.72
N LEU G 96 23.83 57.32 -2.24
CA LEU G 96 25.07 57.77 -2.87
C LEU G 96 26.09 56.67 -2.72
N GLU G 97 27.18 56.75 -3.46
CA GLU G 97 28.25 55.76 -3.34
C GLU G 97 28.85 55.80 -1.92
N PRO G 98 28.84 54.65 -1.21
CA PRO G 98 29.13 54.53 0.23
C PRO G 98 30.39 55.25 0.66
N GLY G 102 27.24 61.29 3.44
CA GLY G 102 26.02 60.86 4.09
C GLY G 102 25.19 59.85 3.30
N ALA G 103 25.86 58.90 2.67
CA ALA G 103 25.15 57.90 1.89
C ALA G 103 24.53 56.85 2.81
N ALA G 104 23.45 56.23 2.34
CA ALA G 104 22.77 55.18 3.09
C ALA G 104 22.20 54.11 2.16
N PRO G 105 22.19 52.85 2.62
CA PRO G 105 21.50 51.80 1.87
C PRO G 105 19.99 51.86 2.12
N VAL G 106 19.17 51.68 1.10
CA VAL G 106 17.71 51.79 1.29
C VAL G 106 16.91 50.57 0.79
N ARG G 107 17.59 49.61 0.20
CA ARG G 107 16.92 48.43 -0.36
C ARG G 107 17.89 47.27 -0.59
N ILE G 108 17.50 46.08 -0.13
CA ILE G 108 18.25 44.88 -0.43
C ILE G 108 17.38 43.97 -1.29
N GLU G 109 17.87 43.59 -2.47
CA GLU G 109 17.11 42.74 -3.38
C GLU G 109 17.55 41.27 -3.28
N TYR G 110 16.62 40.36 -3.56
CA TYR G 110 16.85 38.92 -3.43
C TYR G 110 17.12 38.59 -1.97
N VAL G 111 16.19 39.00 -1.13
CA VAL G 111 16.33 38.83 0.29
C VAL G 111 15.94 37.41 0.72
N VAL G 112 15.06 36.76 -0.06
CA VAL G 112 14.76 35.34 0.14
C VAL G 112 16.02 34.44 0.01
N ASP G 113 16.97 34.84 -0.83
CA ASP G 113 18.22 34.11 -0.95
C ASP G 113 19.28 34.43 0.14
N LYS G 114 19.04 35.44 0.98
CA LYS G 114 20.09 35.86 1.91
C LYS G 114 19.79 35.59 3.39
N ALA G 115 18.59 35.11 3.69
CA ALA G 115 18.18 34.94 5.08
C ALA G 115 17.08 33.88 5.24
N ARG G 116 17.36 32.85 6.03
CA ARG G 116 16.45 31.72 6.16
C ARG G 116 15.08 32.09 6.74
N PRO G 117 15.01 33.08 7.63
CA PRO G 117 13.62 33.33 8.03
C PRO G 117 12.76 34.02 6.94
N ILE G 118 13.39 34.65 5.96
CA ILE G 118 12.64 35.37 4.92
C ILE G 118 12.28 34.41 3.78
N ALA G 119 13.17 33.46 3.48
CA ALA G 119 12.83 32.37 2.57
C ALA G 119 11.63 31.61 3.11
N MET G 120 11.63 31.29 4.40
CA MET G 120 10.49 30.58 4.96
C MET G 120 9.25 31.47 5.00
N LEU G 121 9.47 32.78 5.11
CA LEU G 121 8.39 33.76 5.01
C LEU G 121 7.77 33.69 3.61
N ALA G 122 8.61 33.50 2.59
CA ALA G 122 8.16 33.34 1.21
C ALA G 122 7.34 32.08 0.95
N GLY G 123 7.18 31.27 1.98
CA GLY G 123 6.46 30.02 1.85
C GLY G 123 5.28 30.05 2.79
N HIS G 124 5.01 31.21 3.39
CA HIS G 124 3.89 31.33 4.32
C HIS G 124 2.54 30.95 3.72
N PRO G 125 1.84 30.01 4.35
CA PRO G 125 0.60 29.42 3.82
C PRO G 125 -0.63 30.34 3.85
N LEU G 126 -0.73 31.27 4.80
CA LEU G 126 -1.88 32.15 4.78
C LEU G 126 -1.66 33.13 3.64
N LEU G 127 -0.44 33.64 3.56
CA LEU G 127 -0.05 34.52 2.47
C LEU G 127 -0.36 33.88 1.11
N LEU G 128 0.12 32.65 0.94
CA LEU G 128 0.09 32.01 -0.35
C LEU G 128 -1.31 31.55 -0.74
N ARG G 129 -2.15 31.26 0.26
CA ARG G 129 -3.53 30.92 -0.02
C ARG G 129 -4.30 32.18 -0.38
N ILE G 130 -3.93 33.32 0.19
CA ILE G 130 -4.49 34.58 -0.24
C ILE G 130 -4.08 34.87 -1.68
N MET G 131 -2.78 34.81 -1.99
CA MET G 131 -2.31 35.07 -3.35
C MET G 131 -2.97 34.13 -4.36
N GLU G 132 -3.31 32.95 -3.91
CA GLU G 132 -3.94 31.97 -4.75
C GLU G 132 -5.36 32.41 -5.21
N GLN G 133 -6.12 32.99 -4.29
CA GLN G 133 -7.44 33.49 -4.63
C GLN G 133 -7.35 34.72 -5.56
N LEU G 134 -6.38 35.60 -5.31
CA LEU G 134 -6.30 36.87 -6.04
C LEU G 134 -5.54 36.76 -7.36
N VAL G 135 -4.35 36.17 -7.30
CA VAL G 135 -3.52 36.02 -8.48
C VAL G 135 -3.98 34.82 -9.31
N GLY G 136 -4.50 33.81 -8.61
CA GLY G 136 -4.86 32.57 -9.27
C GLY G 136 -3.93 31.41 -8.94
N PRO G 137 -4.30 30.21 -9.41
CA PRO G 137 -3.61 28.93 -9.15
C PRO G 137 -2.26 28.80 -9.86
N ASN G 138 -1.95 29.72 -10.77
CA ASN G 138 -0.67 29.67 -11.47
C ASN G 138 0.30 30.76 -11.03
N LEU G 139 0.06 31.35 -9.86
CA LEU G 139 0.96 32.38 -9.33
C LEU G 139 2.42 31.89 -9.23
N ILE G 140 3.35 32.80 -9.48
CA ILE G 140 4.76 32.59 -9.16
C ILE G 140 5.31 33.82 -8.42
N PRO G 141 6.27 33.61 -7.52
CA PRO G 141 6.94 34.77 -6.91
C PRO G 141 7.87 35.42 -7.92
N THR G 142 7.90 36.74 -7.99
CA THR G 142 8.80 37.42 -8.93
C THR G 142 9.85 38.24 -8.15
N TRP G 143 9.67 39.56 -8.07
CA TRP G 143 10.53 40.40 -7.23
C TRP G 143 10.38 40.04 -5.77
N ASP G 144 11.50 40.00 -5.07
CA ASP G 144 11.47 39.86 -3.61
C ASP G 144 12.60 40.72 -3.08
N SER G 145 12.32 41.49 -2.04
CA SER G 145 13.29 42.48 -1.56
C SER G 145 12.87 43.01 -0.22
N MET G 146 13.72 43.87 0.36
CA MET G 146 13.37 44.59 1.59
C MET G 146 13.71 46.06 1.44
N VAL G 147 12.81 46.90 1.91
CA VAL G 147 12.90 48.34 1.69
C VAL G 147 12.97 49.00 3.04
N PHE G 148 13.87 49.99 3.19
CA PHE G 148 14.04 50.70 4.45
C PHE G 148 14.55 52.12 4.19
N LYS G 149 13.72 52.90 3.52
CA LYS G 149 13.96 54.30 3.31
C LYS G 149 13.78 55.04 4.62
N THR G 150 14.31 56.26 4.66
CA THR G 150 13.97 57.18 5.75
C THR G 150 13.43 58.47 5.15
N ALA G 158 6.45 60.86 -3.35
CA ALA G 158 5.99 60.94 -4.73
C ALA G 158 4.96 59.86 -5.01
N TRP G 159 3.98 60.24 -5.81
CA TRP G 159 2.89 59.36 -6.18
C TRP G 159 3.21 58.64 -7.49
N HIS G 160 2.98 57.34 -7.51
CA HIS G 160 3.36 56.57 -8.68
C HIS G 160 2.54 55.29 -8.83
N ARG G 161 2.58 54.72 -10.03
CA ARG G 161 2.26 53.32 -10.28
C ARG G 161 3.56 52.53 -10.30
N ASP G 162 3.55 51.31 -9.82
CA ASP G 162 4.73 50.45 -9.95
C ASP G 162 4.95 50.12 -11.43
N ALA G 163 5.87 49.22 -11.75
CA ALA G 163 6.05 48.85 -13.16
C ALA G 163 5.51 47.46 -13.42
N TYR G 166 2.75 46.34 -19.00
CA TYR G 166 2.01 45.77 -20.13
C TYR G 166 1.18 46.81 -20.88
N ASP G 167 1.05 46.62 -22.18
CA ASP G 167 0.08 47.37 -22.97
C ASP G 167 -1.32 46.99 -22.50
N ASN G 168 -2.23 47.95 -22.54
CA ASN G 168 -3.58 47.77 -22.01
C ASN G 168 -3.57 47.14 -20.60
N ALA G 169 -2.70 47.70 -19.74
CA ALA G 169 -2.44 47.12 -18.43
C ALA G 169 -3.72 46.98 -17.60
N VAL G 170 -4.63 47.94 -17.73
CA VAL G 170 -5.87 47.88 -16.97
C VAL G 170 -6.74 46.69 -17.43
N GLY G 171 -6.78 46.45 -18.74
CA GLY G 171 -7.46 45.30 -19.31
C GLY G 171 -6.85 43.96 -18.88
N VAL G 172 -5.53 43.93 -18.80
CA VAL G 172 -4.80 42.73 -18.36
C VAL G 172 -4.87 42.48 -16.86
N THR G 173 -4.68 43.53 -16.05
CA THR G 173 -4.60 43.30 -14.60
C THR G 173 -5.19 44.41 -13.69
N GLY G 174 -6.13 45.19 -14.23
CA GLY G 174 -6.88 46.12 -13.40
C GLY G 174 -7.57 45.41 -12.24
N ALA G 175 -8.00 44.18 -12.51
CA ALA G 175 -8.69 43.33 -11.52
C ALA G 175 -7.78 42.86 -10.37
N GLY G 176 -6.48 43.05 -10.52
CA GLY G 176 -5.56 42.78 -9.42
C GLY G 176 -4.98 41.39 -9.53
N ARG G 177 -4.22 41.13 -10.60
CA ARG G 177 -3.60 39.82 -10.80
C ARG G 177 -2.09 39.90 -10.59
N VAL G 178 -1.57 41.12 -10.67
CA VAL G 178 -0.17 41.39 -10.38
C VAL G 178 -0.06 42.19 -9.08
N ILE G 179 0.43 41.51 -8.05
CA ILE G 179 0.29 42.02 -6.69
C ILE G 179 1.62 42.12 -5.93
N ASP G 180 1.82 43.27 -5.30
CA ASP G 180 2.88 43.48 -4.32
C ASP G 180 2.38 43.18 -2.93
N ALA G 181 3.01 42.23 -2.25
CA ALA G 181 2.69 41.95 -0.85
C ALA G 181 3.77 42.59 0.03
N GLY G 182 3.35 43.56 0.84
CA GLY G 182 4.26 44.27 1.73
C GLY G 182 4.09 43.79 3.16
N ILE G 183 5.12 43.13 3.69
CA ILE G 183 5.06 42.61 5.04
C ILE G 183 5.81 43.53 5.99
N TYR G 184 5.07 44.10 6.95
CA TYR G 184 5.61 45.20 7.77
C TYR G 184 6.36 44.72 9.01
N LEU G 185 7.61 45.15 9.12
CA LEU G 185 8.48 44.80 10.25
C LEU G 185 8.37 45.83 11.39
N ASP G 186 8.00 47.05 11.00
CA ASP G 186 7.87 48.17 11.92
C ASP G 186 6.48 48.77 11.71
N PRO G 187 5.96 49.51 12.70
CA PRO G 187 4.68 50.20 12.55
C PRO G 187 4.70 51.23 11.41
N ALA G 188 3.59 51.41 10.69
CA ALA G 188 3.45 52.52 9.76
C ALA G 188 2.27 53.40 10.14
N PRO G 189 2.54 54.47 10.89
CA PRO G 189 1.45 55.32 11.34
C PRO G 189 0.95 56.24 10.24
N GLU G 190 -0.18 56.89 10.51
CA GLU G 190 -0.81 57.81 9.57
C GLU G 190 0.16 58.86 9.03
N ASP G 191 1.09 59.27 9.89
CA ASP G 191 2.09 60.28 9.53
C ASP G 191 3.31 59.70 8.79
N ASN G 192 3.34 58.37 8.63
CA ASN G 192 4.44 57.73 7.94
C ASN G 192 4.01 56.34 7.42
N CYS G 193 3.05 56.33 6.52
CA CYS G 193 2.58 55.10 5.88
C CYS G 193 2.41 55.33 4.38
N VAL G 194 2.16 54.25 3.65
CA VAL G 194 1.76 54.36 2.26
C VAL G 194 0.29 54.84 2.24
N TRP G 195 -0.02 55.77 1.35
CA TRP G 195 -1.40 56.18 1.04
C TRP G 195 -1.82 55.74 -0.38
N CYS G 196 -3.12 55.48 -0.58
CA CYS G 196 -3.63 55.01 -1.86
C CYS G 196 -4.80 55.83 -2.39
N ILE G 197 -4.92 55.88 -3.70
CA ILE G 197 -6.16 56.29 -4.32
C ILE G 197 -6.92 55.08 -4.81
N PRO G 198 -7.93 54.66 -4.04
CA PRO G 198 -8.68 53.43 -4.33
C PRO G 198 -9.32 53.53 -5.70
N GLU G 199 -9.38 52.41 -6.44
CA GLU G 199 -10.01 52.32 -7.77
C GLU G 199 -9.20 52.95 -8.91
N SER G 200 -8.12 53.68 -8.60
CA SER G 200 -7.23 54.25 -9.62
C SER G 200 -6.55 53.16 -10.44
N ASN G 201 -6.63 51.92 -9.97
CA ASN G 201 -6.16 50.77 -10.75
C ASN G 201 -7.00 50.55 -12.02
N TYR G 202 -8.10 51.26 -12.16
CA TYR G 202 -8.86 51.16 -13.41
C TYR G 202 -8.75 52.41 -14.28
N TRP G 203 -7.95 53.39 -13.84
CA TRP G 203 -7.83 54.66 -14.56
C TRP G 203 -7.03 54.52 -15.85
N GLY G 204 -7.43 55.30 -16.85
CA GLY G 204 -6.67 55.40 -18.08
C GLY G 204 -5.39 56.21 -17.88
N ASP G 205 -4.48 56.15 -18.85
CA ASP G 205 -3.16 56.79 -18.74
C ASP G 205 -3.24 58.31 -18.50
N ASP G 206 -4.04 59.00 -19.30
CA ASP G 206 -4.22 60.45 -19.17
C ASP G 206 -4.62 60.80 -17.76
N ARG G 207 -5.73 60.22 -17.30
CA ARG G 207 -6.20 60.49 -15.96
C ARG G 207 -5.14 60.16 -14.92
N LEU G 208 -4.45 59.03 -15.12
CA LEU G 208 -3.42 58.59 -14.17
C LEU G 208 -2.32 59.65 -14.00
N THR G 209 -1.76 60.08 -15.13
CA THR G 209 -0.67 61.04 -15.16
C THR G 209 -1.10 62.40 -14.60
N ALA G 210 -2.25 62.88 -15.05
CA ALA G 210 -2.81 64.12 -14.54
C ALA G 210 -2.90 64.10 -13.01
N THR G 211 -3.49 63.05 -12.46
CA THR G 211 -3.68 63.00 -11.01
C THR G 211 -2.35 62.83 -10.26
N ALA G 212 -1.45 62.03 -10.80
CA ALA G 212 -0.14 61.85 -10.16
C ALA G 212 0.63 63.17 -10.13
N ASP G 213 0.53 63.92 -11.22
CA ASP G 213 1.22 65.20 -11.36
C ASP G 213 0.72 66.21 -10.34
N GLN G 214 -0.59 66.42 -10.34
CA GLN G 214 -1.24 67.35 -9.42
C GLN G 214 -0.87 67.03 -7.98
N LEU G 215 -0.84 65.75 -7.65
CA LEU G 215 -0.49 65.34 -6.31
C LEU G 215 0.98 65.61 -6.02
N ASN G 216 1.82 65.43 -7.03
CA ASN G 216 3.25 65.57 -6.83
C ASN G 216 3.70 67.03 -6.87
N ALA G 217 2.76 67.94 -7.14
CA ALA G 217 3.03 69.37 -7.26
C ALA G 217 3.26 70.00 -5.90
N SER G 218 2.49 69.57 -4.90
CA SER G 218 2.69 70.10 -3.56
C SER G 218 3.12 68.97 -2.65
N GLU G 219 3.31 69.29 -1.37
CA GLU G 219 3.77 68.30 -0.42
C GLU G 219 2.64 67.38 0.04
N TRP G 220 2.21 67.54 1.28
CA TRP G 220 1.34 66.58 1.94
C TRP G 220 -0.06 66.46 1.32
N ASP G 221 -0.15 66.34 0.00
CA ASP G 221 -1.46 66.32 -0.68
C ASP G 221 -2.04 64.92 -0.75
N THR G 222 -3.06 64.69 0.06
CA THR G 222 -3.70 63.39 0.11
C THR G 222 -5.12 63.43 -0.42
N THR G 223 -5.36 64.34 -1.35
CA THR G 223 -6.70 64.56 -1.87
C THR G 223 -7.24 63.32 -2.55
N GLY G 224 -8.31 62.76 -2.01
CA GLY G 224 -8.95 61.58 -2.56
C GLY G 224 -8.23 60.28 -2.21
N ALA G 225 -7.37 60.35 -1.19
CA ALA G 225 -6.55 59.20 -0.82
C ALA G 225 -6.84 58.69 0.59
N VAL G 226 -6.48 57.43 0.84
CA VAL G 226 -6.63 56.83 2.15
C VAL G 226 -5.30 56.24 2.61
N PRO G 227 -5.06 56.24 3.93
CA PRO G 227 -3.84 55.66 4.49
C PRO G 227 -3.93 54.17 4.77
N ALA G 228 -2.81 53.47 4.57
CA ALA G 228 -2.67 52.10 5.03
C ALA G 228 -1.87 52.12 6.34
N VAL G 229 -2.60 52.17 7.44
CA VAL G 229 -2.01 52.23 8.77
C VAL G 229 -1.67 50.82 9.31
N MET G 230 -0.37 50.54 9.45
CA MET G 230 0.08 49.17 9.68
C MET G 230 0.73 49.00 11.04
N GLN G 231 0.51 47.82 11.63
CA GLN G 231 1.23 47.38 12.80
C GLN G 231 2.24 46.31 12.37
N PRO G 232 3.36 46.16 13.10
CA PRO G 232 4.30 45.08 12.73
C PRO G 232 3.57 43.76 12.56
N GLY G 233 3.93 42.98 11.54
CA GLY G 233 3.32 41.68 11.33
C GLY G 233 2.07 41.73 10.51
N ASP G 234 1.65 42.95 10.16
CA ASP G 234 0.52 43.14 9.23
C ASP G 234 1.00 43.01 7.81
N LEU G 235 0.06 42.76 6.90
CA LEU G 235 0.35 42.67 5.49
C LEU G 235 -0.46 43.70 4.70
N LEU G 236 0.18 44.38 3.75
CA LEU G 236 -0.54 45.24 2.82
C LEU G 236 -0.46 44.71 1.38
N LEU G 237 -1.62 44.42 0.79
CA LEU G 237 -1.68 44.01 -0.62
C LEU G 237 -2.03 45.19 -1.51
N HIS G 238 -1.23 45.43 -2.54
CA HIS G 238 -1.68 46.42 -3.48
C HIS G 238 -1.45 45.96 -4.92
N ASN G 239 -2.41 46.36 -5.75
CA ASN G 239 -2.36 46.22 -7.19
C ASN G 239 -1.28 47.14 -7.68
N ILE G 240 -0.41 46.68 -8.56
CA ILE G 240 0.66 47.56 -9.02
C ILE G 240 0.14 48.78 -9.81
N LEU G 241 -1.11 48.74 -10.28
CA LEU G 241 -1.74 49.86 -10.99
C LEU G 241 -2.40 50.90 -10.10
N THR G 242 -2.49 50.60 -8.81
CA THR G 242 -3.04 51.56 -7.88
C THR G 242 -2.04 52.73 -7.68
N LEU G 243 -2.53 53.95 -7.85
CA LEU G 243 -1.76 55.14 -7.53
C LEU G 243 -1.50 55.20 -6.02
N HIS G 244 -0.22 55.20 -5.63
CA HIS G 244 0.11 55.26 -4.23
C HIS G 244 1.38 56.09 -4.00
N GLY G 245 1.59 56.52 -2.76
CA GLY G 245 2.75 57.31 -2.38
C GLY G 245 2.92 57.33 -0.87
N ALA G 246 4.14 57.63 -0.42
CA ALA G 246 4.44 57.85 0.99
C ALA G 246 4.76 59.32 1.20
N PRO G 247 3.78 60.10 1.70
CA PRO G 247 3.97 61.56 1.69
C PRO G 247 5.00 62.10 2.68
N ALA G 248 5.25 61.40 3.79
CA ALA G 248 6.07 61.96 4.87
C ALA G 248 7.49 62.43 4.45
N VAL G 249 7.92 63.54 5.04
CA VAL G 249 9.27 64.05 4.80
C VAL G 249 10.09 63.96 6.09
N VAL G 250 9.43 63.58 7.18
CA VAL G 250 10.08 63.32 8.46
C VAL G 250 9.59 61.97 8.99
N GLY G 251 10.42 61.30 9.79
CA GLY G 251 10.01 60.08 10.46
C GLY G 251 11.14 59.13 10.83
N LYS G 252 10.81 58.04 11.51
CA LYS G 252 11.75 56.96 11.81
C LYS G 252 11.99 56.08 10.58
N GLN G 253 13.02 55.26 10.65
CA GLN G 253 13.25 54.25 9.64
C GLN G 253 12.15 53.17 9.73
N ARG G 254 11.62 52.79 8.58
CA ARG G 254 10.64 51.69 8.51
C ARG G 254 11.15 50.60 7.58
N ARG G 255 10.98 49.36 8.00
CA ARG G 255 11.35 48.26 7.13
C ARG G 255 10.10 47.55 6.64
N VAL G 256 10.10 47.21 5.36
CA VAL G 256 9.03 46.40 4.78
C VAL G 256 9.61 45.38 3.80
N ILE G 257 9.16 44.13 3.92
CA ILE G 257 9.54 43.11 2.97
C ILE G 257 8.47 43.02 1.87
N TYR G 258 8.90 43.16 0.62
CA TYR G 258 7.99 43.10 -0.54
C TYR G 258 8.17 41.81 -1.37
N PHE G 259 7.05 41.12 -1.56
CA PHE G 259 6.98 39.98 -2.47
C PHE G 259 6.00 40.33 -3.59
N GLU G 260 6.48 40.37 -4.84
CA GLU G 260 5.55 40.52 -5.96
C GLU G 260 5.19 39.15 -6.56
N TYR G 261 3.97 39.05 -7.08
CA TYR G 261 3.44 37.82 -7.66
C TYR G 261 2.76 38.09 -9.00
N ARG G 262 2.93 37.18 -9.95
CA ARG G 262 2.25 37.28 -11.24
C ARG G 262 1.76 35.90 -11.67
N PRO G 263 0.63 35.84 -12.39
CA PRO G 263 0.23 34.52 -12.87
C PRO G 263 1.23 34.03 -13.93
N ALA G 264 1.54 32.73 -13.89
CA ALA G 264 2.49 32.15 -14.82
C ALA G 264 2.05 32.36 -16.25
N GLU G 265 0.76 32.25 -16.51
CA GLU G 265 0.32 32.33 -17.90
C GLU G 265 0.45 33.78 -18.40
N VAL G 266 0.36 34.77 -17.50
CA VAL G 266 0.60 36.16 -17.88
C VAL G 266 2.08 36.41 -18.22
N GLU G 267 3.00 35.87 -17.43
CA GLU G 267 4.43 36.00 -17.74
C GLU G 267 4.79 35.30 -19.05
N TRP G 268 4.27 34.08 -19.20
CA TRP G 268 4.49 33.26 -20.38
C TRP G 268 4.22 34.01 -21.69
N GLN G 269 3.04 34.62 -21.82
CA GLN G 269 2.73 35.33 -23.06
C GLN G 269 3.18 36.79 -23.08
N LEU G 270 3.14 37.49 -21.95
CA LEU G 270 3.38 38.94 -21.95
C LEU G 270 4.71 39.36 -21.30
N GLY G 271 5.42 38.42 -20.71
CA GLY G 271 6.65 38.78 -20.01
C GLY G 271 6.31 39.39 -18.66
N PRO G 272 7.21 40.24 -18.12
CA PRO G 272 8.44 40.79 -18.70
C PRO G 272 9.64 39.85 -18.66
N HIS G 273 9.51 38.72 -17.98
CA HIS G 273 10.58 37.75 -17.92
C HIS G 273 10.60 36.74 -19.08
N SER G 274 11.73 36.04 -19.21
CA SER G 274 11.88 34.98 -20.20
C SER G 274 11.05 33.78 -19.77
N ALA G 275 10.77 32.87 -20.70
CA ALA G 275 9.85 31.75 -20.41
C ALA G 275 10.45 30.82 -19.37
N GLU G 276 11.77 30.68 -19.41
CA GLU G 276 12.51 29.83 -18.49
C GLU G 276 12.32 30.25 -17.03
N TYR G 277 12.21 31.56 -16.83
CA TYR G 277 12.09 32.16 -15.51
C TYR G 277 10.97 31.52 -14.69
N ILE G 278 9.90 31.11 -15.36
CA ILE G 278 8.72 30.54 -14.71
C ILE G 278 9.03 29.25 -13.94
N GLY G 279 9.67 28.29 -14.61
CA GLY G 279 10.05 27.05 -13.94
C GLY G 279 10.99 27.24 -12.75
N LEU G 280 11.98 28.10 -12.93
CA LEU G 280 12.90 28.40 -11.83
C LEU G 280 12.19 28.98 -10.61
N LYS G 281 11.30 29.94 -10.83
CA LYS G 281 10.62 30.59 -9.72
C LYS G 281 9.63 29.65 -9.06
N GLN G 282 9.05 28.75 -9.85
CA GLN G 282 8.25 27.66 -9.28
C GLN G 282 9.12 26.79 -8.36
N GLN G 283 10.38 26.56 -8.75
CA GLN G 283 11.29 25.80 -7.90
C GLN G 283 11.58 26.57 -6.60
N VAL G 284 11.86 27.87 -6.73
CA VAL G 284 12.01 28.77 -5.59
C VAL G 284 10.84 28.62 -4.61
N LEU G 285 9.64 28.70 -5.16
CA LEU G 285 8.39 28.65 -4.39
C LEU G 285 8.18 27.31 -3.65
N ARG G 286 8.47 26.20 -4.34
CA ARG G 286 8.40 24.87 -3.71
C ARG G 286 9.46 24.69 -2.60
N SER G 287 10.68 25.15 -2.87
CA SER G 287 11.75 25.12 -1.85
C SER G 287 11.31 25.83 -0.58
N CYS G 288 10.86 27.06 -0.73
CA CYS G 288 10.43 27.83 0.43
C CYS G 288 9.34 27.10 1.17
N ILE G 289 8.39 26.55 0.42
CA ILE G 289 7.25 25.89 1.05
C ILE G 289 7.73 24.66 1.83
N GLN G 290 8.66 23.93 1.24
CA GLN G 290 9.20 22.74 1.88
C GLN G 290 10.05 23.15 3.10
N MET G 291 10.92 24.13 2.89
CA MET G 291 11.81 24.65 3.95
C MET G 291 11.02 24.99 5.21
N ARG G 292 9.87 25.60 5.02
CA ARG G 292 9.01 25.99 6.14
C ARG G 292 8.23 24.80 6.70
N ALA G 293 7.86 23.87 5.82
CA ALA G 293 7.14 22.68 6.28
C ALA G 293 8.05 21.86 7.21
N ASN G 294 9.31 21.72 6.83
CA ASN G 294 10.33 20.99 7.61
C ASN G 294 10.74 21.66 8.92
N GLU G 295 10.06 22.74 9.31
CA GLU G 295 10.50 23.58 10.41
C GLU G 295 9.52 23.53 11.59
N PRO G 296 9.99 23.00 12.74
CA PRO G 296 9.22 22.67 13.94
C PRO G 296 8.27 23.73 14.45
N GLN G 297 8.63 25.00 14.39
CA GLN G 297 7.71 25.99 14.93
C GLN G 297 6.49 26.12 14.02
N PHE G 298 6.60 25.61 12.80
CA PHE G 298 5.50 25.67 11.83
C PHE G 298 4.85 24.30 11.55
N GLY G 299 5.03 23.35 12.48
CA GLY G 299 4.49 22.01 12.30
C GLY G 299 2.97 21.92 12.35
N ASP G 300 2.31 22.97 12.84
CA ASP G 300 0.85 22.95 12.97
C ASP G 300 0.18 23.64 11.79
N GLU G 301 1.00 24.12 10.86
CA GLU G 301 0.51 24.76 9.67
C GLU G 301 0.10 23.71 8.66
N GLU G 302 -1.02 23.97 7.97
CA GLU G 302 -1.38 23.23 6.77
C GLU G 302 -0.66 23.87 5.58
N PRO G 303 0.39 23.21 5.08
CA PRO G 303 1.22 23.81 4.03
C PRO G 303 0.42 24.18 2.78
N PHE G 304 0.85 25.24 2.10
CA PHE G 304 0.19 25.67 0.88
C PHE G 304 0.38 24.60 -0.18
N ASP G 305 -0.70 24.29 -0.88
CA ASP G 305 -0.67 23.24 -1.89
C ASP G 305 -0.63 23.85 -3.29
N TYR G 306 0.59 24.07 -3.79
CA TYR G 306 0.79 24.65 -5.11
C TYR G 306 0.41 23.71 -6.27
N GLN G 307 -0.70 24.02 -6.94
CA GLN G 307 -1.20 23.20 -8.04
C GLN G 307 -1.56 24.01 -9.28
N PRO G 308 -0.57 24.48 -10.04
CA PRO G 308 -0.89 25.17 -11.29
C PRO G 308 -1.48 24.24 -12.34
N ALA G 309 -2.02 24.80 -13.41
CA ALA G 309 -2.50 24.00 -14.52
C ALA G 309 -1.33 23.26 -15.13
N GLU G 310 -1.61 22.05 -15.61
CA GLU G 310 -0.59 21.10 -16.04
C GLU G 310 0.37 21.69 -17.06
N SER G 311 -0.16 22.42 -18.02
CA SER G 311 0.70 22.94 -19.08
C SER G 311 1.58 24.11 -18.60
N LEU G 312 1.37 24.56 -17.36
CA LEU G 312 2.19 25.65 -16.81
C LEU G 312 3.15 25.19 -15.71
N ARG G 313 3.16 23.90 -15.39
CA ARG G 313 4.16 23.33 -14.48
C ARG G 313 5.48 23.18 -15.21
N HIS G 314 6.50 23.92 -14.79
CA HIS G 314 7.79 23.85 -15.47
C HIS G 314 8.94 23.65 -14.48
N TRP G 315 8.65 23.10 -13.32
CA TRP G 315 9.71 22.97 -12.33
C TRP G 315 10.48 21.66 -12.49
N VAL G 316 10.52 21.14 -13.72
CA VAL G 316 11.38 20.00 -14.01
C VAL G 316 12.29 20.31 -15.20
N ASP G 317 11.90 21.30 -16.00
CA ASP G 317 12.66 21.71 -17.19
C ASP G 317 14.12 22.04 -16.89
N ARG G 318 14.40 22.31 -15.62
CA ARG G 318 15.76 22.59 -15.19
C ARG G 318 16.13 21.68 -14.03
N PRO G 319 17.44 21.46 -13.80
CA PRO G 319 17.86 20.65 -12.66
C PRO G 319 17.53 21.34 -11.34
N GLU G 320 17.51 20.58 -10.24
CA GLU G 320 17.31 21.14 -8.89
C GLU G 320 18.21 22.36 -8.67
N ILE G 321 17.59 23.51 -8.43
CA ILE G 321 18.31 24.77 -8.25
C ILE G 321 19.16 24.75 -6.97
N ASP G 322 20.30 25.42 -7.03
CA ASP G 322 21.20 25.48 -5.88
C ASP G 322 21.06 26.83 -5.19
N THR G 323 20.31 27.73 -5.82
CA THR G 323 20.16 29.10 -5.36
C THR G 323 18.71 29.61 -5.47
N LEU G 324 18.31 30.46 -4.54
CA LEU G 324 16.99 31.07 -4.58
C LEU G 324 17.07 32.45 -5.26
N ARG G 325 18.20 32.76 -5.86
CA ARG G 325 18.39 34.08 -6.44
C ARG G 325 18.38 34.01 -7.95
N PHE G 326 17.41 34.69 -8.56
CA PHE G 326 17.37 34.74 -10.00
C PHE G 326 17.20 36.15 -10.47
N ALA G 327 18.33 36.73 -10.87
CA ALA G 327 18.41 38.14 -11.22
C ALA G 327 17.59 38.42 -12.44
N HIS G 328 16.83 39.51 -12.36
CA HIS G 328 15.88 39.87 -13.41
C HIS G 328 16.52 40.18 -14.74
N GLU G 329 17.73 40.73 -14.72
CA GLU G 329 18.39 41.15 -15.96
C GLU G 329 18.88 39.92 -16.73
N GLU G 330 18.93 38.78 -16.05
CA GLU G 330 19.44 37.58 -16.67
C GLU G 330 18.29 36.74 -17.24
N TYR G 331 17.07 37.04 -16.80
CA TYR G 331 15.89 36.32 -17.30
C TYR G 331 14.85 37.32 -17.78
N TRP G 332 15.28 38.20 -18.67
CA TRP G 332 14.47 39.30 -19.15
C TRP G 332 14.06 39.00 -20.59
N ARG G 333 13.07 39.71 -21.09
CA ARG G 333 12.52 39.36 -22.39
C ARG G 333 12.77 40.39 -23.48
N SER H 11 -14.33 -4.94 -14.18
CA SER H 11 -13.20 -4.50 -15.01
C SER H 11 -11.89 -5.26 -14.71
N SER H 12 -11.38 -5.99 -15.70
CA SER H 12 -10.21 -6.85 -15.49
C SER H 12 -8.86 -6.11 -15.55
N GLY H 13 -8.84 -4.96 -16.22
CA GLY H 13 -7.63 -4.16 -16.36
C GLY H 13 -6.42 -4.90 -16.92
N LEU H 14 -6.67 -5.92 -17.74
CA LEU H 14 -5.59 -6.74 -18.29
C LEU H 14 -4.65 -5.96 -19.19
N VAL H 15 -3.35 -6.21 -19.05
CA VAL H 15 -2.35 -5.66 -19.94
C VAL H 15 -2.18 -6.59 -21.14
N PRO H 16 -2.31 -6.04 -22.37
CA PRO H 16 -2.23 -6.81 -23.61
C PRO H 16 -0.91 -7.54 -23.75
N ARG H 17 -0.98 -8.73 -24.35
CA ARG H 17 0.19 -9.58 -24.49
C ARG H 17 1.33 -8.84 -25.19
N GLY H 18 2.52 -8.97 -24.64
CA GLY H 18 3.69 -8.29 -25.19
C GLY H 18 3.85 -6.87 -24.66
N SER H 19 2.94 -6.47 -23.78
CA SER H 19 3.10 -5.18 -23.12
C SER H 19 3.29 -5.31 -21.59
N HIS H 20 3.60 -4.17 -20.96
CA HIS H 20 3.88 -4.13 -19.54
C HIS H 20 3.09 -3.00 -18.88
N MET H 21 3.15 -2.91 -17.56
CA MET H 21 2.29 -1.98 -16.83
C MET H 21 2.90 -0.57 -16.77
N ASN H 32 -10.11 13.10 -14.25
CA ASN H 32 -10.21 14.22 -13.30
C ASN H 32 -11.51 15.02 -13.45
N ARG H 33 -12.48 14.70 -12.60
CA ARG H 33 -13.87 15.15 -12.73
C ARG H 33 -14.05 16.67 -12.62
N ILE H 34 -15.10 17.18 -13.27
CA ILE H 34 -15.51 18.58 -13.09
C ILE H 34 -15.99 18.80 -11.66
N ALA H 35 -15.53 19.87 -11.02
CA ALA H 35 -15.96 20.14 -9.64
C ALA H 35 -17.40 20.63 -9.56
N GLU H 36 -18.01 20.43 -8.39
CA GLU H 36 -19.43 20.73 -8.18
C GLU H 36 -19.69 21.60 -6.97
N CYS H 37 -20.52 22.61 -7.19
CA CYS H 37 -20.94 23.51 -6.13
C CYS H 37 -22.45 23.44 -5.92
N ASP H 38 -22.84 22.87 -4.79
CA ASP H 38 -24.23 22.89 -4.36
C ASP H 38 -24.53 24.26 -3.79
N ILE H 39 -24.71 25.23 -4.70
CA ILE H 39 -24.71 26.64 -4.33
C ILE H 39 -25.62 26.97 -3.15
N ARG H 40 -26.77 26.32 -3.05
CA ARG H 40 -27.69 26.64 -1.97
C ARG H 40 -27.35 25.94 -0.65
N ARG H 41 -26.42 24.99 -0.68
CA ARG H 41 -25.97 24.33 0.55
C ARG H 41 -24.74 25.00 1.14
N THR H 42 -23.73 25.25 0.31
CA THR H 42 -22.44 25.70 0.81
C THR H 42 -22.06 27.12 0.38
N GLY H 43 -22.75 27.64 -0.63
CA GLY H 43 -22.35 28.90 -1.27
C GLY H 43 -21.16 28.59 -2.17
N LEU H 44 -20.52 29.62 -2.70
CA LEU H 44 -19.33 29.43 -3.53
C LEU H 44 -18.05 29.39 -2.68
N LEU H 45 -17.45 28.20 -2.57
CA LEU H 45 -16.25 27.96 -1.77
C LEU H 45 -14.99 28.31 -2.55
N PRO H 46 -13.86 28.60 -1.85
CA PRO H 46 -12.56 28.90 -2.46
C PRO H 46 -12.08 27.82 -3.41
N GLU H 47 -12.29 26.55 -3.04
CA GLU H 47 -11.95 25.40 -3.90
C GLU H 47 -12.69 25.46 -5.24
N HIS H 48 -13.91 25.98 -5.23
CA HIS H 48 -14.70 26.10 -6.47
C HIS H 48 -14.08 27.10 -7.42
N VAL H 49 -13.85 28.31 -6.91
CA VAL H 49 -13.13 29.35 -7.63
C VAL H 49 -11.85 28.80 -8.23
N THR H 50 -11.10 28.09 -7.40
CA THR H 50 -9.81 27.56 -7.81
C THR H 50 -9.97 26.51 -8.88
N ALA H 51 -10.90 25.59 -8.67
CA ALA H 51 -11.18 24.58 -9.68
C ALA H 51 -11.60 25.22 -11.02
N PHE H 52 -12.50 26.21 -10.99
CA PHE H 52 -12.92 26.88 -12.24
C PHE H 52 -11.72 27.49 -12.91
N ARG H 53 -10.93 28.25 -12.14
CA ARG H 53 -9.79 28.98 -12.69
C ARG H 53 -8.80 28.05 -13.36
N ARG H 54 -8.50 26.92 -12.71
CA ARG H 54 -7.55 25.97 -13.26
C ARG H 54 -8.13 25.15 -14.41
N GLN H 55 -9.31 24.56 -14.17
CA GLN H 55 -9.88 23.62 -15.12
C GLN H 55 -10.69 24.28 -16.23
N GLY H 56 -11.17 25.50 -15.99
CA GLY H 56 -11.90 26.24 -16.99
C GLY H 56 -13.39 25.87 -17.08
N VAL H 57 -13.88 25.17 -16.07
CA VAL H 57 -15.25 24.71 -16.05
C VAL H 57 -15.66 24.42 -14.60
N LEU H 58 -16.96 24.52 -14.33
CA LEU H 58 -17.52 24.29 -13.00
C LEU H 58 -19.03 24.05 -13.11
N VAL H 59 -19.53 23.02 -12.43
CA VAL H 59 -20.95 22.75 -12.37
C VAL H 59 -21.56 23.38 -11.13
N VAL H 60 -22.68 24.07 -11.30
CA VAL H 60 -23.40 24.59 -10.13
C VAL H 60 -24.79 23.94 -10.04
N ARG H 61 -24.96 23.11 -9.01
CA ARG H 61 -26.21 22.36 -8.84
C ARG H 61 -27.31 23.18 -8.17
N GLY H 62 -28.52 23.04 -8.68
CA GLY H 62 -29.70 23.59 -8.02
C GLY H 62 -29.73 25.10 -7.91
N LEU H 63 -29.28 25.78 -8.95
CA LEU H 63 -29.32 27.24 -8.98
C LEU H 63 -30.76 27.71 -8.86
N LEU H 64 -31.62 27.10 -9.66
CA LEU H 64 -33.00 27.52 -9.75
C LEU H 64 -33.90 26.76 -8.76
N THR H 65 -34.82 27.48 -8.14
CA THR H 65 -35.92 26.84 -7.43
C THR H 65 -36.84 26.09 -8.42
N PRO H 66 -37.61 25.12 -7.93
CA PRO H 66 -38.66 24.47 -8.72
C PRO H 66 -39.59 25.41 -9.48
N GLN H 67 -40.17 26.38 -8.79
CA GLN H 67 -41.08 27.31 -9.44
C GLN H 67 -40.40 28.02 -10.59
N GLU H 68 -39.25 28.66 -10.36
CA GLU H 68 -38.59 29.47 -11.41
C GLU H 68 -38.13 28.63 -12.59
N LEU H 69 -37.65 27.43 -12.31
CA LEU H 69 -37.30 26.51 -13.37
C LEU H 69 -38.54 26.24 -14.25
N ALA H 70 -39.68 26.06 -13.61
CA ALA H 70 -40.90 25.82 -14.37
C ALA H 70 -41.26 27.06 -15.16
N ASP H 71 -41.01 28.23 -14.59
CA ASP H 71 -41.29 29.50 -15.26
C ASP H 71 -40.44 29.68 -16.51
N VAL H 72 -39.15 29.36 -16.44
CA VAL H 72 -38.28 29.57 -17.59
C VAL H 72 -38.38 28.40 -18.57
N GLN H 73 -38.88 27.26 -18.14
CA GLN H 73 -39.09 26.14 -19.07
C GLN H 73 -40.23 26.47 -20.03
N GLU H 74 -41.29 27.08 -19.47
CA GLU H 74 -42.44 27.51 -20.25
C GLU H 74 -42.06 28.66 -21.19
N ALA H 75 -41.17 29.55 -20.72
CA ALA H 75 -40.73 30.66 -21.57
C ALA H 75 -39.87 30.15 -22.71
N GLY H 76 -39.04 29.15 -22.45
CA GLY H 76 -38.28 28.48 -23.50
C GLY H 76 -39.22 27.90 -24.54
N ARG H 77 -40.32 27.33 -24.06
CA ARG H 77 -41.31 26.70 -24.93
C ARG H 77 -42.02 27.76 -25.79
N ALA H 78 -42.47 28.84 -25.17
CA ALA H 78 -43.13 29.92 -25.92
C ALA H 78 -42.19 30.53 -26.97
N LEU H 79 -40.90 30.59 -26.65
CA LEU H 79 -39.91 31.12 -27.59
C LEU H 79 -39.76 30.24 -28.81
N ILE H 80 -39.58 28.93 -28.60
CA ILE H 80 -39.40 28.03 -29.74
C ILE H 80 -40.69 28.02 -30.57
N ASP H 81 -41.83 28.05 -29.88
CA ASP H 81 -43.13 28.10 -30.53
C ASP H 81 -43.23 29.37 -31.39
N ARG H 82 -42.61 30.45 -30.92
CA ARG H 82 -42.61 31.72 -31.64
C ARG H 82 -41.72 31.63 -32.88
N ALA H 83 -40.63 30.88 -32.82
CA ALA H 83 -39.76 30.73 -33.98
C ALA H 83 -40.38 29.88 -35.11
N TRP H 84 -41.14 28.85 -34.76
CA TRP H 84 -41.74 28.03 -35.78
C TRP H 84 -42.91 28.74 -36.46
N SER H 85 -43.69 29.45 -35.68
CA SER H 85 -44.81 30.23 -36.20
C SER H 85 -44.39 31.27 -37.24
N THR H 86 -43.41 32.10 -36.88
CA THR H 86 -42.99 33.19 -37.75
C THR H 86 -42.07 32.74 -38.88
N ARG H 87 -41.19 31.78 -38.58
CA ARG H 87 -40.12 31.40 -39.49
C ARG H 87 -39.32 32.63 -39.93
N SER H 88 -38.94 33.44 -38.96
CA SER H 88 -38.10 34.61 -39.24
C SER H 88 -36.61 34.33 -39.02
N MET H 89 -35.77 34.98 -39.81
CA MET H 89 -34.34 34.90 -39.61
C MET H 89 -33.88 35.98 -38.64
N GLU H 90 -34.83 36.76 -38.13
CA GLU H 90 -34.53 37.82 -37.17
C GLU H 90 -34.26 37.24 -35.78
N ASP H 91 -33.05 37.48 -35.26
CA ASP H 91 -32.65 36.99 -33.95
C ASP H 91 -32.81 35.48 -33.83
N THR H 92 -32.65 34.76 -34.93
CA THR H 92 -32.87 33.31 -34.90
C THR H 92 -31.98 32.57 -35.89
N VAL H 93 -31.19 31.64 -35.39
CA VAL H 93 -30.39 30.87 -36.32
C VAL H 93 -31.17 29.63 -36.80
N TRP H 94 -31.15 29.40 -38.11
CA TRP H 94 -31.81 28.26 -38.73
C TRP H 94 -30.81 27.33 -39.39
N THR H 95 -31.05 26.02 -39.31
CA THR H 95 -30.24 25.04 -40.01
C THR H 95 -30.19 25.31 -41.52
N LEU H 96 -31.30 25.81 -42.05
CA LEU H 96 -31.39 26.19 -43.46
C LEU H 96 -32.24 27.44 -43.55
N GLU H 97 -32.16 28.17 -44.66
CA GLU H 97 -33.15 29.22 -44.93
C GLU H 97 -34.55 28.68 -44.64
N PRO H 98 -35.32 29.39 -43.80
CA PRO H 98 -36.61 28.86 -43.33
C PRO H 98 -37.68 28.74 -44.41
N ASP H 99 -37.33 29.01 -45.67
CA ASP H 99 -38.24 28.77 -46.78
C ASP H 99 -37.82 27.51 -47.52
N GLN H 100 -36.93 26.75 -46.88
CA GLN H 100 -36.46 25.47 -47.41
C GLN H 100 -37.04 24.31 -46.61
N PRO H 101 -37.13 23.12 -47.25
CA PRO H 101 -37.47 21.86 -46.58
C PRO H 101 -36.42 21.40 -45.57
N GLY H 102 -36.86 21.09 -44.36
CA GLY H 102 -35.96 20.56 -43.35
C GLY H 102 -35.29 21.65 -42.54
N ALA H 103 -35.72 22.89 -42.76
CA ALA H 103 -35.21 24.01 -41.97
C ALA H 103 -35.71 23.92 -40.53
N ALA H 104 -34.84 24.24 -39.58
CA ALA H 104 -35.23 24.22 -38.17
C ALA H 104 -34.43 25.22 -37.36
N PRO H 105 -35.07 25.82 -36.35
CA PRO H 105 -34.36 26.77 -35.49
C PRO H 105 -33.54 26.05 -34.41
N VAL H 106 -32.38 26.61 -34.09
CA VAL H 106 -31.48 26.01 -33.12
C VAL H 106 -30.99 27.04 -32.12
N ARG H 107 -31.22 28.32 -32.43
CA ARG H 107 -30.81 29.42 -31.56
C ARG H 107 -31.69 30.65 -31.65
N ILE H 108 -32.06 31.19 -30.49
CA ILE H 108 -32.78 32.47 -30.46
C ILE H 108 -31.97 33.48 -29.65
N GLU H 109 -31.75 34.66 -30.23
CA GLU H 109 -30.95 35.67 -29.56
C GLU H 109 -31.82 36.70 -28.86
N TYR H 110 -31.26 37.30 -27.82
CA TYR H 110 -31.87 38.37 -27.05
C TYR H 110 -33.17 37.89 -26.40
N VAL H 111 -33.07 36.73 -25.72
CA VAL H 111 -34.21 36.11 -25.05
C VAL H 111 -34.52 36.84 -23.75
N VAL H 112 -33.56 37.60 -23.22
CA VAL H 112 -33.85 38.44 -22.07
C VAL H 112 -34.87 39.53 -22.48
N ASP H 113 -34.72 40.05 -23.69
CA ASP H 113 -35.65 41.08 -24.20
C ASP H 113 -37.02 40.46 -24.50
N LYS H 114 -37.03 39.28 -25.13
CA LYS H 114 -38.24 38.64 -25.62
C LYS H 114 -39.11 38.00 -24.54
N ALA H 115 -38.55 37.70 -23.39
CA ALA H 115 -39.33 37.00 -22.37
C ALA H 115 -39.05 37.49 -20.96
N ARG H 116 -40.10 37.88 -20.26
CA ARG H 116 -39.94 38.45 -18.93
C ARG H 116 -39.41 37.47 -17.87
N PRO H 117 -39.77 36.19 -17.97
CA PRO H 117 -39.13 35.36 -16.94
C PRO H 117 -37.62 35.16 -17.15
N ILE H 118 -37.16 35.29 -18.39
CA ILE H 118 -35.74 35.13 -18.67
C ILE H 118 -34.98 36.43 -18.36
N ALA H 119 -35.64 37.58 -18.54
CA ALA H 119 -35.06 38.84 -18.10
C ALA H 119 -34.77 38.76 -16.60
N MET H 120 -35.74 38.26 -15.84
CA MET H 120 -35.59 38.08 -14.41
C MET H 120 -34.53 37.06 -14.07
N LEU H 121 -34.46 35.98 -14.85
CA LEU H 121 -33.39 35.01 -14.71
C LEU H 121 -32.03 35.71 -14.76
N ALA H 122 -31.94 36.71 -15.65
CA ALA H 122 -30.71 37.44 -15.88
C ALA H 122 -30.37 38.34 -14.70
N GLY H 123 -31.29 38.43 -13.74
CA GLY H 123 -31.07 39.19 -12.52
C GLY H 123 -30.78 38.31 -11.30
N HIS H 124 -30.77 37.00 -11.50
CA HIS H 124 -30.61 36.04 -10.41
C HIS H 124 -29.39 36.34 -9.55
N PRO H 125 -29.60 36.48 -8.24
CA PRO H 125 -28.57 36.90 -7.27
C PRO H 125 -27.50 35.85 -7.00
N LEU H 126 -27.86 34.56 -6.98
CA LEU H 126 -26.86 33.53 -6.77
C LEU H 126 -25.97 33.44 -8.01
N LEU H 127 -26.57 33.51 -9.19
CA LEU H 127 -25.80 33.54 -10.42
C LEU H 127 -24.87 34.75 -10.46
N LEU H 128 -25.40 35.95 -10.12
CA LEU H 128 -24.61 37.18 -10.25
C LEU H 128 -23.53 37.31 -9.16
N ARG H 129 -23.80 36.83 -7.95
CA ARG H 129 -22.78 36.80 -6.91
C ARG H 129 -21.65 35.85 -7.30
N ILE H 130 -21.99 34.73 -7.93
CA ILE H 130 -21.00 33.82 -8.45
C ILE H 130 -20.16 34.49 -9.52
N MET H 131 -20.83 35.12 -10.50
CA MET H 131 -20.15 35.81 -11.60
C MET H 131 -19.26 36.92 -11.07
N GLU H 132 -19.73 37.54 -10.01
CA GLU H 132 -19.01 38.63 -9.39
C GLU H 132 -17.66 38.12 -8.87
N GLN H 133 -17.63 36.91 -8.32
CA GLN H 133 -16.37 36.36 -7.80
C GLN H 133 -15.46 35.91 -8.94
N LEU H 134 -16.04 35.47 -10.04
CA LEU H 134 -15.22 34.95 -11.12
C LEU H 134 -14.83 36.01 -12.15
N VAL H 135 -15.78 36.87 -12.52
CA VAL H 135 -15.53 37.87 -13.55
C VAL H 135 -15.01 39.13 -12.90
N GLY H 136 -15.46 39.37 -11.67
CA GLY H 136 -15.07 40.58 -10.97
C GLY H 136 -16.21 41.56 -10.81
N PRO H 137 -15.97 42.60 -10.00
CA PRO H 137 -16.95 43.64 -9.66
C PRO H 137 -17.47 44.44 -10.86
N ASN H 138 -16.71 44.50 -11.94
CA ASN H 138 -17.11 45.27 -13.11
C ASN H 138 -17.79 44.45 -14.22
N LEU H 139 -18.37 43.30 -13.87
CA LEU H 139 -18.93 42.42 -14.90
C LEU H 139 -20.08 43.08 -15.67
N ILE H 140 -20.19 42.78 -16.96
CA ILE H 140 -21.39 43.11 -17.74
C ILE H 140 -21.90 41.93 -18.58
N PRO H 141 -23.23 41.81 -18.70
CA PRO H 141 -23.85 40.82 -19.59
C PRO H 141 -23.63 41.20 -21.05
N THR H 142 -23.12 40.26 -21.83
CA THR H 142 -22.88 40.50 -23.24
C THR H 142 -23.91 39.74 -24.09
N TRP H 143 -23.54 38.57 -24.60
CA TRP H 143 -24.49 37.69 -25.27
C TRP H 143 -25.54 37.07 -24.32
N ASP H 144 -26.78 37.02 -24.78
CA ASP H 144 -27.80 36.26 -24.07
C ASP H 144 -28.67 35.58 -25.14
N SER H 145 -28.86 34.28 -24.96
CA SER H 145 -29.53 33.48 -25.98
C SER H 145 -30.09 32.17 -25.41
N MET H 146 -30.95 31.53 -26.19
CA MET H 146 -31.32 30.18 -25.84
C MET H 146 -30.87 29.30 -26.99
N VAL H 147 -30.13 28.24 -26.66
CA VAL H 147 -29.69 27.29 -27.66
C VAL H 147 -30.36 25.93 -27.42
N PHE H 148 -30.81 25.31 -28.51
CA PHE H 148 -31.52 24.03 -28.45
C PHE H 148 -31.18 23.16 -29.67
N LYS H 149 -31.51 21.88 -29.59
CA LYS H 149 -31.10 20.95 -30.64
C LYS H 149 -32.27 20.61 -31.55
N THR H 150 -31.95 20.18 -32.78
CA THR H 150 -32.99 19.68 -33.69
C THR H 150 -33.36 18.25 -33.28
N PRO H 151 -34.49 18.07 -32.57
CA PRO H 151 -34.73 16.77 -31.92
C PRO H 151 -35.05 15.61 -32.90
N ALA H 152 -35.26 15.92 -34.17
CA ALA H 152 -35.40 14.87 -35.16
C ALA H 152 -34.03 14.25 -35.40
N GLY H 153 -32.99 14.90 -34.89
CA GLY H 153 -31.63 14.46 -35.07
C GLY H 153 -30.72 15.67 -35.09
N ALA H 154 -29.69 15.65 -34.23
CA ALA H 154 -28.71 16.74 -34.23
C ALA H 154 -27.30 16.18 -34.42
N PRO H 155 -26.52 16.81 -35.29
CA PRO H 155 -25.15 16.33 -35.54
C PRO H 155 -24.19 16.69 -34.39
N ARG H 156 -22.97 16.16 -34.46
CA ARG H 156 -21.99 16.41 -33.42
C ARG H 156 -21.62 17.89 -33.37
N LEU H 157 -21.52 18.42 -32.15
CA LEU H 157 -20.90 19.73 -31.93
C LEU H 157 -19.40 19.50 -31.92
N ALA H 158 -18.70 20.06 -32.90
CA ALA H 158 -17.26 19.86 -33.04
C ALA H 158 -16.45 20.56 -31.94
N TRP H 159 -15.37 19.93 -31.48
CA TRP H 159 -14.48 20.48 -30.45
C TRP H 159 -13.97 21.84 -30.87
N HIS H 160 -14.08 22.80 -29.96
CA HIS H 160 -13.83 24.21 -30.32
C HIS H 160 -13.70 25.09 -29.07
N ARG H 161 -13.24 26.32 -29.30
CA ARG H 161 -13.29 27.41 -28.33
C ARG H 161 -14.38 28.36 -28.76
N ASP H 162 -14.80 29.26 -27.87
CA ASP H 162 -15.85 30.24 -28.19
C ASP H 162 -15.24 31.56 -28.68
N ALA H 163 -16.09 32.47 -29.11
CA ALA H 163 -15.64 33.73 -29.70
C ALA H 163 -15.06 34.69 -28.67
N GLY H 164 -13.75 34.59 -28.47
CA GLY H 164 -13.04 35.46 -27.54
C GLY H 164 -12.65 36.79 -28.15
N LEU H 165 -11.87 36.72 -29.23
CA LEU H 165 -11.47 37.87 -30.06
C LEU H 165 -10.42 38.77 -29.37
N TYR H 166 -9.46 38.16 -28.65
CA TYR H 166 -8.35 38.91 -28.05
C TYR H 166 -6.98 38.32 -28.44
N ASP H 167 -6.03 39.19 -28.75
CA ASP H 167 -4.62 38.78 -28.79
C ASP H 167 -4.19 38.25 -27.44
N ASN H 168 -3.26 37.31 -27.41
CA ASN H 168 -2.76 36.75 -26.16
C ASN H 168 -3.94 36.38 -25.25
N ALA H 169 -4.89 35.64 -25.82
CA ALA H 169 -6.16 35.35 -25.14
C ALA H 169 -5.96 34.67 -23.78
N VAL H 170 -5.00 33.75 -23.71
CA VAL H 170 -4.72 33.01 -22.47
C VAL H 170 -4.10 33.94 -21.41
N GLY H 171 -3.26 34.88 -21.86
CA GLY H 171 -2.75 35.91 -20.98
C GLY H 171 -3.89 36.75 -20.45
N VAL H 172 -4.84 37.11 -21.31
CA VAL H 172 -5.97 37.96 -20.91
C VAL H 172 -7.01 37.25 -20.04
N THR H 173 -7.38 36.03 -20.38
CA THR H 173 -8.48 35.44 -19.65
C THR H 173 -8.41 33.92 -19.54
N GLY H 174 -7.21 33.36 -19.65
CA GLY H 174 -6.98 31.96 -19.40
C GLY H 174 -7.48 31.58 -18.02
N ALA H 175 -7.51 32.54 -17.11
CA ALA H 175 -7.92 32.32 -15.73
C ALA H 175 -9.44 32.47 -15.53
N GLY H 176 -10.17 32.78 -16.59
CA GLY H 176 -11.63 32.74 -16.53
C GLY H 176 -12.31 34.06 -16.18
N ARG H 177 -12.09 35.07 -17.01
CA ARG H 177 -12.73 36.36 -16.81
C ARG H 177 -13.84 36.59 -17.84
N VAL H 178 -13.87 35.74 -18.86
CA VAL H 178 -14.91 35.74 -19.88
C VAL H 178 -15.64 34.41 -19.81
N ILE H 179 -16.83 34.44 -19.22
CA ILE H 179 -17.52 33.23 -18.87
C ILE H 179 -18.86 33.03 -19.59
N ASP H 180 -19.09 31.80 -20.05
CA ASP H 180 -20.42 31.36 -20.50
C ASP H 180 -21.18 30.64 -19.38
N ALA H 181 -22.32 31.21 -18.99
CA ALA H 181 -23.20 30.60 -18.01
C ALA H 181 -24.38 29.90 -18.68
N GLY H 182 -24.36 28.57 -18.66
CA GLY H 182 -25.42 27.78 -19.24
C GLY H 182 -26.42 27.29 -18.22
N ILE H 183 -27.64 27.80 -18.30
CA ILE H 183 -28.72 27.34 -17.43
C ILE H 183 -29.60 26.30 -18.16
N TYR H 184 -29.65 25.09 -17.62
CA TYR H 184 -30.28 23.94 -18.28
C TYR H 184 -31.76 23.82 -18.00
N LEU H 185 -32.54 23.79 -19.08
CA LEU H 185 -33.99 23.62 -18.98
C LEU H 185 -34.35 22.14 -19.04
N ASP H 186 -33.57 21.39 -19.81
CA ASP H 186 -33.77 19.96 -19.97
C ASP H 186 -32.53 19.25 -19.43
N PRO H 187 -32.69 17.99 -18.99
CA PRO H 187 -31.53 17.24 -18.50
C PRO H 187 -30.47 17.10 -19.57
N ALA H 188 -29.23 16.85 -19.17
CA ALA H 188 -28.20 16.52 -20.12
C ALA H 188 -27.37 15.37 -19.57
N PRO H 189 -27.89 14.13 -19.69
CA PRO H 189 -27.20 12.92 -19.24
C PRO H 189 -25.97 12.62 -20.07
N GLU H 190 -25.18 11.67 -19.61
CA GLU H 190 -23.87 11.40 -20.19
C GLU H 190 -23.92 11.05 -21.69
N ASP H 191 -25.00 10.45 -22.15
CA ASP H 191 -25.15 10.14 -23.57
C ASP H 191 -25.45 11.38 -24.41
N ASN H 192 -25.83 12.48 -23.75
CA ASN H 192 -26.28 13.69 -24.45
C ASN H 192 -25.99 14.94 -23.65
N CYS H 193 -24.72 15.28 -23.53
CA CYS H 193 -24.31 16.42 -22.73
C CYS H 193 -23.03 17.00 -23.30
N VAL H 194 -22.69 18.19 -22.83
CA VAL H 194 -21.43 18.80 -23.22
C VAL H 194 -20.28 18.04 -22.58
N TRP H 195 -19.22 17.84 -23.35
CA TRP H 195 -17.94 17.36 -22.82
C TRP H 195 -16.90 18.47 -22.97
N CYS H 196 -15.83 18.41 -22.19
CA CYS H 196 -14.78 19.38 -22.36
C CYS H 196 -13.44 18.85 -21.88
N ILE H 197 -12.37 19.49 -22.33
CA ILE H 197 -11.04 19.18 -21.87
C ILE H 197 -10.58 20.19 -20.82
N PRO H 198 -10.61 19.77 -19.54
CA PRO H 198 -10.24 20.70 -18.46
C PRO H 198 -8.79 21.11 -18.57
N GLU H 199 -8.54 22.41 -18.38
CA GLU H 199 -7.23 23.06 -18.33
C GLU H 199 -6.75 23.44 -19.73
N SER H 200 -7.58 23.15 -20.74
CA SER H 200 -7.28 23.53 -22.12
C SER H 200 -7.42 25.04 -22.31
N ASN H 201 -8.01 25.69 -21.30
CA ASN H 201 -8.13 27.13 -21.30
C ASN H 201 -6.76 27.82 -21.17
N TYR H 202 -5.69 27.08 -20.84
CA TYR H 202 -4.33 27.63 -20.80
C TYR H 202 -3.44 27.26 -21.98
N TRP H 203 -3.94 26.43 -22.91
CA TRP H 203 -3.12 25.99 -24.05
C TRP H 203 -2.82 27.11 -25.05
N GLY H 204 -1.61 27.11 -25.59
CA GLY H 204 -1.27 28.01 -26.69
C GLY H 204 -1.99 27.55 -27.95
N ASP H 205 -2.00 28.40 -28.97
CA ASP H 205 -2.79 28.15 -30.18
C ASP H 205 -2.45 26.84 -30.87
N ASP H 206 -1.16 26.53 -30.94
CA ASP H 206 -0.71 25.38 -31.70
C ASP H 206 -1.15 24.08 -31.04
N ARG H 207 -0.99 23.97 -29.72
CA ARG H 207 -1.47 22.77 -29.04
C ARG H 207 -2.98 22.63 -29.19
N LEU H 208 -3.69 23.76 -29.12
CA LEU H 208 -5.14 23.70 -29.13
C LEU H 208 -5.65 23.30 -30.51
N THR H 209 -5.19 23.98 -31.55
CA THR H 209 -5.60 23.65 -32.92
C THR H 209 -5.31 22.18 -33.22
N ALA H 210 -4.13 21.73 -32.81
CA ALA H 210 -3.72 20.34 -32.99
C ALA H 210 -4.66 19.36 -32.28
N THR H 211 -4.92 19.58 -31.00
CA THR H 211 -5.82 18.68 -30.26
C THR H 211 -7.26 18.81 -30.79
N ALA H 212 -7.64 20.00 -31.22
CA ALA H 212 -8.97 20.20 -31.77
C ALA H 212 -9.14 19.43 -33.10
N ASP H 213 -8.13 19.49 -33.96
CA ASP H 213 -8.20 18.83 -35.25
C ASP H 213 -8.07 17.31 -35.11
N GLN H 214 -7.16 16.86 -34.26
CA GLN H 214 -7.03 15.43 -34.00
C GLN H 214 -8.34 14.83 -33.51
N LEU H 215 -8.97 15.44 -32.52
CA LEU H 215 -10.21 14.90 -31.95
C LEU H 215 -11.34 14.91 -32.98
N ASN H 216 -11.40 15.97 -33.78
CA ASN H 216 -12.50 16.19 -34.69
C ASN H 216 -12.50 15.24 -35.90
N ALA H 217 -11.34 15.09 -36.55
CA ALA H 217 -11.22 14.10 -37.62
C ALA H 217 -11.36 12.71 -37.02
N SER H 218 -12.61 12.32 -36.76
CA SER H 218 -12.97 11.05 -36.15
C SER H 218 -14.48 10.97 -35.96
N TRP H 220 -16.56 10.58 -32.75
CA TRP H 220 -16.74 10.98 -31.36
C TRP H 220 -15.74 10.33 -30.41
N ASP H 221 -14.64 11.04 -30.17
CA ASP H 221 -13.55 10.58 -29.32
C ASP H 221 -13.46 11.38 -28.01
N THR H 222 -13.62 10.73 -26.87
CA THR H 222 -13.66 11.46 -25.60
C THR H 222 -12.39 11.31 -24.75
N THR H 223 -11.23 11.17 -25.38
CA THR H 223 -10.01 10.94 -24.60
C THR H 223 -9.38 12.26 -24.12
N GLY H 224 -9.30 12.39 -22.80
CA GLY H 224 -8.85 13.63 -22.20
C GLY H 224 -10.05 14.41 -21.70
N ALA H 225 -11.23 14.02 -22.16
CA ALA H 225 -12.43 14.79 -21.86
C ALA H 225 -13.22 14.21 -20.70
N VAL H 226 -14.10 15.03 -20.12
CA VAL H 226 -14.98 14.61 -19.04
C VAL H 226 -16.35 15.20 -19.30
N PRO H 227 -17.39 14.57 -18.77
CA PRO H 227 -18.75 15.04 -19.03
C PRO H 227 -19.24 16.06 -18.02
N ALA H 228 -20.17 16.90 -18.48
CA ALA H 228 -20.92 17.79 -17.62
C ALA H 228 -22.37 17.32 -17.61
N VAL H 229 -22.65 16.34 -16.75
CA VAL H 229 -23.97 15.74 -16.61
C VAL H 229 -24.88 16.68 -15.83
N MET H 230 -25.99 17.11 -16.44
CA MET H 230 -26.83 18.13 -15.81
C MET H 230 -28.27 17.70 -15.54
N GLN H 231 -28.83 18.23 -14.46
CA GLN H 231 -30.26 18.19 -14.25
C GLN H 231 -30.86 19.57 -14.58
N PRO H 232 -32.14 19.59 -14.98
CA PRO H 232 -32.79 20.89 -15.26
C PRO H 232 -32.75 21.81 -14.05
N GLY H 233 -32.32 23.06 -14.25
CA GLY H 233 -32.09 24.00 -13.16
C GLY H 233 -30.65 24.01 -12.63
N ASP H 234 -29.80 23.17 -13.18
CA ASP H 234 -28.37 23.22 -12.88
C ASP H 234 -27.72 24.26 -13.79
N LEU H 235 -26.51 24.68 -13.40
CA LEU H 235 -25.74 25.70 -14.10
C LEU H 235 -24.35 25.19 -14.50
N LEU H 236 -24.00 25.32 -15.78
CA LEU H 236 -22.63 25.06 -16.22
C LEU H 236 -21.93 26.38 -16.54
N LEU H 237 -20.85 26.62 -15.82
CA LEU H 237 -19.97 27.75 -16.07
C LEU H 237 -18.79 27.25 -16.88
N HIS H 238 -18.57 27.80 -18.07
CA HIS H 238 -17.35 27.44 -18.79
C HIS H 238 -16.60 28.66 -19.35
N ASN H 239 -15.28 28.53 -19.29
CA ASN H 239 -14.35 29.48 -19.83
C ASN H 239 -14.39 29.29 -21.33
N ILE H 240 -14.55 30.39 -22.06
CA ILE H 240 -14.65 30.36 -23.51
C ILE H 240 -13.40 29.79 -24.16
N LEU H 241 -12.33 29.71 -23.38
CA LEU H 241 -11.07 29.17 -23.91
C LEU H 241 -11.03 27.66 -23.71
N THR H 242 -11.94 27.15 -22.91
CA THR H 242 -11.92 25.72 -22.63
C THR H 242 -12.52 24.99 -23.83
N LEU H 243 -11.74 24.04 -24.37
CA LEU H 243 -12.18 23.25 -25.51
C LEU H 243 -13.36 22.38 -25.12
N HIS H 244 -14.45 22.51 -25.85
CA HIS H 244 -15.63 21.71 -25.56
C HIS H 244 -16.31 21.26 -26.85
N GLY H 245 -17.17 20.25 -26.69
CA GLY H 245 -17.91 19.66 -27.78
C GLY H 245 -18.98 18.71 -27.25
N ALA H 246 -19.78 18.18 -28.17
CA ALA H 246 -20.88 17.29 -27.83
C ALA H 246 -21.07 16.25 -28.93
N PRO H 247 -21.57 15.06 -28.56
CA PRO H 247 -21.81 14.02 -29.58
C PRO H 247 -23.08 14.30 -30.40
N ALA H 248 -23.28 13.55 -31.48
CA ALA H 248 -24.53 13.64 -32.23
C ALA H 248 -25.64 13.01 -31.41
N VAL H 249 -26.85 13.56 -31.52
CA VAL H 249 -27.93 13.15 -30.63
C VAL H 249 -29.30 13.20 -31.31
N VAL H 250 -30.20 12.27 -30.96
CA VAL H 250 -31.55 12.31 -31.50
C VAL H 250 -32.63 12.23 -30.41
N GLY H 251 -33.73 12.95 -30.63
CA GLY H 251 -34.96 12.76 -29.88
C GLY H 251 -35.13 13.59 -28.63
N LYS H 252 -34.20 14.49 -28.36
CA LYS H 252 -34.26 15.33 -27.16
C LYS H 252 -34.03 16.79 -27.53
N GLN H 253 -34.74 17.71 -26.86
CA GLN H 253 -34.75 19.12 -27.25
C GLN H 253 -33.51 19.88 -26.69
N ARG H 254 -33.10 19.49 -25.49
CA ARG H 254 -31.90 20.01 -24.83
C ARG H 254 -31.76 21.52 -24.90
N ARG H 255 -32.65 22.22 -24.20
CA ARG H 255 -32.62 23.67 -24.19
C ARG H 255 -31.69 24.20 -23.09
N VAL H 256 -30.77 25.07 -23.48
CA VAL H 256 -29.87 25.75 -22.55
C VAL H 256 -29.94 27.26 -22.79
N ILE H 257 -30.17 28.04 -21.74
CA ILE H 257 -30.10 29.49 -21.84
C ILE H 257 -28.68 29.96 -21.53
N TYR H 258 -28.11 30.77 -22.42
CA TYR H 258 -26.71 31.21 -22.32
C TYR H 258 -26.58 32.69 -22.03
N PHE H 259 -25.95 32.99 -20.89
CA PHE H 259 -25.55 34.34 -20.55
C PHE H 259 -24.03 34.45 -20.52
N GLU H 260 -23.44 35.25 -21.40
CA GLU H 260 -22.00 35.47 -21.33
C GLU H 260 -21.71 36.72 -20.53
N TYR H 261 -20.60 36.71 -19.80
CA TYR H 261 -20.18 37.88 -19.04
C TYR H 261 -18.70 38.21 -19.31
N ARG H 262 -18.40 39.50 -19.35
CA ARG H 262 -17.04 40.01 -19.45
C ARG H 262 -16.87 41.17 -18.47
N PRO H 263 -15.62 41.45 -18.05
CA PRO H 263 -15.33 42.61 -17.20
C PRO H 263 -15.41 43.90 -18.01
N ALA H 264 -16.02 44.95 -17.46
CA ALA H 264 -16.17 46.21 -18.21
C ALA H 264 -14.81 46.73 -18.67
N GLU H 265 -13.76 46.56 -17.85
CA GLU H 265 -12.50 47.20 -18.18
C GLU H 265 -11.87 46.50 -19.37
N VAL H 266 -12.14 45.21 -19.53
CA VAL H 266 -11.60 44.45 -20.65
C VAL H 266 -12.28 44.92 -21.94
N GLU H 267 -13.61 44.98 -21.94
CA GLU H 267 -14.37 45.52 -23.06
C GLU H 267 -13.85 46.91 -23.40
N TRP H 268 -13.69 47.73 -22.36
CA TRP H 268 -13.29 49.12 -22.55
C TRP H 268 -12.05 49.21 -23.43
N GLN H 269 -11.01 48.47 -23.07
CA GLN H 269 -9.70 48.62 -23.70
C GLN H 269 -9.47 47.69 -24.89
N LEU H 270 -10.17 46.56 -24.91
CA LEU H 270 -9.89 45.55 -25.92
C LEU H 270 -11.09 45.19 -26.80
N GLY H 271 -12.27 45.74 -26.51
CA GLY H 271 -13.47 45.36 -27.23
C GLY H 271 -13.98 44.01 -26.77
N PRO H 272 -14.70 43.28 -27.64
CA PRO H 272 -14.97 43.59 -29.05
C PRO H 272 -16.02 44.68 -29.29
N HIS H 273 -16.76 45.04 -28.25
CA HIS H 273 -17.82 46.02 -28.42
C HIS H 273 -17.33 47.47 -28.36
N SER H 274 -18.12 48.37 -28.94
CA SER H 274 -17.88 49.81 -28.81
C SER H 274 -17.99 50.22 -27.35
N ALA H 275 -17.45 51.39 -27.03
CA ALA H 275 -17.34 51.81 -25.62
C ALA H 275 -18.69 52.05 -24.97
N GLU H 276 -19.62 52.59 -25.74
CA GLU H 276 -20.95 52.93 -25.28
C GLU H 276 -21.79 51.70 -24.86
N TYR H 277 -21.49 50.56 -25.48
CA TYR H 277 -22.14 49.27 -25.18
C TYR H 277 -22.15 48.94 -23.67
N ILE H 278 -21.05 49.26 -22.99
CA ILE H 278 -20.88 48.93 -21.58
C ILE H 278 -21.97 49.53 -20.70
N GLY H 279 -22.18 50.84 -20.83
CA GLY H 279 -23.20 51.55 -20.07
C GLY H 279 -24.60 51.05 -20.35
N LEU H 280 -24.86 50.68 -21.59
CA LEU H 280 -26.15 50.14 -21.98
C LEU H 280 -26.41 48.79 -21.30
N LYS H 281 -25.42 47.91 -21.34
CA LYS H 281 -25.64 46.59 -20.75
C LYS H 281 -25.66 46.66 -19.23
N GLN H 282 -25.05 47.70 -18.67
CA GLN H 282 -25.19 47.94 -17.25
C GLN H 282 -26.62 48.34 -16.91
N GLN H 283 -27.21 49.20 -17.73
CA GLN H 283 -28.62 49.58 -17.60
C GLN H 283 -29.53 48.36 -17.69
N VAL H 284 -29.23 47.48 -18.65
CA VAL H 284 -29.90 46.19 -18.76
C VAL H 284 -29.80 45.38 -17.47
N LEU H 285 -28.56 45.20 -16.99
CA LEU H 285 -28.32 44.42 -15.78
C LEU H 285 -29.11 45.00 -14.61
N ARG H 286 -28.90 46.30 -14.38
CA ARG H 286 -29.69 47.02 -13.38
C ARG H 286 -31.21 46.82 -13.57
N SER H 287 -31.67 46.84 -14.81
CA SER H 287 -33.10 46.72 -15.09
C SER H 287 -33.65 45.33 -14.71
N CYS H 288 -32.89 44.29 -15.04
CA CYS H 288 -33.25 42.93 -14.66
C CYS H 288 -33.22 42.68 -13.14
N ILE H 289 -32.27 43.30 -12.45
CA ILE H 289 -32.14 43.12 -11.02
C ILE H 289 -33.33 43.74 -10.29
N GLN H 290 -33.73 44.93 -10.74
CA GLN H 290 -34.88 45.63 -10.17
C GLN H 290 -36.18 44.90 -10.51
N MET H 291 -36.34 44.51 -11.76
CA MET H 291 -37.52 43.78 -12.20
C MET H 291 -37.71 42.53 -11.35
N ARG H 292 -36.61 41.84 -11.07
CA ARG H 292 -36.65 40.61 -10.28
C ARG H 292 -36.99 40.94 -8.83
N ALA H 293 -36.55 42.10 -8.37
CA ALA H 293 -36.78 42.54 -7.00
C ALA H 293 -38.26 42.80 -6.74
N ASN H 294 -38.98 43.30 -7.74
CA ASN H 294 -40.40 43.63 -7.63
C ASN H 294 -41.34 42.44 -7.87
N GLU H 295 -40.80 41.31 -8.33
CA GLU H 295 -41.58 40.10 -8.51
C GLU H 295 -41.79 39.34 -7.19
N PRO H 296 -43.01 39.39 -6.65
CA PRO H 296 -43.38 38.84 -5.34
C PRO H 296 -42.81 37.44 -5.07
N GLN H 297 -42.75 36.64 -6.12
CA GLN H 297 -42.17 35.30 -6.04
C GLN H 297 -40.75 35.27 -5.46
N PHE H 298 -40.04 36.39 -5.56
CA PHE H 298 -38.62 36.41 -5.18
C PHE H 298 -38.32 37.30 -3.96
N GLY H 299 -39.34 37.75 -3.25
CA GLY H 299 -39.17 38.68 -2.15
C GLY H 299 -38.21 38.22 -1.06
N ASP H 300 -38.09 36.91 -0.88
CA ASP H 300 -37.24 36.33 0.16
C ASP H 300 -35.75 36.37 -0.24
N GLU H 301 -35.46 36.92 -1.42
CA GLU H 301 -34.09 37.00 -1.89
C GLU H 301 -33.49 38.36 -1.60
N GLU H 302 -32.24 38.37 -1.13
CA GLU H 302 -31.49 39.63 -1.10
C GLU H 302 -30.85 39.85 -2.46
N PRO H 303 -31.30 40.89 -3.18
CA PRO H 303 -30.87 41.17 -4.54
C PRO H 303 -29.37 41.32 -4.67
N PHE H 304 -28.89 41.24 -5.91
CA PHE H 304 -27.49 41.46 -6.18
C PHE H 304 -27.17 42.95 -6.17
N ASP H 305 -26.14 43.31 -5.40
CA ASP H 305 -25.72 44.70 -5.31
C ASP H 305 -24.55 44.96 -6.28
N TYR H 306 -24.88 45.51 -7.45
CA TYR H 306 -23.89 45.70 -8.50
C TYR H 306 -23.06 46.95 -8.17
N GLN H 307 -21.76 46.78 -7.99
CA GLN H 307 -20.92 47.92 -7.57
C GLN H 307 -19.57 47.94 -8.28
N PRO H 308 -19.55 48.40 -9.53
CA PRO H 308 -18.27 48.47 -10.22
C PRO H 308 -17.41 49.61 -9.69
N ALA H 309 -16.14 49.61 -10.08
CA ALA H 309 -15.24 50.72 -9.78
C ALA H 309 -15.84 51.99 -10.35
N GLU H 310 -15.65 53.12 -9.67
CA GLU H 310 -16.29 54.39 -10.02
C GLU H 310 -16.17 54.75 -11.49
N SER H 311 -14.98 54.64 -12.05
CA SER H 311 -14.76 55.11 -13.42
C SER H 311 -15.39 54.23 -14.51
N LEU H 312 -15.96 53.10 -14.11
CA LEU H 312 -16.59 52.21 -15.08
C LEU H 312 -18.11 52.12 -14.88
N ARG H 313 -18.67 53.02 -14.07
CA ARG H 313 -20.11 53.15 -14.00
C ARG H 313 -20.53 54.07 -15.12
N HIS H 314 -21.16 53.53 -16.16
CA HIS H 314 -21.56 54.35 -17.30
C HIS H 314 -23.06 54.31 -17.60
N TRP H 315 -23.86 53.90 -16.63
CA TRP H 315 -25.27 53.70 -16.90
C TRP H 315 -26.09 54.99 -16.94
N VAL H 316 -25.50 56.10 -16.52
CA VAL H 316 -26.11 57.42 -16.66
C VAL H 316 -25.72 58.11 -17.99
N ASP H 317 -24.77 57.50 -18.71
CA ASP H 317 -24.15 58.12 -19.88
C ASP H 317 -25.12 58.27 -21.06
N ARG H 318 -26.15 57.43 -21.07
CA ARG H 318 -27.18 57.46 -22.12
C ARG H 318 -28.57 57.54 -21.47
N PRO H 319 -29.57 58.00 -22.24
CA PRO H 319 -30.98 57.99 -21.78
C PRO H 319 -31.45 56.61 -21.33
N GLU H 320 -32.37 56.57 -20.38
CA GLU H 320 -32.94 55.29 -19.90
C GLU H 320 -33.36 54.44 -21.10
N ILE H 321 -32.99 53.17 -21.06
CA ILE H 321 -33.17 52.30 -22.22
C ILE H 321 -34.64 51.96 -22.44
N ASP H 322 -35.05 51.84 -23.69
CA ASP H 322 -36.44 51.46 -23.99
C ASP H 322 -36.52 50.04 -24.52
N THR H 323 -35.45 49.27 -24.29
CA THR H 323 -35.36 47.89 -24.74
C THR H 323 -34.22 47.14 -24.04
N LEU H 324 -34.30 45.81 -23.97
CA LEU H 324 -33.26 45.01 -23.34
C LEU H 324 -32.41 44.36 -24.41
N ARG H 325 -32.51 44.87 -25.62
CA ARG H 325 -31.86 44.22 -26.74
C ARG H 325 -30.86 45.17 -27.35
N PHE H 326 -29.64 44.69 -27.55
CA PHE H 326 -28.58 45.53 -28.07
C PHE H 326 -27.74 44.71 -29.01
N ALA H 327 -27.98 44.95 -30.28
CA ALA H 327 -27.45 44.12 -31.37
C ALA H 327 -25.97 44.33 -31.56
N HIS H 328 -25.21 43.26 -31.37
CA HIS H 328 -23.75 43.31 -31.37
C HIS H 328 -23.14 44.04 -32.56
N GLU H 329 -23.70 43.80 -33.75
CA GLU H 329 -23.20 44.39 -34.98
C GLU H 329 -23.35 45.91 -34.99
N GLU H 330 -24.28 46.42 -34.20
CA GLU H 330 -24.53 47.86 -34.09
C GLU H 330 -23.74 48.51 -32.96
N TYR H 331 -23.03 47.70 -32.19
CA TYR H 331 -22.19 48.22 -31.12
C TYR H 331 -20.83 47.51 -31.14
N TRP H 332 -20.28 47.35 -32.34
CA TRP H 332 -19.04 46.63 -32.57
C TRP H 332 -17.89 47.59 -32.85
N ARG H 333 -16.68 47.19 -32.47
CA ARG H 333 -15.50 48.00 -32.74
C ARG H 333 -15.04 47.90 -34.19
#